data_9CF5
#
_entry.id   9CF5
#
_cell.length_a   1.00
_cell.length_b   1.00
_cell.length_c   1.00
_cell.angle_alpha   90.00
_cell.angle_beta   90.00
_cell.angle_gamma   90.00
#
_symmetry.space_group_name_H-M   'P 1'
#
loop_
_entity.id
_entity.type
_entity.pdbx_description
1 polymer 'Envelope glycoprotein gp120'
2 polymer 'Envelope glycoprotein gp41'
3 polymer '17b Fab light chain'
4 polymer '17b Fab heavy chain'
5 branched 2-acetamido-2-deoxy-beta-D-glucopyranose-(1-4)-2-acetamido-2-deoxy-beta-D-glucopyranose
6 branched alpha-D-mannopyranose-(1-2)-alpha-D-mannopyranose-(1-3)-[alpha-D-mannopyranose-(1-6)]beta-D-mannopyranose-(1-4)-2-acetamido-2-deoxy-beta-D-glucopyranose-(1-4)-2-acetamido-2-deoxy-beta-D-glucopyranose
7 branched alpha-D-mannopyranose-(1-2)-alpha-D-mannopyranose-(1-3)-[alpha-D-mannopyranose-(1-3)-alpha-D-mannopyranose-(1-6)]beta-D-mannopyranose-(1-4)-2-acetamido-2-deoxy-beta-D-glucopyranose-(1-4)-2-acetamido-2-deoxy-beta-D-glucopyranose
8 non-polymer 2-acetamido-2-deoxy-beta-D-glucopyranose
9 non-polymer 'propyl (2R,3S)-2-(carbamimidamidomethyl)-3-[2-(4-chloro-3-fluoroanilino)(oxo)acetamido]-6-[(methylamino)methyl]-2,3-dihydro-1H-indole-1-carboxylate'
#
loop_
_entity_poly.entity_id
_entity_poly.type
_entity_poly.pdbx_seq_one_letter_code
_entity_poly.pdbx_strand_id
1 'polypeptide(L)'
;NLWVTVYYGVPVWKDAETTLFCASDAKAYETEKHNVWATHACVPTDPNPQEIHLENVTEEFNMWKNNMVEQMHTDIISLW
DQSLKPCVKLTPLCVTLQCTNVTNNITDDMRGELKNCSFNMTTELRDKKQKVYSLFYRLDVVQINENQGNRSNNSNKEYR
LINCNTSAITQACPKVSFEPIPIHYCAPAGFAILKCKDKKFNGTGPCPSVSTVQCTHGIKPVVSTQLLLNGSLAEEEVMI
RSENITNNAKNILVQFNTPVQINCTRPNNNTRKSIRIGPGQAFYATGDIIGDIRQAHCNVSKATWNETLGKVVKQLRKHF
GNNTIIRFANSSGGDLEVTTHSFNCGGEFFYCNTSGLFNSTWISNTSVQGSNSTGSNDSITLPCRIKQIINMWQRIGQAM
YAPPIQGVIRCVSNITGLILTRDGGSTNSTTETFRPGGGDMRDNWRSELYKYKVVKIEPLGVAPTRCKRRVVGRRRRRR
;
A,C,E
2 'polypeptide(L)'
;AVGIGAVFLGFLGAAGSTMGAASMTLTVQARNLLSGIVQQQSNLLRAPEAQQHLLKLTVWGIKQLQARVLAVERYLRDQQ
LLGIWGCSGKLICCTNVPWNSSWSNRNLSEIWDNMTWLQWDKEISNYTQIIYGLLEESQNQQEKNEQDLLALD
;
B,D,F
3 'polypeptide(L)'
;DIVMTQSPATLSVSPGERATLSCRASESVSSDLAWYQQKPGQAPRLLIYGASTRATGVPARFSGSGSGAEFTLTISSLQS
EDFAVYYCQQYNNWPPRYTFGQGTRLEIKRTVAAPSVFIFPPSDEQLKSGTASVVCLLNNFYPREAKVQWKVDNALQSGN
SQESVTEQDSKDSTYSLSSTLTLSKADYEKHKVYACEVTHQGLSSPVTKSFNRG
;
K,I,G
4 'polypeptide(L)'
;EVQLVESGAEVKKPGSSVKVSCKASGDTFIRYSFTWVRQAPGQGLEWMGRIITILDVAHYAPHLQGRVTITADKSTSTVY
LELRNLRSDDTAVYFCAGVYEGEADEGEYDNNGFLKHWGQGTLVTVSSASTKGPSVFPLAPSSKSTSGGTAALGCLVKDY
FPEPVTVSWNSGALTSGVHTFPAVLQSSGLYSLSSVVTVPSSSLGTQTYICNVNHKPSNTKVDKRVEPKS
;
L,J,H
#
loop_
_chem_comp.id
_chem_comp.type
_chem_comp.name
_chem_comp.formula
BMA D-saccharide, beta linking beta-D-mannopyranose 'C6 H12 O6'
MAN D-saccharide, alpha linking alpha-D-mannopyranose 'C6 H12 O6'
NAG D-saccharide, beta linking 2-acetamido-2-deoxy-beta-D-glucopyranose 'C8 H15 N O6'
Y26 non-polymer 'propyl (2R,3S)-2-(carbamimidamidomethyl)-3-[2-(4-chloro-3-fluoroanilino)(oxo)acetamido]-6-[(methylamino)methyl]-2,3-dihydro-1H-indole-1-carboxylate' 'C24 H29 Cl F N7 O4'
#
# COMPACT_ATOMS: atom_id res chain seq x y z
N ASN A 1 -5.69 17.98 64.05
CA ASN A 1 -5.57 19.31 63.47
C ASN A 1 -5.17 19.23 62.00
N LEU A 2 -4.14 18.45 61.72
CA LEU A 2 -3.61 18.32 60.37
C LEU A 2 -4.26 17.11 59.68
N TRP A 3 -4.84 17.36 58.51
CA TRP A 3 -5.42 16.30 57.69
C TRP A 3 -4.57 16.11 56.44
N VAL A 4 -4.74 14.95 55.80
CA VAL A 4 -4.00 14.62 54.60
C VAL A 4 -4.78 15.08 53.38
N THR A 5 -4.06 15.70 52.44
CA THR A 5 -4.63 16.18 51.20
C THR A 5 -3.86 15.57 50.04
N VAL A 6 -4.57 15.22 48.98
CA VAL A 6 -3.97 14.73 47.76
C VAL A 6 -4.11 15.79 46.67
N TYR A 7 -3.00 16.11 46.03
CA TYR A 7 -2.94 17.06 44.93
C TYR A 7 -2.62 16.30 43.66
N TYR A 8 -3.48 16.48 42.65
CA TYR A 8 -3.26 15.93 41.33
C TYR A 8 -2.61 17.00 40.46
N GLY A 9 -1.58 16.60 39.71
CA GLY A 9 -0.84 17.55 38.93
C GLY A 9 0.26 18.25 39.68
N VAL A 10 0.58 17.78 40.89
CA VAL A 10 1.70 18.36 41.62
C VAL A 10 3.00 18.12 40.85
N PRO A 11 3.85 19.11 40.68
CA PRO A 11 5.07 18.93 39.87
C PRO A 11 6.16 18.13 40.57
N VAL A 12 6.04 16.80 40.48
CA VAL A 12 7.02 15.88 41.05
C VAL A 12 7.52 14.97 39.95
N TRP A 13 8.84 14.87 39.82
CA TRP A 13 9.47 13.93 38.89
C TRP A 13 10.46 13.05 39.65
N LYS A 14 10.45 11.76 39.33
CA LYS A 14 11.34 10.79 39.96
C LYS A 14 12.29 10.24 38.90
N ASP A 15 13.58 10.21 39.22
CA ASP A 15 14.56 9.72 38.27
C ASP A 15 14.31 8.24 37.99
N ALA A 16 14.01 7.92 36.74
CA ALA A 16 13.65 6.57 36.35
C ALA A 16 14.24 6.28 34.98
N GLU A 17 13.84 5.15 34.39
CA GLU A 17 14.33 4.76 33.08
C GLU A 17 13.23 4.00 32.37
N THR A 18 13.21 4.07 31.05
CA THR A 18 12.14 3.48 30.25
C THR A 18 12.75 2.84 28.99
N THR A 19 11.90 2.56 28.02
CA THR A 19 12.32 2.07 26.71
C THR A 19 11.95 3.10 25.65
N LEU A 20 12.26 4.37 25.93
CA LEU A 20 11.84 5.49 25.08
C LEU A 20 12.13 5.21 23.60
N PHE A 21 11.32 5.79 22.73
CA PHE A 21 11.26 5.39 21.33
C PHE A 21 11.78 6.47 20.41
N CYS A 22 12.22 6.05 19.24
CA CYS A 22 12.80 6.96 18.26
C CYS A 22 11.70 7.78 17.58
N ALA A 23 12.14 8.85 16.91
CA ALA A 23 11.28 9.69 16.10
C ALA A 23 12.15 10.49 15.16
N SER A 24 11.86 10.42 13.87
CA SER A 24 12.76 10.98 12.87
C SER A 24 11.96 11.53 11.71
N ASP A 25 12.68 11.91 10.64
CA ASP A 25 12.08 12.37 9.40
C ASP A 25 12.62 11.46 8.29
N ALA A 26 11.96 10.33 8.07
CA ALA A 26 12.33 9.39 7.04
C ALA A 26 11.45 9.62 5.83
N LYS A 27 12.08 9.86 4.67
CA LYS A 27 11.31 10.21 3.49
C LYS A 27 10.46 9.05 2.99
N ALA A 28 10.84 7.82 3.32
CA ALA A 28 10.14 6.57 3.00
C ALA A 28 10.18 6.23 1.51
N TYR A 29 10.88 7.00 0.68
CA TYR A 29 11.04 6.67 -0.73
C TYR A 29 12.52 6.58 -1.12
N GLU A 30 13.38 6.25 -0.16
CA GLU A 30 14.80 6.08 -0.41
C GLU A 30 15.22 4.66 -0.07
N THR A 31 16.14 4.12 -0.88
CA THR A 31 16.77 2.85 -0.58
C THR A 31 17.94 3.00 0.38
N GLU A 32 18.27 4.23 0.76
CA GLU A 32 19.29 4.46 1.78
C GLU A 32 18.88 3.77 3.07
N LYS A 33 19.83 3.06 3.69
CA LYS A 33 19.48 2.13 4.74
C LYS A 33 19.00 2.85 6.01
N HIS A 34 19.61 3.98 6.35
CA HIS A 34 19.12 4.76 7.48
C HIS A 34 17.67 5.17 7.29
N ASN A 35 17.33 5.65 6.09
CA ASN A 35 15.95 6.06 5.83
C ASN A 35 15.00 4.87 5.85
N VAL A 36 15.41 3.75 5.24
CA VAL A 36 14.52 2.60 5.17
C VAL A 36 14.36 1.93 6.53
N TRP A 37 15.28 2.16 7.46
CA TRP A 37 15.11 1.68 8.83
C TRP A 37 14.31 2.66 9.67
N ALA A 38 14.53 3.96 9.48
CA ALA A 38 13.78 4.95 10.24
C ALA A 38 12.31 4.93 9.89
N THR A 39 11.99 4.79 8.60
CA THR A 39 10.60 4.79 8.18
C THR A 39 9.84 3.59 8.72
N HIS A 40 10.54 2.56 9.18
CA HIS A 40 9.90 1.37 9.74
C HIS A 40 9.89 1.35 11.26
N ALA A 41 10.93 1.89 11.90
CA ALA A 41 11.02 1.81 13.36
C ALA A 41 11.00 3.17 14.04
N CYS A 42 10.48 4.21 13.37
CA CYS A 42 10.50 5.55 13.93
C CYS A 42 9.27 6.32 13.49
N VAL A 43 8.56 6.88 14.46
CA VAL A 43 7.43 7.77 14.23
C VAL A 43 7.95 9.08 13.63
N PRO A 44 7.22 9.72 12.71
CA PRO A 44 7.67 11.00 12.19
C PRO A 44 7.68 12.08 13.26
N THR A 45 8.62 13.02 13.10
CA THR A 45 8.80 14.07 14.09
C THR A 45 7.61 15.03 14.09
N ASP A 46 7.29 15.53 15.27
CA ASP A 46 6.25 16.54 15.39
C ASP A 46 6.71 17.85 14.77
N PRO A 47 5.79 18.69 14.29
CA PRO A 47 6.17 19.95 13.67
C PRO A 47 6.59 21.04 14.64
N ASN A 48 6.54 20.79 15.95
CA ASN A 48 6.92 21.80 16.94
C ASN A 48 7.36 21.09 18.22
N PRO A 49 8.65 20.79 18.35
CA PRO A 49 9.13 20.12 19.56
C PRO A 49 8.88 20.94 20.82
N GLN A 50 8.01 20.43 21.70
CA GLN A 50 7.66 21.15 22.90
C GLN A 50 8.84 21.25 23.85
N GLU A 51 8.97 22.41 24.50
CA GLU A 51 10.01 22.63 25.49
C GLU A 51 9.48 23.60 26.52
N ILE A 52 9.81 23.38 27.79
CA ILE A 52 9.38 24.24 28.89
C ILE A 52 10.54 24.38 29.86
N HIS A 53 11.13 25.57 29.93
CA HIS A 53 12.26 25.77 30.82
C HIS A 53 11.80 25.85 32.27
N LEU A 54 12.57 25.26 33.16
CA LEU A 54 12.27 25.25 34.59
C LEU A 54 13.11 26.30 35.30
N GLU A 55 12.46 27.07 36.16
CA GLU A 55 13.08 28.22 36.81
C GLU A 55 13.35 27.95 38.28
N ASN A 56 14.53 28.37 38.74
CA ASN A 56 14.92 28.32 40.14
C ASN A 56 14.97 26.89 40.69
N VAL A 57 15.04 25.89 39.80
CA VAL A 57 15.14 24.50 40.21
C VAL A 57 16.30 23.86 39.46
N THR A 58 17.15 23.14 40.19
CA THR A 58 18.32 22.48 39.62
C THR A 58 18.32 21.03 40.04
N GLU A 59 18.44 20.12 39.07
CA GLU A 59 18.42 18.69 39.30
C GLU A 59 19.80 18.11 38.98
N GLU A 60 20.20 17.10 39.76
CA GLU A 60 21.48 16.46 39.54
C GLU A 60 21.45 15.66 38.24
N PHE A 61 22.45 15.89 37.40
CA PHE A 61 22.59 15.20 36.13
C PHE A 61 23.70 14.16 36.23
N ASN A 62 23.83 13.35 35.18
CA ASN A 62 24.89 12.35 35.11
C ASN A 62 25.15 12.02 33.65
N MET A 63 26.40 12.17 33.23
CA MET A 63 26.81 11.85 31.87
C MET A 63 27.35 10.44 31.74
N TRP A 64 27.45 9.69 32.84
CA TRP A 64 28.07 8.37 32.84
C TRP A 64 27.10 7.28 33.25
N LYS A 65 26.39 7.45 34.35
CA LYS A 65 25.37 6.48 34.76
C LYS A 65 23.99 6.87 34.24
N ASN A 66 23.91 7.12 32.93
CA ASN A 66 22.66 7.49 32.27
C ASN A 66 22.51 6.60 31.05
N ASN A 67 21.72 5.54 31.17
CA ASN A 67 21.68 4.47 30.18
C ASN A 67 20.85 4.81 28.94
N MET A 68 20.49 6.07 28.74
CA MET A 68 19.93 6.44 27.44
C MET A 68 20.95 6.19 26.33
N VAL A 69 22.24 6.33 26.66
CA VAL A 69 23.28 5.91 25.73
C VAL A 69 23.17 4.41 25.47
N GLU A 70 22.81 3.63 26.49
CA GLU A 70 22.63 2.20 26.29
C GLU A 70 21.47 1.93 25.34
N GLN A 71 20.36 2.65 25.50
CA GLN A 71 19.24 2.50 24.57
C GLN A 71 19.66 2.84 23.15
N MET A 72 20.40 3.93 22.98
CA MET A 72 20.85 4.33 21.65
C MET A 72 21.79 3.27 21.06
N HIS A 73 22.69 2.74 21.87
CA HIS A 73 23.62 1.72 21.38
C HIS A 73 22.88 0.46 20.96
N THR A 74 21.95 -0.01 21.80
CA THR A 74 21.23 -1.23 21.47
C THR A 74 20.31 -1.04 20.28
N ASP A 75 19.84 0.18 20.04
CA ASP A 75 19.07 0.42 18.82
C ASP A 75 19.97 0.50 17.58
N ILE A 76 21.17 1.07 17.72
CA ILE A 76 22.03 1.24 16.56
C ILE A 76 22.62 -0.11 16.12
N ILE A 77 22.89 -1.02 17.06
CA ILE A 77 23.34 -2.35 16.62
C ILE A 77 22.25 -3.04 15.81
N SER A 78 20.99 -2.88 16.22
CA SER A 78 19.89 -3.46 15.46
C SER A 78 19.74 -2.78 14.10
N LEU A 79 20.01 -1.48 14.03
CA LEU A 79 20.02 -0.79 12.75
C LEU A 79 21.10 -1.36 11.83
N TRP A 80 22.33 -1.45 12.34
CA TRP A 80 23.45 -1.84 11.50
C TRP A 80 23.36 -3.27 11.05
N ASP A 81 22.80 -4.16 11.88
CA ASP A 81 22.64 -5.55 11.46
C ASP A 81 21.80 -5.65 10.20
N GLN A 82 20.71 -4.89 10.12
CA GLN A 82 19.90 -4.87 8.92
C GLN A 82 20.56 -4.05 7.80
N SER A 83 21.29 -3.00 8.17
CA SER A 83 21.82 -2.08 7.16
C SER A 83 22.96 -2.71 6.38
N LEU A 84 24.04 -3.06 7.06
CA LEU A 84 25.21 -3.67 6.43
C LEU A 84 25.27 -5.13 6.85
N LYS A 85 24.68 -5.99 6.04
CA LYS A 85 24.86 -7.42 6.27
C LYS A 85 26.17 -7.83 5.62
N PRO A 86 27.16 -8.23 6.40
CA PRO A 86 28.45 -8.61 5.82
C PRO A 86 28.33 -9.91 5.05
N CYS A 87 29.31 -10.13 4.16
CA CYS A 87 29.35 -11.39 3.43
C CYS A 87 29.46 -12.57 4.39
N VAL A 88 30.42 -12.51 5.30
CA VAL A 88 30.58 -13.51 6.36
C VAL A 88 30.89 -12.81 7.66
N LYS A 89 30.66 -13.51 8.77
CA LYS A 89 30.91 -12.99 10.10
C LYS A 89 31.43 -14.11 11.00
N LEU A 90 32.23 -13.72 12.01
CA LEU A 90 32.88 -14.74 12.88
C LEU A 90 32.49 -14.53 14.36
N THR A 91 31.23 -14.28 14.65
CA THR A 91 30.78 -14.12 16.03
C THR A 91 31.13 -15.37 16.83
N PRO A 92 31.91 -15.26 17.90
CA PRO A 92 32.31 -16.44 18.67
C PRO A 92 31.34 -16.73 19.81
N LEU A 93 31.46 -17.95 20.32
CA LEU A 93 30.67 -18.38 21.47
C LEU A 93 31.48 -19.37 22.29
N CYS A 94 31.08 -19.53 23.55
CA CYS A 94 31.73 -20.48 24.45
C CYS A 94 30.78 -20.95 25.54
N ASN A 163 36.73 -25.37 24.22
CA ASN A 163 35.29 -25.52 24.41
C ASN A 163 34.51 -24.42 23.71
N CYS A 164 35.23 -23.37 23.32
CA CYS A 164 34.62 -22.22 22.64
C CYS A 164 34.75 -22.41 21.14
N ASN A 165 33.62 -22.60 20.47
CA ASN A 165 33.56 -22.79 19.03
C ASN A 165 33.20 -21.47 18.37
N THR A 166 34.09 -20.98 17.51
CA THR A 166 33.87 -19.73 16.80
C THR A 166 32.99 -19.98 15.58
N SER A 167 31.86 -19.28 15.50
CA SER A 167 30.94 -19.46 14.40
C SER A 167 31.43 -18.72 13.16
N ALA A 168 30.71 -18.92 12.06
CA ALA A 168 30.99 -18.22 10.81
C ALA A 168 29.71 -18.27 9.97
N ILE A 169 29.08 -17.12 9.77
CA ILE A 169 27.81 -17.03 9.07
C ILE A 169 28.05 -16.33 7.74
N THR A 170 27.63 -16.97 6.65
CA THR A 170 27.87 -16.47 5.29
C THR A 170 26.55 -16.20 4.59
N GLN A 171 26.49 -15.08 3.88
CA GLN A 171 25.31 -14.72 3.10
C GLN A 171 25.71 -13.64 2.10
N ALA A 172 24.75 -13.25 1.26
CA ALA A 172 25.00 -12.24 0.24
C ALA A 172 25.23 -10.88 0.88
N CYS A 173 26.13 -10.10 0.29
CA CYS A 173 26.51 -8.79 0.79
C CYS A 173 26.39 -7.76 -0.34
N PRO A 174 25.18 -7.28 -0.61
CA PRO A 174 25.01 -6.28 -1.67
C PRO A 174 25.60 -4.94 -1.26
N LYS A 175 25.48 -3.94 -2.14
CA LYS A 175 25.97 -2.60 -1.83
C LYS A 175 24.82 -1.75 -1.31
N VAL A 176 25.11 -0.98 -0.26
CA VAL A 176 24.11 -0.22 0.47
C VAL A 176 24.53 1.24 0.48
N SER A 177 23.59 2.13 0.16
CA SER A 177 23.84 3.56 0.26
C SER A 177 23.78 3.98 1.72
N PHE A 178 24.87 4.55 2.22
CA PHE A 178 24.98 4.94 3.62
C PHE A 178 25.00 6.46 3.74
N GLU A 179 24.10 6.99 4.56
CA GLU A 179 24.15 8.39 4.96
C GLU A 179 23.39 8.58 6.26
N PRO A 180 24.04 9.04 7.32
CA PRO A 180 23.33 9.26 8.58
C PRO A 180 22.34 10.41 8.49
N ILE A 181 21.25 10.28 9.23
CA ILE A 181 20.22 11.30 9.31
C ILE A 181 20.00 11.63 10.79
N PRO A 182 19.60 12.85 11.13
CA PRO A 182 19.32 13.16 12.53
C PRO A 182 18.16 12.32 13.05
N ILE A 183 18.33 11.79 14.27
CA ILE A 183 17.36 10.91 14.90
C ILE A 183 17.06 11.43 16.29
N HIS A 184 15.79 11.67 16.58
CA HIS A 184 15.37 12.10 17.90
C HIS A 184 15.04 10.89 18.75
N TYR A 185 15.51 10.89 20.00
CA TYR A 185 15.20 9.82 20.93
C TYR A 185 14.17 10.36 21.92
N CYS A 186 12.89 10.17 21.59
CA CYS A 186 11.81 10.80 22.31
C CYS A 186 11.23 9.88 23.38
N ALA A 187 10.98 10.46 24.55
CA ALA A 187 10.45 9.72 25.68
C ALA A 187 8.97 9.39 25.48
N PRO A 188 8.48 8.33 26.10
CA PRO A 188 7.08 7.94 25.94
C PRO A 188 6.17 8.88 26.73
N ALA A 189 4.88 8.55 26.68
CA ALA A 189 3.88 9.39 27.36
C ALA A 189 3.97 9.21 28.87
N GLY A 190 3.95 10.33 29.59
CA GLY A 190 4.02 10.35 31.02
C GLY A 190 5.39 10.65 31.58
N PHE A 191 6.44 10.57 30.76
CA PHE A 191 7.80 10.87 31.18
C PHE A 191 8.27 12.16 30.52
N ALA A 192 9.38 12.69 31.02
CA ALA A 192 9.93 13.92 30.46
C ALA A 192 11.44 13.82 30.39
N ILE A 193 12.01 14.32 29.30
CA ILE A 193 13.45 14.35 29.10
C ILE A 193 13.97 15.71 29.52
N LEU A 194 14.82 15.75 30.54
CA LEU A 194 15.37 17.00 31.02
C LEU A 194 16.52 17.44 30.12
N LYS A 195 17.10 18.59 30.44
CA LYS A 195 18.13 19.20 29.62
C LYS A 195 19.00 20.07 30.50
N CYS A 196 20.17 20.45 29.98
CA CYS A 196 21.10 21.34 30.68
C CYS A 196 21.44 22.50 29.74
N LYS A 197 20.65 23.57 29.83
CA LYS A 197 20.91 24.74 29.00
C LYS A 197 22.15 25.50 29.43
N ASP A 198 22.73 25.18 30.59
CA ASP A 198 23.97 25.81 31.01
C ASP A 198 25.10 25.46 30.05
N LYS A 199 25.88 26.47 29.69
CA LYS A 199 26.94 26.31 28.69
C LYS A 199 28.27 25.87 29.29
N LYS A 200 28.40 25.83 30.61
CA LYS A 200 29.63 25.47 31.27
C LYS A 200 29.42 24.21 32.12
N PHE A 201 28.58 23.31 31.62
CA PHE A 201 28.31 22.07 32.31
C PHE A 201 29.50 21.13 32.20
N ASN A 202 29.97 20.64 33.34
CA ASN A 202 31.06 19.68 33.38
C ASN A 202 30.51 18.29 33.08
N GLY A 203 31.32 17.26 33.31
CA GLY A 203 30.85 15.90 33.06
C GLY A 203 29.65 15.54 33.92
N THR A 204 29.74 15.79 35.22
CA THR A 204 28.65 15.49 36.13
C THR A 204 28.55 16.59 37.17
N GLY A 205 27.32 17.00 37.47
CA GLY A 205 27.08 18.03 38.44
C GLY A 205 25.73 18.69 38.25
N PRO A 206 25.17 19.22 39.33
CA PRO A 206 23.88 19.91 39.23
C PRO A 206 23.91 21.03 38.21
N CYS A 207 22.93 21.03 37.32
CA CYS A 207 22.89 21.99 36.22
C CYS A 207 22.05 23.20 36.62
N PRO A 208 22.62 24.41 36.65
CA PRO A 208 21.83 25.57 37.09
C PRO A 208 20.62 25.86 36.24
N SER A 209 20.67 25.58 34.94
CA SER A 209 19.58 25.89 34.02
C SER A 209 19.14 24.61 33.32
N VAL A 210 17.99 24.07 33.73
CA VAL A 210 17.43 22.88 33.11
C VAL A 210 16.19 23.29 32.32
N SER A 211 15.71 22.36 31.49
CA SER A 211 14.51 22.60 30.69
C SER A 211 13.91 21.26 30.31
N THR A 212 12.63 21.07 30.64
CA THR A 212 11.93 19.84 30.30
C THR A 212 11.57 19.87 28.82
N VAL A 213 12.14 18.95 28.06
CA VAL A 213 11.86 18.83 26.63
C VAL A 213 10.93 17.65 26.43
N GLN A 214 9.91 17.84 25.60
CA GLN A 214 9.09 16.69 25.19
C GLN A 214 9.98 15.59 24.63
N CYS A 215 10.89 15.94 23.73
CA CYS A 215 11.85 14.97 23.26
C CYS A 215 13.02 15.66 22.60
N THR A 216 14.18 14.99 22.59
CA THR A 216 15.46 15.60 22.27
C THR A 216 15.55 16.10 20.83
N HIS A 217 16.68 16.72 20.50
CA HIS A 217 16.90 17.32 19.20
C HIS A 217 17.39 16.28 18.21
N GLY A 218 17.83 16.72 17.03
CA GLY A 218 18.21 15.83 15.97
C GLY A 218 19.57 15.18 16.14
N ILE A 219 19.67 14.24 17.07
CA ILE A 219 20.92 13.51 17.28
C ILE A 219 21.17 12.61 16.07
N LYS A 220 22.36 12.74 15.49
CA LYS A 220 22.69 11.97 14.30
C LYS A 220 23.50 10.75 14.70
N PRO A 221 23.00 9.53 14.46
CA PRO A 221 23.74 8.34 14.88
C PRO A 221 25.00 8.10 14.05
N VAL A 222 25.95 9.02 14.12
CA VAL A 222 27.20 8.89 13.39
C VAL A 222 28.09 7.89 14.13
N VAL A 223 29.03 7.31 13.38
CA VAL A 223 29.96 6.33 13.92
C VAL A 223 31.37 6.69 13.46
N SER A 224 32.31 6.75 14.41
CA SER A 224 33.71 7.01 14.10
C SER A 224 34.53 6.76 15.36
N THR A 225 35.72 6.19 15.17
CA THR A 225 36.70 6.07 16.23
C THR A 225 37.96 6.83 15.86
N GLN A 226 38.62 7.38 16.87
CA GLN A 226 39.75 8.31 16.83
C GLN A 226 39.29 9.72 16.46
N LEU A 227 38.02 9.91 16.10
CA LEU A 227 37.49 11.21 15.72
C LEU A 227 35.99 11.19 15.93
N LEU A 228 35.40 12.37 15.97
CA LEU A 228 33.95 12.53 16.02
C LEU A 228 33.54 13.44 14.87
N LEU A 229 32.64 12.95 14.03
CA LEU A 229 32.28 13.63 12.79
C LEU A 229 30.79 13.90 12.76
N ASN A 230 30.42 15.05 12.20
CA ASN A 230 29.03 15.42 11.96
C ASN A 230 28.22 15.54 13.25
N GLY A 231 28.89 15.45 14.39
CA GLY A 231 28.21 15.59 15.65
C GLY A 231 27.89 17.04 15.98
N SER A 232 27.14 17.22 17.05
CA SER A 232 26.85 18.55 17.54
C SER A 232 28.12 19.19 18.09
N LEU A 233 28.24 20.49 17.85
CA LEU A 233 29.42 21.26 18.25
C LEU A 233 29.08 22.15 19.44
N ALA A 234 30.09 22.42 20.26
CA ALA A 234 29.90 23.18 21.48
C ALA A 234 29.44 24.60 21.17
N GLU A 235 28.84 25.23 22.18
CA GLU A 235 28.16 26.51 21.96
C GLU A 235 29.14 27.66 21.84
N GLU A 236 29.99 27.86 22.85
CA GLU A 236 30.87 29.03 22.91
C GLU A 236 32.34 28.66 22.97
N GLU A 237 32.72 27.72 23.82
CA GLU A 237 34.11 27.33 23.99
C GLU A 237 34.23 25.82 24.01
N VAL A 238 35.45 25.34 23.72
CA VAL A 238 35.72 23.91 23.82
C VAL A 238 35.52 23.45 25.25
N MET A 239 34.88 22.29 25.40
CA MET A 239 34.68 21.70 26.71
C MET A 239 35.37 20.35 26.79
N ILE A 240 36.02 20.10 27.93
CA ILE A 240 36.71 18.85 28.19
C ILE A 240 35.94 18.13 29.30
N ARG A 241 35.58 16.89 29.05
CA ARG A 241 34.76 16.12 29.98
C ARG A 241 35.37 14.74 30.19
N SER A 242 35.14 14.20 31.38
CA SER A 242 35.68 12.88 31.73
C SER A 242 35.10 12.45 33.06
N GLU A 243 34.99 11.14 33.25
CA GLU A 243 34.53 10.61 34.52
C GLU A 243 35.50 10.94 35.65
N ASN A 244 36.79 10.82 35.38
CA ASN A 244 37.82 11.05 36.39
C ASN A 244 39.10 11.46 35.66
N ILE A 245 39.38 12.76 35.64
CA ILE A 245 40.60 13.23 35.00
C ILE A 245 41.82 12.69 35.71
N THR A 246 41.75 12.53 37.03
CA THR A 246 42.85 11.98 37.81
C THR A 246 43.00 10.47 37.65
N ASN A 247 42.19 9.83 36.81
CA ASN A 247 42.26 8.40 36.57
C ASN A 247 42.56 8.13 35.10
N ASN A 248 43.39 7.11 34.86
CA ASN A 248 43.81 6.76 33.50
C ASN A 248 42.94 5.69 32.86
N ALA A 249 41.92 5.20 33.56
CA ALA A 249 41.05 4.16 33.04
C ALA A 249 39.80 4.72 32.35
N LYS A 250 39.68 6.04 32.24
CA LYS A 250 38.52 6.67 31.63
C LYS A 250 38.97 7.59 30.51
N ASN A 251 38.28 7.51 29.37
CA ASN A 251 38.64 8.31 28.21
C ASN A 251 38.30 9.78 28.44
N ILE A 252 38.88 10.63 27.60
CA ILE A 252 38.70 12.07 27.66
C ILE A 252 37.89 12.48 26.45
N LEU A 253 36.86 13.30 26.65
CA LEU A 253 36.07 13.84 25.56
C LEU A 253 36.38 15.32 25.41
N VAL A 254 36.61 15.77 24.18
CA VAL A 254 36.84 17.18 23.91
C VAL A 254 35.90 17.63 22.80
N GLN A 255 35.14 18.69 23.06
CA GLN A 255 34.16 19.19 22.10
C GLN A 255 34.49 20.63 21.74
N PHE A 256 34.47 20.94 20.44
CA PHE A 256 34.85 22.24 19.94
C PHE A 256 33.63 23.11 19.67
N ASN A 257 33.83 24.41 19.80
CA ASN A 257 32.85 25.41 19.41
C ASN A 257 32.99 25.82 17.95
N THR A 258 33.98 25.28 17.24
CA THR A 258 34.22 25.61 15.84
C THR A 258 34.26 24.34 15.02
N PRO A 259 33.48 24.26 13.95
CA PRO A 259 33.45 23.03 13.14
C PRO A 259 34.62 22.92 12.19
N VAL A 260 35.75 22.40 12.67
CA VAL A 260 36.92 22.27 11.81
C VAL A 260 36.62 21.33 10.65
N GLN A 261 36.81 21.84 9.43
CA GLN A 261 36.41 21.10 8.24
C GLN A 261 37.37 19.95 7.95
N ILE A 262 36.82 18.90 7.34
CA ILE A 262 37.59 17.75 6.90
C ILE A 262 36.89 17.19 5.66
N ASN A 263 37.67 16.65 4.73
CA ASN A 263 37.03 16.00 3.58
C ASN A 263 37.95 14.94 3.02
N CYS A 264 37.51 13.69 3.05
CA CYS A 264 38.22 12.57 2.45
C CYS A 264 37.69 12.33 1.05
N THR A 265 38.60 12.28 0.08
CA THR A 265 38.25 12.08 -1.32
C THR A 265 39.02 10.88 -1.87
N ARG A 266 38.29 9.99 -2.54
CA ARG A 266 38.88 8.90 -3.30
C ARG A 266 38.74 9.23 -4.78
N PRO A 267 39.84 9.44 -5.49
CA PRO A 267 39.75 9.88 -6.89
C PRO A 267 39.21 8.77 -7.78
N ASN A 268 38.73 9.18 -8.96
CA ASN A 268 38.21 8.24 -9.95
C ASN A 268 39.35 7.64 -10.76
N ASN A 269 40.34 7.08 -10.07
CA ASN A 269 41.49 6.45 -10.73
C ASN A 269 41.82 5.12 -10.06
N ASP A 292 48.35 3.24 -7.60
CA ASP A 292 47.41 3.54 -6.52
C ASP A 292 45.96 3.48 -7.02
N ILE A 293 45.51 2.27 -7.38
CA ILE A 293 44.17 2.10 -7.89
C ILE A 293 43.12 2.27 -6.79
N ARG A 294 43.52 2.14 -5.52
CA ARG A 294 42.59 2.31 -4.40
C ARG A 294 43.37 2.99 -3.27
N GLN A 295 43.28 4.31 -3.20
CA GLN A 295 43.95 5.08 -2.17
C GLN A 295 43.28 6.44 -2.08
N ALA A 296 42.77 6.77 -0.90
CA ALA A 296 42.05 8.02 -0.68
C ALA A 296 42.92 8.99 0.10
N HIS A 297 42.69 10.28 -0.12
CA HIS A 297 43.40 11.33 0.61
C HIS A 297 42.38 12.19 1.32
N CYS A 298 42.60 12.44 2.60
CA CYS A 298 41.70 13.26 3.39
C CYS A 298 42.40 14.56 3.76
N ASN A 299 41.76 15.69 3.43
CA ASN A 299 42.33 17.01 3.61
C ASN A 299 41.68 17.70 4.80
N VAL A 300 42.52 18.38 5.58
CA VAL A 300 42.09 19.23 6.69
C VAL A 300 42.77 20.58 6.56
N SER A 301 42.14 21.60 7.12
CA SER A 301 42.65 22.97 7.04
C SER A 301 43.67 23.20 8.15
N LYS A 302 44.90 23.55 7.77
CA LYS A 302 45.97 23.68 8.74
C LYS A 302 45.80 24.90 9.63
N ALA A 303 45.42 26.04 9.04
CA ALA A 303 45.29 27.27 9.82
C ALA A 303 44.17 27.16 10.84
N THR A 304 42.99 26.69 10.41
CA THR A 304 41.88 26.52 11.34
C THR A 304 42.22 25.46 12.40
N TRP A 305 42.93 24.41 12.01
CA TRP A 305 43.35 23.40 12.97
C TRP A 305 44.24 24.02 14.04
N ASN A 306 45.23 24.79 13.64
CA ASN A 306 46.09 25.45 14.62
C ASN A 306 45.30 26.40 15.50
N GLU A 307 44.35 27.13 14.90
CA GLU A 307 43.56 28.10 15.66
C GLU A 307 42.74 27.40 16.74
N THR A 308 42.13 26.26 16.40
CA THR A 308 41.29 25.57 17.39
C THR A 308 42.13 24.85 18.44
N LEU A 309 43.26 24.26 18.04
CA LEU A 309 44.17 23.68 19.03
C LEU A 309 44.73 24.75 19.96
N GLY A 310 44.90 25.98 19.48
CA GLY A 310 45.35 27.05 20.34
C GLY A 310 44.45 27.29 21.54
N LYS A 311 43.16 26.98 21.43
CA LYS A 311 42.26 27.13 22.56
C LYS A 311 42.03 25.80 23.30
N VAL A 312 42.09 24.67 22.60
CA VAL A 312 41.94 23.41 23.33
C VAL A 312 43.12 23.21 24.28
N VAL A 313 44.32 23.66 23.89
CA VAL A 313 45.48 23.50 24.76
C VAL A 313 45.34 24.37 26.01
N LYS A 314 44.80 25.59 25.87
CA LYS A 314 44.62 26.42 27.05
C LYS A 314 43.51 25.89 27.94
N GLN A 315 42.46 25.30 27.35
CA GLN A 315 41.44 24.65 28.17
C GLN A 315 42.01 23.47 28.93
N LEU A 316 42.90 22.70 28.28
CA LEU A 316 43.57 21.61 28.97
C LEU A 316 44.46 22.14 30.10
N ARG A 317 45.18 23.24 29.84
CA ARG A 317 46.00 23.86 30.88
C ARG A 317 45.15 24.32 32.05
N LYS A 318 43.91 24.76 31.78
CA LYS A 318 43.00 25.14 32.85
C LYS A 318 42.82 24.00 33.86
N HIS A 319 42.81 22.76 33.37
CA HIS A 319 42.64 21.61 34.24
C HIS A 319 43.97 21.07 34.77
N PHE A 320 45.06 21.22 34.04
CA PHE A 320 46.33 20.60 34.39
C PHE A 320 47.43 21.62 34.69
N GLY A 321 47.07 22.81 35.17
CA GLY A 321 48.06 23.78 35.55
C GLY A 321 48.68 24.52 34.39
N ASN A 322 48.99 25.80 34.59
CA ASN A 322 49.58 26.64 33.54
C ASN A 322 51.10 26.68 33.60
N ASN A 323 51.72 26.00 34.56
CA ASN A 323 53.17 26.03 34.71
C ASN A 323 53.88 24.89 33.99
N THR A 324 53.13 23.99 33.34
CA THR A 324 53.70 22.86 32.64
C THR A 324 53.31 22.91 31.16
N ILE A 325 54.17 22.37 30.32
CA ILE A 325 53.95 22.30 28.88
C ILE A 325 53.43 20.91 28.53
N ILE A 326 52.45 20.87 27.62
CA ILE A 326 51.84 19.63 27.19
C ILE A 326 51.92 19.55 25.68
N ARG A 327 52.39 18.42 25.17
CA ARG A 327 52.51 18.19 23.74
C ARG A 327 51.69 16.98 23.36
N PHE A 328 50.84 17.13 22.35
CA PHE A 328 50.00 16.02 21.91
C PHE A 328 50.87 14.93 21.30
N ALA A 329 50.46 13.69 21.51
CA ALA A 329 51.26 12.53 21.15
C ALA A 329 50.53 11.67 20.13
N ASN A 330 51.32 10.93 19.35
CA ASN A 330 50.79 9.97 18.40
C ASN A 330 50.17 8.79 19.14
N SER A 331 49.39 8.00 18.41
CA SER A 331 48.75 6.82 19.00
C SER A 331 49.80 5.88 19.54
N SER A 332 49.54 5.33 20.74
CA SER A 332 50.50 4.49 21.43
C SER A 332 50.38 3.03 21.00
N GLY A 333 49.22 2.43 21.20
CA GLY A 333 49.05 1.03 20.88
C GLY A 333 47.62 0.66 20.50
N GLY A 334 47.25 -0.59 20.74
CA GLY A 334 45.94 -1.08 20.38
C GLY A 334 45.88 -1.66 18.98
N ASP A 335 44.71 -2.18 18.64
CA ASP A 335 44.51 -2.78 17.33
C ASP A 335 44.43 -1.70 16.26
N LEU A 336 44.32 -2.15 15.00
CA LEU A 336 44.33 -1.23 13.86
C LEU A 336 43.09 -0.34 13.82
N GLU A 337 42.03 -0.67 14.56
CA GLU A 337 40.85 0.19 14.59
C GLU A 337 41.07 1.42 15.46
N VAL A 338 41.75 1.25 16.60
CA VAL A 338 41.99 2.37 17.50
C VAL A 338 43.32 3.07 17.23
N THR A 339 44.26 2.41 16.54
CA THR A 339 45.53 3.04 16.24
C THR A 339 45.40 4.08 15.11
N THR A 340 44.45 3.87 14.21
CA THR A 340 44.23 4.78 13.10
C THR A 340 42.81 5.34 13.17
N HIS A 341 42.62 6.48 12.51
CA HIS A 341 41.30 7.11 12.48
C HIS A 341 40.38 6.36 11.54
N SER A 342 39.18 6.04 12.02
CA SER A 342 38.29 5.15 11.27
C SER A 342 36.87 5.68 11.28
N PHE A 343 36.23 5.65 10.12
CA PHE A 343 34.78 5.87 10.04
C PHE A 343 34.24 5.15 8.81
N ASN A 344 32.95 5.33 8.57
CA ASN A 344 32.29 4.75 7.41
C ASN A 344 31.61 5.85 6.60
N CYS A 345 31.75 5.76 5.28
CA CYS A 345 31.16 6.73 4.38
C CYS A 345 30.81 6.05 3.07
N GLY A 346 29.68 6.43 2.49
CA GLY A 346 29.28 5.89 1.21
C GLY A 346 29.10 4.40 1.18
N GLY A 347 28.91 3.76 2.34
CA GLY A 347 28.81 2.33 2.44
C GLY A 347 30.12 1.61 2.66
N GLU A 348 31.24 2.27 2.41
CA GLU A 348 32.56 1.68 2.60
C GLU A 348 33.19 2.25 3.86
N PHE A 349 34.41 1.79 4.17
CA PHE A 349 35.10 2.13 5.40
C PHE A 349 36.38 2.88 5.08
N PHE A 350 36.60 3.99 5.78
CA PHE A 350 37.81 4.79 5.66
C PHE A 350 38.64 4.64 6.94
N TYR A 351 39.94 4.44 6.76
CA TYR A 351 40.85 4.11 7.86
C TYR A 351 42.03 5.06 7.87
N CYS A 352 41.75 6.36 7.83
CA CYS A 352 42.79 7.37 7.72
C CYS A 352 43.81 7.24 8.85
N ASN A 353 45.09 7.29 8.50
CA ASN A 353 46.19 7.22 9.46
C ASN A 353 46.62 8.65 9.76
N THR A 354 45.88 9.30 10.65
CA THR A 354 46.11 10.70 10.99
C THR A 354 47.18 10.86 12.08
N SER A 355 48.31 10.17 11.89
CA SER A 355 49.43 10.31 12.82
C SER A 355 50.09 11.67 12.68
N GLY A 356 50.13 12.20 11.46
CA GLY A 356 50.74 13.50 11.22
C GLY A 356 49.82 14.65 11.53
N LEU A 357 49.03 14.51 12.59
CA LEU A 357 48.10 15.54 13.03
C LEU A 357 48.15 15.81 14.53
N PHE A 358 48.68 14.89 15.33
CA PHE A 358 48.71 15.00 16.79
C PHE A 358 50.14 15.11 17.31
N ASN A 359 50.97 15.92 16.64
CA ASN A 359 52.38 16.06 17.02
C ASN A 359 52.81 17.51 17.15
N SER A 360 51.88 18.45 17.20
CA SER A 360 52.24 19.86 17.21
C SER A 360 52.95 20.24 18.50
N THR A 361 53.82 21.25 18.40
CA THR A 361 54.59 21.78 19.52
C THR A 361 54.12 23.19 19.83
N TRP A 362 54.15 23.54 21.11
CA TRP A 362 53.61 24.80 21.60
C TRP A 362 54.71 25.65 22.23
N ILE A 363 54.74 26.93 21.87
CA ILE A 363 55.68 27.90 22.40
C ILE A 363 54.89 29.09 22.91
N SER A 364 55.18 29.52 24.15
CA SER A 364 54.49 30.65 24.74
C SER A 364 55.41 31.87 24.79
N ASN A 377 48.08 28.34 1.78
CA ASN A 377 46.68 27.97 1.64
C ASN A 377 46.52 26.47 1.45
N ASP A 378 47.61 25.74 1.67
CA ASP A 378 47.59 24.29 1.49
C ASP A 378 46.78 23.63 2.60
N SER A 379 46.42 22.37 2.36
CA SER A 379 45.66 21.57 3.32
C SER A 379 46.44 20.32 3.68
N ILE A 380 46.43 19.96 4.95
CA ILE A 380 47.11 18.76 5.40
C ILE A 380 46.42 17.54 4.81
N THR A 381 47.20 16.68 4.16
CA THR A 381 46.68 15.50 3.47
C THR A 381 47.08 14.25 4.23
N LEU A 382 46.10 13.39 4.49
CA LEU A 382 46.28 12.15 5.22
C LEU A 382 45.96 10.96 4.32
N PRO A 383 46.78 9.91 4.37
CA PRO A 383 46.61 8.73 3.49
C PRO A 383 45.57 7.73 3.99
N CYS A 384 44.31 8.01 3.67
CA CYS A 384 43.20 7.18 4.12
C CYS A 384 43.03 6.00 3.16
N ARG A 385 42.97 4.80 3.71
CA ARG A 385 42.76 3.60 2.92
C ARG A 385 41.35 3.05 3.18
N ILE A 386 40.96 2.11 2.33
CA ILE A 386 39.67 1.44 2.43
C ILE A 386 39.94 -0.02 2.75
N LYS A 387 39.40 -0.48 3.88
CA LYS A 387 39.60 -1.85 4.33
C LYS A 387 38.35 -2.68 4.04
N GLN A 388 38.56 -3.99 3.91
CA GLN A 388 37.48 -4.92 3.62
C GLN A 388 37.25 -5.94 4.72
N ILE A 389 38.27 -6.28 5.50
CA ILE A 389 38.13 -7.15 6.67
C ILE A 389 38.28 -6.26 7.90
N ILE A 390 37.21 -6.14 8.68
CA ILE A 390 37.17 -5.23 9.81
C ILE A 390 36.70 -5.99 11.05
N ASN A 391 36.60 -5.27 12.17
CA ASN A 391 35.99 -5.79 13.39
C ASN A 391 34.79 -4.92 13.73
N MET A 392 33.63 -5.56 13.90
CA MET A 392 32.42 -4.81 14.23
C MET A 392 32.56 -4.14 15.59
N TRP A 393 32.11 -2.89 15.68
CA TRP A 393 32.21 -2.13 16.91
C TRP A 393 31.25 -2.62 17.99
N GLN A 394 30.32 -3.51 17.66
CA GLN A 394 29.36 -3.99 18.63
C GLN A 394 29.74 -5.32 19.26
N ARG A 395 30.61 -6.11 18.61
CA ARG A 395 30.98 -7.42 19.09
C ARG A 395 32.49 -7.57 18.97
N ILE A 396 32.98 -8.79 19.19
CA ILE A 396 34.41 -9.06 19.18
C ILE A 396 34.69 -10.04 18.04
N GLY A 397 33.89 -9.97 16.99
CA GLY A 397 34.03 -10.83 15.84
C GLY A 397 34.78 -10.16 14.71
N GLN A 398 34.52 -10.63 13.49
CA GLN A 398 35.10 -10.06 12.29
C GLN A 398 34.00 -9.85 11.25
N ALA A 399 34.24 -8.90 10.36
CA ALA A 399 33.22 -8.51 9.38
C ALA A 399 33.85 -8.38 8.00
N MET A 400 33.06 -8.75 7.00
CA MET A 400 33.47 -8.81 5.60
C MET A 400 32.65 -7.82 4.78
N TYR A 401 33.28 -7.19 3.80
CA TYR A 401 32.59 -6.21 2.97
C TYR A 401 33.13 -6.24 1.55
N ALA A 402 32.32 -5.72 0.63
CA ALA A 402 32.67 -5.72 -0.78
C ALA A 402 33.77 -4.70 -1.07
N PRO A 403 34.53 -4.89 -2.14
CA PRO A 403 35.56 -3.92 -2.51
C PRO A 403 34.98 -2.55 -2.79
N PRO A 404 35.80 -1.50 -2.75
CA PRO A 404 35.27 -0.14 -2.87
C PRO A 404 34.61 0.12 -4.21
N ILE A 405 33.63 1.03 -4.20
CA ILE A 405 32.86 1.35 -5.39
C ILE A 405 33.72 2.18 -6.34
N GLN A 406 33.59 1.91 -7.64
CA GLN A 406 34.29 2.69 -8.65
C GLN A 406 33.73 4.11 -8.72
N GLY A 407 34.62 5.06 -9.02
CA GLY A 407 34.24 6.44 -9.16
C GLY A 407 34.81 7.31 -8.05
N VAL A 408 34.73 8.62 -8.28
CA VAL A 408 35.18 9.58 -7.28
C VAL A 408 34.20 9.60 -6.12
N ILE A 409 34.72 9.50 -4.90
CA ILE A 409 33.90 9.37 -3.71
C ILE A 409 34.30 10.47 -2.73
N ARG A 410 33.34 11.29 -2.31
CA ARG A 410 33.59 12.48 -1.52
C ARG A 410 32.89 12.36 -0.17
N CYS A 411 33.60 12.75 0.89
CA CYS A 411 33.04 12.73 2.24
C CYS A 411 33.56 13.96 2.98
N VAL A 412 32.74 15.02 3.01
CA VAL A 412 33.10 16.27 3.65
C VAL A 412 32.22 16.46 4.89
N SER A 413 32.85 16.85 5.99
CA SER A 413 32.15 17.00 7.26
C SER A 413 33.00 17.91 8.17
N ASN A 414 32.61 17.98 9.44
CA ASN A 414 33.32 18.77 10.43
C ASN A 414 33.63 17.91 11.64
N ILE A 415 34.89 17.94 12.09
CA ILE A 415 35.33 17.18 13.25
C ILE A 415 34.89 17.96 14.49
N THR A 416 33.75 17.60 15.05
CA THR A 416 33.24 18.27 16.25
C THR A 416 33.55 17.45 17.50
N GLY A 417 34.83 17.28 17.79
CA GLY A 417 35.24 16.62 19.01
C GLY A 417 36.20 15.46 18.81
N LEU A 418 36.98 15.16 19.83
CA LEU A 418 37.92 14.05 19.82
C LEU A 418 37.79 13.25 21.11
N ILE A 419 38.28 12.02 21.06
CA ILE A 419 38.37 11.15 22.23
C ILE A 419 39.85 10.84 22.46
N LEU A 420 40.33 11.16 23.64
CA LEU A 420 41.72 10.98 24.04
C LEU A 420 41.79 10.02 25.24
N THR A 421 43.01 9.81 25.73
CA THR A 421 43.23 8.98 26.92
C THR A 421 44.57 9.36 27.51
N ARG A 422 44.71 9.16 28.82
CA ARG A 422 45.97 9.36 29.51
C ARG A 422 46.61 8.02 29.84
N ASP A 423 47.87 8.07 30.22
CA ASP A 423 48.64 6.87 30.52
C ASP A 423 49.39 7.05 31.84
N GLY A 424 49.80 5.93 32.42
CA GLY A 424 50.51 5.92 33.68
C GLY A 424 51.79 6.74 33.67
N GLY A 425 51.97 7.56 34.69
CA GLY A 425 53.16 8.39 34.77
C GLY A 425 53.31 9.00 36.15
N SER A 426 54.28 9.89 36.27
CA SER A 426 54.56 10.58 37.53
C SER A 426 53.41 11.50 37.90
N THR A 430 55.33 14.83 36.69
CA THR A 430 55.63 16.18 36.21
C THR A 430 55.35 16.30 34.72
N THR A 431 55.78 15.28 33.97
CA THR A 431 55.59 15.25 32.53
C THR A 431 54.42 14.34 32.19
N GLU A 432 53.46 14.88 31.44
CA GLU A 432 52.26 14.15 31.07
C GLU A 432 52.13 14.10 29.55
N THR A 433 51.46 13.06 29.06
CA THR A 433 51.18 12.91 27.65
C THR A 433 49.77 12.39 27.46
N PHE A 434 49.17 12.71 26.32
CA PHE A 434 47.79 12.36 26.01
C PHE A 434 47.76 11.58 24.71
N ARG A 435 47.51 10.28 24.80
CA ARG A 435 47.46 9.43 23.62
C ARG A 435 46.02 9.31 23.15
N PRO A 436 45.73 9.56 21.88
CA PRO A 436 44.36 9.45 21.40
C PRO A 436 43.94 7.99 21.20
N GLY A 437 42.64 7.82 20.97
CA GLY A 437 42.11 6.49 20.73
C GLY A 437 40.67 6.33 21.14
N GLY A 438 39.88 5.64 20.31
CA GLY A 438 38.49 5.38 20.62
C GLY A 438 38.28 3.98 21.13
N GLY A 439 37.67 3.13 20.30
CA GLY A 439 37.42 1.76 20.69
C GLY A 439 35.97 1.51 21.07
N ASP A 440 35.71 1.42 22.38
CA ASP A 440 34.35 1.24 22.89
C ASP A 440 33.44 2.33 22.35
N MET A 441 32.46 1.94 21.53
CA MET A 441 31.66 2.91 20.81
C MET A 441 30.67 3.64 21.70
N ARG A 442 30.41 3.12 22.90
CA ARG A 442 29.42 3.72 23.79
C ARG A 442 29.83 5.13 24.21
N ASP A 443 31.09 5.51 24.02
CA ASP A 443 31.50 6.89 24.28
C ASP A 443 31.02 7.82 23.18
N ASN A 444 30.91 7.30 21.94
CA ASN A 444 30.50 8.15 20.83
C ASN A 444 29.10 8.71 21.05
N TRP A 445 28.18 7.88 21.54
CA TRP A 445 26.83 8.37 21.83
C TRP A 445 26.86 9.35 22.99
N ARG A 446 27.73 9.11 23.98
CA ARG A 446 27.84 10.04 25.10
C ARG A 446 28.35 11.39 24.65
N SER A 447 29.10 11.43 23.55
CA SER A 447 29.57 12.71 23.03
C SER A 447 28.43 13.60 22.57
N GLU A 448 27.28 13.02 22.20
CA GLU A 448 26.13 13.80 21.77
C GLU A 448 24.98 13.78 22.75
N LEU A 449 25.03 12.92 23.76
CA LEU A 449 23.93 12.74 24.71
C LEU A 449 24.36 13.08 26.14
N TYR A 450 25.17 14.12 26.29
CA TYR A 450 25.68 14.45 27.62
C TYR A 450 24.63 15.12 28.50
N LYS A 451 23.70 15.86 27.89
CA LYS A 451 22.83 16.77 28.62
C LYS A 451 21.39 16.26 28.73
N TYR A 452 21.20 14.94 28.84
CA TYR A 452 19.86 14.39 28.81
C TYR A 452 19.68 13.35 29.89
N LYS A 453 18.46 13.27 30.43
CA LYS A 453 18.09 12.32 31.47
C LYS A 453 16.58 12.27 31.56
N VAL A 454 16.01 11.08 31.55
CA VAL A 454 14.55 10.91 31.58
C VAL A 454 14.09 10.82 33.02
N VAL A 455 12.93 11.41 33.30
CA VAL A 455 12.33 11.38 34.63
C VAL A 455 10.86 11.02 34.49
N LYS A 456 10.40 10.08 35.31
CA LYS A 456 9.00 9.70 35.33
C LYS A 456 8.22 10.71 36.15
N ILE A 457 7.22 11.34 35.54
CA ILE A 457 6.46 12.35 36.25
C ILE A 457 5.57 11.67 37.28
N GLU A 458 5.30 12.38 38.38
CA GLU A 458 4.49 11.86 39.47
C GLU A 458 3.46 12.91 39.85
N PRO A 459 2.37 13.02 39.08
CA PRO A 459 1.39 14.08 39.30
C PRO A 459 0.50 13.88 40.53
N LEU A 460 0.82 12.93 41.41
CA LEU A 460 0.06 12.71 42.63
C LEU A 460 0.95 12.99 43.83
N GLY A 461 0.46 13.83 44.76
CA GLY A 461 1.22 14.18 45.94
C GLY A 461 0.31 14.33 47.14
N VAL A 462 0.93 14.35 48.32
CA VAL A 462 0.20 14.44 49.59
C VAL A 462 0.80 15.56 50.43
N ALA A 463 -0.08 16.33 51.07
CA ALA A 463 0.30 17.50 51.84
C ALA A 463 -0.49 17.54 53.14
N PRO A 464 0.07 18.18 54.19
CA PRO A 464 -0.71 18.40 55.42
C PRO A 464 -1.47 19.71 55.38
N THR A 465 -2.78 19.67 55.63
CA THR A 465 -3.59 20.87 55.56
C THR A 465 -4.86 20.63 56.37
N ARG A 466 -5.43 21.73 56.88
CA ARG A 466 -6.69 21.68 57.62
C ARG A 466 -7.87 21.59 56.66
N CYS A 467 -8.75 20.63 56.90
CA CYS A 467 -9.97 20.46 56.11
C CYS A 467 -11.03 19.77 56.97
N LYS A 468 -12.29 20.10 56.69
CA LYS A 468 -13.43 19.49 57.36
C LYS A 468 -14.36 18.92 56.31
N ARG A 469 -14.79 17.68 56.50
CA ARG A 469 -15.65 17.02 55.54
C ARG A 469 -17.08 16.93 56.05
N GLY B 3 -3.30 14.77 21.59
CA GLY B 3 -2.85 13.86 22.62
C GLY B 3 -2.90 14.48 24.01
N ILE B 4 -3.36 13.70 24.99
CA ILE B 4 -3.49 14.19 26.36
C ILE B 4 -2.13 14.16 27.03
N GLY B 5 -1.11 13.70 26.30
CA GLY B 5 0.24 13.60 26.79
C GLY B 5 1.00 14.90 26.91
N ALA B 6 0.38 16.02 26.56
CA ALA B 6 0.95 17.33 26.83
C ALA B 6 0.51 17.88 28.19
N VAL B 7 -0.65 17.43 28.68
CA VAL B 7 -1.09 17.81 30.01
C VAL B 7 -0.06 17.39 31.05
N PHE B 8 0.49 16.18 30.89
CA PHE B 8 1.55 15.74 31.79
C PHE B 8 2.79 16.63 31.65
N LEU B 9 3.14 17.00 30.42
CA LEU B 9 4.26 17.92 30.24
C LEU B 9 4.03 19.23 30.96
N GLY B 10 2.78 19.68 31.05
CA GLY B 10 2.48 20.91 31.75
C GLY B 10 2.59 20.83 33.26
N PHE B 11 2.80 19.63 33.80
CA PHE B 11 2.93 19.43 35.24
C PHE B 11 4.35 19.62 35.74
N LEU B 12 5.18 20.37 35.01
CA LEU B 12 6.55 20.63 35.43
C LEU B 12 6.91 22.11 35.43
N GLY B 13 5.99 22.99 35.01
CA GLY B 13 6.30 24.42 35.01
C GLY B 13 6.52 24.98 36.40
N ALA B 14 5.70 24.58 37.35
CA ALA B 14 5.82 25.08 38.72
C ALA B 14 6.87 24.30 39.50
N ALA B 15 8.07 24.19 38.94
CA ALA B 15 9.18 23.52 39.60
C ALA B 15 10.13 24.54 40.18
N GLY B 16 10.65 24.25 41.37
CA GLY B 16 11.46 25.23 42.07
C GLY B 16 10.70 26.48 42.44
N SER B 17 9.47 26.33 42.91
CA SER B 17 8.63 27.44 43.31
C SER B 17 7.97 27.12 44.65
N THR B 18 7.38 28.14 45.25
CA THR B 18 6.72 27.97 46.53
C THR B 18 5.49 27.08 46.36
N MET B 19 5.15 26.36 47.44
CA MET B 19 4.03 25.43 47.38
C MET B 19 2.71 26.15 47.12
N GLY B 20 2.52 27.32 47.72
CA GLY B 20 1.29 28.06 47.49
C GLY B 20 1.13 28.49 46.04
N ALA B 21 2.21 29.02 45.46
CA ALA B 21 2.17 29.41 44.05
C ALA B 21 1.94 28.20 43.16
N ALA B 22 2.60 27.08 43.48
CA ALA B 22 2.41 25.86 42.70
C ALA B 22 0.96 25.39 42.74
N SER B 23 0.35 25.43 43.92
CA SER B 23 -1.06 25.07 44.03
C SER B 23 -1.95 26.04 43.25
N MET B 24 -1.61 27.32 43.28
CA MET B 24 -2.39 28.31 42.53
C MET B 24 -2.33 28.05 41.03
N THR B 25 -1.16 27.69 40.51
CA THR B 25 -1.02 27.47 39.07
C THR B 25 -1.40 26.05 38.68
N LEU B 26 -2.57 25.62 39.12
CA LEU B 26 -3.14 24.33 38.72
C LEU B 26 -4.48 24.46 38.02
N THR B 27 -5.35 25.35 38.52
CA THR B 27 -6.69 25.52 37.97
C THR B 27 -6.73 26.57 36.87
N VAL B 28 -5.92 27.63 36.99
CA VAL B 28 -5.90 28.67 35.97
C VAL B 28 -5.36 28.11 34.66
N GLN B 29 -4.39 27.19 34.73
CA GLN B 29 -3.83 26.59 33.53
C GLN B 29 -4.76 25.55 32.91
N ALA B 30 -5.79 25.13 33.64
CA ALA B 30 -6.70 24.11 33.13
C ALA B 30 -7.43 24.60 31.88
N ARG B 31 -7.87 25.86 31.89
CA ARG B 31 -8.67 26.38 30.78
C ARG B 31 -7.84 26.47 29.49
N ASN B 32 -6.59 26.91 29.60
CA ASN B 32 -5.76 27.16 28.42
C ASN B 32 -4.87 25.98 28.05
N LEU B 33 -3.99 25.57 28.96
CA LEU B 33 -2.99 24.56 28.62
C LEU B 33 -3.64 23.19 28.45
N LEU B 34 -4.50 22.80 29.40
CA LEU B 34 -5.09 21.46 29.34
C LEU B 34 -6.05 21.33 28.16
N SER B 35 -6.85 22.35 27.90
CA SER B 35 -7.82 22.32 26.80
C SER B 35 -7.12 22.68 25.51
N GLY B 36 -6.55 21.67 24.85
CA GLY B 36 -5.84 21.87 23.60
C GLY B 36 -5.46 20.57 22.91
N LEU B 45 4.73 16.75 6.42
CA LEU B 45 3.28 16.57 6.37
C LEU B 45 2.82 16.23 4.96
N ARG B 46 3.35 16.94 3.97
CA ARG B 46 2.95 16.77 2.58
C ARG B 46 3.96 15.89 1.86
N ALA B 47 3.47 14.82 1.25
CA ALA B 47 4.34 13.88 0.56
C ALA B 47 4.92 14.52 -0.70
N PRO B 48 6.21 14.32 -0.98
CA PRO B 48 6.74 14.68 -2.29
C PRO B 48 6.76 13.51 -3.25
N GLU B 49 6.45 12.32 -2.73
CA GLU B 49 6.43 11.09 -3.51
C GLU B 49 5.17 10.30 -3.15
N ALA B 50 4.72 9.49 -4.12
CA ALA B 50 3.45 8.78 -3.95
C ALA B 50 3.48 7.82 -2.77
N GLN B 51 4.58 7.06 -2.63
CA GLN B 51 4.66 6.07 -1.57
C GLN B 51 4.71 6.72 -0.19
N GLN B 52 5.26 7.93 -0.10
CA GLN B 52 5.41 8.59 1.19
C GLN B 52 4.06 8.83 1.86
N HIS B 53 3.07 9.29 1.10
CA HIS B 53 1.75 9.47 1.67
C HIS B 53 1.15 8.13 2.08
N LEU B 54 1.37 7.09 1.28
CA LEU B 54 0.81 5.78 1.61
C LEU B 54 1.37 5.27 2.93
N LEU B 55 2.66 5.47 3.16
CA LEU B 55 3.22 5.09 4.45
C LEU B 55 2.87 6.08 5.55
N LYS B 56 2.46 7.30 5.20
CA LYS B 56 2.12 8.32 6.17
C LYS B 56 0.82 8.01 6.92
N LEU B 57 0.06 6.99 6.50
CA LEU B 57 -1.17 6.66 7.17
C LEU B 57 -1.36 5.15 7.30
N THR B 58 -0.27 4.38 7.35
CA THR B 58 -0.38 2.94 7.52
C THR B 58 0.23 2.48 8.84
N VAL B 59 1.51 2.75 9.08
CA VAL B 59 2.12 2.44 10.35
C VAL B 59 2.44 3.69 11.16
N TRP B 60 2.78 4.79 10.51
CA TRP B 60 2.99 6.03 11.26
C TRP B 60 1.71 6.47 11.95
N GLY B 61 0.57 6.30 11.27
CA GLY B 61 -0.70 6.57 11.92
C GLY B 61 -0.94 5.66 13.11
N ILE B 62 -0.57 4.39 13.00
CA ILE B 62 -0.76 3.47 14.11
C ILE B 62 0.10 3.88 15.30
N LYS B 63 1.36 4.25 15.06
CA LYS B 63 2.20 4.68 16.17
C LYS B 63 1.68 5.97 16.80
N GLN B 64 1.26 6.92 15.96
CA GLN B 64 0.71 8.17 16.48
C GLN B 64 -0.61 7.95 17.21
N LEU B 65 -1.28 6.83 16.97
CA LEU B 65 -2.47 6.50 17.74
C LEU B 65 -2.13 5.76 19.02
N GLN B 66 -1.10 4.92 18.99
CA GLN B 66 -0.72 4.18 20.19
C GLN B 66 -0.16 5.12 21.24
N ALA B 67 0.55 6.17 20.82
CA ALA B 67 0.99 7.17 21.79
C ALA B 67 -0.19 7.82 22.49
N ARG B 68 -1.20 8.24 21.73
CA ARG B 68 -2.34 8.92 22.32
C ARG B 68 -3.14 7.99 23.23
N VAL B 69 -3.36 6.74 22.79
CA VAL B 69 -4.12 5.80 23.62
C VAL B 69 -3.29 5.17 24.71
N LEU B 70 -2.00 5.49 24.79
CA LEU B 70 -1.22 5.22 25.98
C LEU B 70 -1.34 6.36 26.98
N ALA B 71 -1.31 7.60 26.49
CA ALA B 71 -1.48 8.74 27.37
C ALA B 71 -2.87 8.75 28.00
N VAL B 72 -3.91 8.43 27.23
CA VAL B 72 -5.25 8.38 27.81
C VAL B 72 -5.32 7.33 28.90
N GLU B 73 -4.71 6.17 28.67
CA GLU B 73 -4.75 5.12 29.67
C GLU B 73 -4.00 5.53 30.93
N ARG B 74 -2.88 6.24 30.78
CA ARG B 74 -2.18 6.74 31.96
C ARG B 74 -3.05 7.70 32.76
N TYR B 75 -3.68 8.65 32.07
CA TYR B 75 -4.57 9.59 32.75
C TYR B 75 -5.69 8.85 33.46
N LEU B 76 -6.22 7.80 32.82
CA LEU B 76 -7.32 7.07 33.43
C LEU B 76 -6.86 6.26 34.63
N ARG B 77 -5.65 5.73 34.61
CA ARG B 77 -5.11 5.07 35.80
C ARG B 77 -4.99 6.06 36.95
N ASP B 78 -4.48 7.26 36.68
CA ASP B 78 -4.34 8.25 37.74
C ASP B 78 -5.70 8.65 38.30
N GLN B 79 -6.68 8.89 37.43
CA GLN B 79 -8.00 9.27 37.92
C GLN B 79 -8.68 8.13 38.67
N GLN B 80 -8.45 6.88 38.26
CA GLN B 80 -9.04 5.77 39.01
C GLN B 80 -8.35 5.61 40.36
N LEU B 81 -7.05 5.94 40.44
CA LEU B 81 -6.38 5.97 41.73
C LEU B 81 -7.03 7.01 42.63
N LEU B 82 -7.29 8.20 42.09
CA LEU B 82 -8.01 9.22 42.85
C LEU B 82 -9.44 8.81 43.18
N GLY B 83 -10.02 7.88 42.42
CA GLY B 83 -11.41 7.52 42.63
C GLY B 83 -11.66 6.85 43.96
N ILE B 84 -10.79 5.91 44.35
CA ILE B 84 -11.00 5.16 45.58
C ILE B 84 -10.95 6.06 46.81
N TRP B 85 -10.18 7.14 46.75
CA TRP B 85 -10.01 8.04 47.87
C TRP B 85 -11.19 8.98 48.07
N GLY B 86 -12.31 8.73 47.41
CA GLY B 86 -13.49 9.56 47.56
C GLY B 86 -13.44 10.88 46.84
N CYS B 87 -12.43 11.12 46.01
CA CYS B 87 -12.29 12.40 45.32
C CYS B 87 -11.64 12.15 43.96
N SER B 88 -12.46 12.04 42.92
CA SER B 88 -11.98 11.86 41.56
C SER B 88 -12.33 13.02 40.63
N GLY B 89 -13.28 13.86 40.99
CA GLY B 89 -13.64 14.99 40.16
C GLY B 89 -12.86 16.25 40.40
N LYS B 90 -11.92 16.26 41.34
CA LYS B 90 -11.16 17.45 41.70
C LYS B 90 -9.67 17.16 41.60
N LEU B 91 -8.91 18.18 41.20
CA LEU B 91 -7.45 18.08 41.27
C LEU B 91 -6.96 18.23 42.70
N ILE B 92 -7.69 18.96 43.53
CA ILE B 92 -7.37 19.20 44.93
C ILE B 92 -8.37 18.44 45.78
N CYS B 93 -7.88 17.57 46.66
CA CYS B 93 -8.76 16.84 47.54
C CYS B 93 -8.15 16.81 48.94
N CYS B 94 -9.00 16.90 49.96
CA CYS B 94 -8.53 16.78 51.33
C CYS B 94 -9.48 15.88 52.10
N THR B 95 -8.93 14.89 52.80
CA THR B 95 -9.72 13.82 53.38
C THR B 95 -9.83 13.98 54.89
N ASN B 96 -10.72 13.19 55.48
CA ASN B 96 -10.89 13.15 56.94
C ASN B 96 -10.00 12.08 57.57
N VAL B 97 -8.71 12.13 57.24
CA VAL B 97 -7.71 11.25 57.82
C VAL B 97 -6.66 12.12 58.48
N PRO B 98 -6.71 12.30 59.79
CA PRO B 98 -5.78 13.22 60.46
C PRO B 98 -4.34 12.80 60.26
N TRP B 99 -3.47 13.79 60.07
CA TRP B 99 -2.06 13.52 59.82
C TRP B 99 -1.39 12.98 61.07
N ASN B 100 -0.61 11.93 60.91
CA ASN B 100 0.20 11.36 61.99
C ASN B 100 1.59 11.98 61.93
N SER B 101 2.01 12.60 63.03
CA SER B 101 3.26 13.34 63.05
C SER B 101 4.48 12.43 62.96
N SER B 102 4.31 11.12 62.80
CA SER B 102 5.43 10.21 62.57
C SER B 102 5.85 10.17 61.10
N TRP B 103 5.38 11.10 60.29
CA TRP B 103 5.71 11.19 58.87
C TRP B 103 6.62 12.38 58.59
N SER B 104 7.58 12.63 59.48
CA SER B 104 8.47 13.79 59.41
C SER B 104 7.65 15.08 59.40
N ASN B 105 6.92 15.29 60.49
CA ASN B 105 6.04 16.44 60.60
C ASN B 105 6.85 17.73 60.73
N ARG B 106 6.31 18.80 60.15
CA ARG B 106 6.93 20.11 60.18
C ARG B 106 5.84 21.15 60.37
N ASN B 107 6.26 22.39 60.61
CA ASN B 107 5.30 23.48 60.75
C ASN B 107 4.60 23.74 59.43
N LEU B 108 3.27 23.77 59.45
CA LEU B 108 2.51 23.98 58.23
C LEU B 108 2.77 25.37 57.66
N SER B 109 2.83 26.39 58.52
CA SER B 109 3.05 27.74 58.04
C SER B 109 4.38 27.85 57.30
N GLU B 110 5.43 27.25 57.84
CA GLU B 110 6.70 27.17 57.13
C GLU B 110 6.81 25.88 56.32
N ILE B 111 5.76 25.57 55.55
CA ILE B 111 5.85 24.52 54.54
C ILE B 111 5.29 24.91 53.20
N TRP B 112 4.45 25.95 53.12
CA TRP B 112 3.78 26.33 51.89
C TRP B 112 4.46 27.48 51.16
N ASP B 113 5.54 28.03 51.71
CA ASP B 113 6.23 29.13 51.07
C ASP B 113 7.75 29.02 51.10
N ASN B 114 8.31 27.97 51.69
CA ASN B 114 9.75 27.85 51.83
C ASN B 114 10.33 26.53 51.35
N MET B 115 9.51 25.50 51.14
CA MET B 115 10.00 24.19 50.72
C MET B 115 9.27 23.75 49.47
N THR B 116 10.02 23.20 48.53
CA THR B 116 9.45 22.80 47.24
C THR B 116 8.89 21.38 47.32
N TRP B 117 8.08 21.04 46.31
CA TRP B 117 7.46 19.72 46.25
C TRP B 117 8.49 18.62 46.08
N LEU B 118 9.60 18.91 45.41
CA LEU B 118 10.67 17.93 45.28
C LEU B 118 11.25 17.58 46.65
N GLN B 119 11.54 18.59 47.46
CA GLN B 119 12.04 18.32 48.81
C GLN B 119 10.98 17.67 49.68
N TRP B 120 9.71 18.01 49.47
CA TRP B 120 8.63 17.34 50.20
C TRP B 120 8.62 15.85 49.89
N ASP B 121 8.72 15.49 48.61
CA ASP B 121 8.78 14.08 48.24
C ASP B 121 10.03 13.42 48.80
N LYS B 122 11.17 14.11 48.74
CA LYS B 122 12.39 13.56 49.31
C LYS B 122 12.23 13.27 50.80
N GLU B 123 11.52 14.14 51.51
CA GLU B 123 11.26 13.91 52.92
C GLU B 123 10.32 12.73 53.13
N ILE B 124 9.31 12.58 52.28
CA ILE B 124 8.31 11.54 52.46
C ILE B 124 8.45 10.49 51.36
N SER B 125 9.68 10.29 50.87
CA SER B 125 9.90 9.23 49.88
C SER B 125 9.72 7.84 50.48
N ASN B 126 9.65 7.71 51.81
CA ASN B 126 9.50 6.43 52.46
C ASN B 126 8.07 6.12 52.88
N TYR B 127 7.23 7.14 53.08
CA TYR B 127 5.91 6.95 53.64
C TYR B 127 4.78 7.18 52.64
N THR B 128 5.10 7.36 51.36
CA THR B 128 4.04 7.60 50.38
C THR B 128 3.15 6.38 50.20
N GLN B 129 3.76 5.19 50.08
CA GLN B 129 2.95 3.98 49.92
C GLN B 129 2.10 3.72 51.14
N ILE B 130 2.65 3.92 52.34
CA ILE B 130 1.88 3.63 53.54
C ILE B 130 0.74 4.64 53.70
N ILE B 131 1.01 5.92 53.39
CA ILE B 131 -0.04 6.93 53.54
C ILE B 131 -1.15 6.69 52.52
N TYR B 132 -0.79 6.24 51.32
CA TYR B 132 -1.82 5.79 50.37
C TYR B 132 -2.63 4.65 50.95
N GLY B 133 -1.94 3.70 51.60
CA GLY B 133 -2.64 2.57 52.20
C GLY B 133 -3.64 2.99 53.26
N LEU B 134 -3.19 3.85 54.18
CA LEU B 134 -4.11 4.37 55.22
C LEU B 134 -5.28 5.08 54.53
N LEU B 135 -4.96 5.95 53.55
CA LEU B 135 -6.01 6.72 52.90
C LEU B 135 -7.11 5.81 52.38
N GLU B 136 -6.73 4.80 51.61
CA GLU B 136 -7.72 3.88 51.05
C GLU B 136 -8.45 3.13 52.16
N GLU B 137 -7.71 2.63 53.14
CA GLU B 137 -8.31 1.83 54.20
C GLU B 137 -9.28 2.67 55.03
N SER B 138 -8.90 3.91 55.33
CA SER B 138 -9.77 4.80 56.09
C SER B 138 -11.03 5.13 55.31
N GLN B 139 -10.90 5.40 54.01
CA GLN B 139 -12.10 5.64 53.21
C GLN B 139 -13.02 4.43 53.28
N ASN B 140 -12.46 3.23 53.04
CA ASN B 140 -13.28 2.03 53.01
C ASN B 140 -13.95 1.78 54.35
N GLN B 141 -13.22 1.95 55.44
CA GLN B 141 -13.79 1.72 56.76
C GLN B 141 -14.88 2.74 57.07
N GLN B 142 -14.58 4.02 56.89
CA GLN B 142 -15.52 5.07 57.27
C GLN B 142 -16.80 5.04 56.44
N GLU B 143 -16.72 4.59 55.18
CA GLU B 143 -17.94 4.46 54.39
C GLU B 143 -18.50 3.05 54.37
N LYS B 144 -17.89 2.10 55.06
CA LYS B 144 -18.43 0.75 55.13
C LYS B 144 -17.89 -0.01 56.34
N ASP C 1 20.92 -23.87 -8.79
CA ASP C 1 22.16 -23.27 -9.30
C ASP C 1 21.98 -22.82 -10.74
N ILE C 2 23.09 -22.73 -11.47
CA ILE C 2 23.09 -22.32 -12.87
C ILE C 2 23.73 -23.42 -13.70
N VAL C 3 23.16 -23.69 -14.87
CA VAL C 3 23.64 -24.72 -15.78
C VAL C 3 24.20 -24.06 -17.02
N MET C 4 25.45 -24.37 -17.35
CA MET C 4 26.13 -23.79 -18.50
C MET C 4 26.11 -24.79 -19.65
N THR C 5 25.71 -24.32 -20.83
CA THR C 5 25.63 -25.16 -22.02
C THR C 5 26.46 -24.54 -23.14
N GLN C 6 27.39 -25.33 -23.68
CA GLN C 6 28.21 -24.94 -24.83
C GLN C 6 28.10 -26.02 -25.89
N SER C 7 28.07 -25.61 -27.15
CA SER C 7 27.87 -26.52 -28.28
C SER C 7 28.96 -26.31 -29.33
N PRO C 8 30.18 -26.75 -29.05
CA PRO C 8 31.22 -26.71 -30.08
C PRO C 8 31.19 -27.97 -30.94
N ALA C 9 30.95 -27.81 -32.24
CA ALA C 9 30.87 -28.96 -33.12
C ALA C 9 32.24 -29.61 -33.32
N THR C 10 33.19 -28.85 -33.87
CA THR C 10 34.55 -29.34 -34.08
C THR C 10 35.52 -28.19 -33.84
N LEU C 11 36.72 -28.54 -33.38
CA LEU C 11 37.80 -27.57 -33.17
C LEU C 11 39.05 -28.13 -33.86
N SER C 12 39.16 -27.86 -35.17
CA SER C 12 40.32 -28.28 -35.94
C SER C 12 40.75 -27.19 -36.92
N VAL C 13 40.46 -25.93 -36.59
CA VAL C 13 40.73 -24.82 -37.50
C VAL C 13 42.23 -24.55 -37.52
N SER C 14 42.83 -24.62 -38.71
CA SER C 14 44.24 -24.29 -38.85
C SER C 14 44.45 -22.80 -38.68
N PRO C 15 45.63 -22.39 -38.18
CA PRO C 15 45.89 -20.96 -38.01
C PRO C 15 45.84 -20.21 -39.34
N GLY C 16 45.34 -18.98 -39.28
CA GLY C 16 45.27 -18.15 -40.47
C GLY C 16 43.95 -17.42 -40.64
N GLU C 17 42.86 -18.02 -40.18
CA GLU C 17 41.53 -17.45 -40.32
C GLU C 17 40.95 -17.11 -38.95
N ARG C 18 39.70 -16.65 -38.95
CA ARG C 18 39.04 -16.23 -37.72
C ARG C 18 38.61 -17.46 -36.92
N ALA C 19 39.11 -17.56 -35.69
CA ALA C 19 38.79 -18.68 -34.80
C ALA C 19 38.55 -18.16 -33.39
N THR C 20 37.75 -17.10 -33.28
CA THR C 20 37.47 -16.52 -31.98
C THR C 20 36.70 -17.49 -31.09
N LEU C 21 36.88 -17.35 -29.78
CA LEU C 21 36.26 -18.22 -28.80
C LEU C 21 35.31 -17.42 -27.93
N SER C 22 34.09 -17.93 -27.77
CA SER C 22 33.07 -17.28 -26.96
C SER C 22 32.53 -18.26 -25.94
N CYS C 23 32.21 -17.74 -24.76
CA CYS C 23 31.69 -18.53 -23.64
C CYS C 23 30.23 -18.12 -23.43
N ARG C 24 29.33 -18.86 -24.06
CA ARG C 24 27.91 -18.55 -23.95
C ARG C 24 27.41 -18.79 -22.53
N ALA C 25 26.58 -17.88 -22.04
CA ALA C 25 26.00 -17.98 -20.72
C ALA C 25 24.51 -17.66 -20.79
N SER C 26 23.74 -18.36 -19.96
CA SER C 26 22.30 -18.11 -19.90
C SER C 26 22.00 -16.71 -19.38
N GLU C 27 22.76 -16.25 -18.38
CA GLU C 27 22.60 -14.93 -17.81
C GLU C 27 23.86 -14.12 -18.00
N SER C 28 23.73 -12.81 -17.87
CA SER C 28 24.86 -11.89 -17.95
C SER C 28 25.36 -11.57 -16.54
N VAL C 29 26.66 -11.75 -16.33
CA VAL C 29 27.28 -11.56 -15.02
C VAL C 29 28.13 -10.30 -15.05
N SER C 30 27.74 -9.34 -15.90
CA SER C 30 28.50 -8.13 -16.16
C SER C 30 29.79 -8.45 -16.92
N SER C 31 30.95 -8.19 -16.31
CA SER C 31 32.21 -8.34 -17.04
C SER C 31 33.30 -8.98 -16.19
N ASP C 32 32.94 -9.88 -15.27
CA ASP C 32 33.94 -10.61 -14.49
C ASP C 32 34.09 -12.00 -15.09
N LEU C 33 34.86 -12.09 -16.17
CA LEU C 33 35.06 -13.33 -16.89
C LEU C 33 36.50 -13.78 -16.75
N ALA C 34 36.69 -15.04 -16.38
CA ALA C 34 38.02 -15.63 -16.22
C ALA C 34 38.36 -16.39 -17.50
N TRP C 35 39.12 -15.74 -18.38
CA TRP C 35 39.57 -16.36 -19.62
C TRP C 35 40.78 -17.23 -19.31
N TYR C 36 40.51 -18.48 -18.95
CA TYR C 36 41.54 -19.43 -18.58
C TYR C 36 41.52 -20.63 -19.51
N GLN C 37 42.71 -21.18 -19.76
CA GLN C 37 42.88 -22.37 -20.57
C GLN C 37 43.54 -23.47 -19.74
N GLN C 38 43.64 -24.65 -20.34
CA GLN C 38 44.28 -25.79 -19.69
C GLN C 38 45.24 -26.44 -20.68
N LYS C 39 46.49 -26.58 -20.28
CA LYS C 39 47.46 -27.28 -21.10
C LYS C 39 47.19 -28.78 -21.06
N PRO C 40 47.54 -29.51 -22.13
CA PRO C 40 47.26 -30.95 -22.17
C PRO C 40 48.14 -31.72 -21.19
N GLY C 41 47.81 -31.65 -19.91
CA GLY C 41 48.57 -32.34 -18.89
C GLY C 41 49.58 -31.49 -18.13
N GLN C 42 49.61 -30.18 -18.38
CA GLN C 42 50.56 -29.29 -17.73
C GLN C 42 49.81 -28.16 -17.04
N ALA C 43 50.49 -27.54 -16.08
CA ALA C 43 49.90 -26.41 -15.36
C ALA C 43 49.76 -25.21 -16.27
N PRO C 44 48.57 -24.66 -16.45
CA PRO C 44 48.40 -23.53 -17.37
C PRO C 44 48.97 -22.24 -16.80
N ARG C 45 49.19 -21.29 -17.69
CA ARG C 45 49.70 -19.96 -17.35
C ARG C 45 48.68 -18.91 -17.75
N LEU C 46 48.40 -17.98 -16.84
CA LEU C 46 47.47 -16.89 -17.11
C LEU C 46 48.14 -15.57 -16.76
N LEU C 47 48.04 -14.59 -17.68
CA LEU C 47 48.64 -13.28 -17.48
C LEU C 47 47.62 -12.17 -17.30
N ILE C 48 46.44 -12.31 -17.88
CA ILE C 48 45.40 -11.29 -17.82
C ILE C 48 44.16 -11.89 -17.17
N TYR C 49 43.63 -11.22 -16.15
CA TYR C 49 42.46 -11.69 -15.42
C TYR C 49 41.31 -10.71 -15.59
N GLY C 50 40.10 -11.25 -15.69
CA GLY C 50 38.91 -10.43 -15.76
C GLY C 50 38.68 -9.75 -17.10
N ALA C 51 39.75 -9.58 -17.87
CA ALA C 51 39.73 -8.88 -19.16
C ALA C 51 39.20 -7.46 -19.02
N SER C 52 39.37 -6.84 -17.85
CA SER C 52 38.87 -5.49 -17.61
C SER C 52 39.87 -4.56 -16.95
N THR C 53 40.90 -5.09 -16.27
CA THR C 53 41.90 -4.26 -15.62
C THR C 53 43.29 -4.69 -16.09
N ARG C 54 44.19 -3.73 -16.21
CA ARG C 54 45.53 -3.99 -16.70
C ARG C 54 46.38 -4.68 -15.64
N ALA C 55 47.27 -5.54 -16.10
CA ALA C 55 48.19 -6.27 -15.22
C ALA C 55 49.50 -5.47 -15.09
N THR C 56 50.52 -6.11 -14.51
CA THR C 56 51.79 -5.46 -14.25
C THR C 56 52.67 -5.52 -15.51
N GLY C 57 52.35 -4.66 -16.46
CA GLY C 57 53.18 -4.49 -17.64
C GLY C 57 53.30 -5.71 -18.53
N VAL C 58 52.19 -6.38 -18.81
CA VAL C 58 52.19 -7.50 -19.74
C VAL C 58 52.30 -6.96 -21.17
N PRO C 59 52.76 -7.75 -22.14
CA PRO C 59 52.83 -7.26 -23.51
C PRO C 59 51.46 -6.87 -24.04
N ALA C 60 51.45 -5.82 -24.87
CA ALA C 60 50.20 -5.32 -25.44
C ALA C 60 49.58 -6.25 -26.46
N ARG C 61 50.32 -7.27 -26.93
CA ARG C 61 49.75 -8.21 -27.89
C ARG C 61 48.63 -9.01 -27.26
N PHE C 62 48.76 -9.39 -25.99
CA PHE C 62 47.76 -10.20 -25.29
C PHE C 62 46.63 -9.28 -24.84
N SER C 63 45.71 -9.02 -25.77
CA SER C 63 44.56 -8.16 -25.51
C SER C 63 43.31 -8.84 -26.04
N GLY C 64 42.26 -8.88 -25.20
CA GLY C 64 40.98 -9.42 -25.58
C GLY C 64 39.97 -8.33 -25.88
N SER C 65 38.70 -8.72 -25.90
CA SER C 65 37.60 -7.80 -26.15
C SER C 65 36.32 -8.41 -25.61
N GLY C 66 35.25 -7.65 -25.70
CA GLY C 66 33.93 -8.10 -25.30
C GLY C 66 33.54 -7.62 -23.91
N SER C 67 32.24 -7.46 -23.70
CA SER C 67 31.71 -7.05 -22.41
C SER C 67 30.23 -7.43 -22.35
N GLY C 68 29.68 -7.37 -21.14
CA GLY C 68 28.28 -7.68 -20.94
C GLY C 68 27.94 -9.14 -21.13
N ALA C 69 27.24 -9.46 -22.22
CA ALA C 69 26.89 -10.83 -22.53
C ALA C 69 27.57 -11.38 -23.77
N GLU C 70 28.04 -10.52 -24.67
CA GLU C 70 28.72 -10.92 -25.89
C GLU C 70 30.20 -10.55 -25.81
N PHE C 71 31.06 -11.49 -26.19
CA PHE C 71 32.49 -11.31 -26.11
C PHE C 71 33.15 -11.74 -27.42
N THR C 72 34.28 -11.10 -27.73
CA THR C 72 35.06 -11.40 -28.92
C THR C 72 36.53 -11.50 -28.55
N LEU C 73 37.21 -12.50 -29.09
CA LEU C 73 38.64 -12.72 -28.86
C LEU C 73 39.29 -13.03 -30.21
N THR C 74 39.73 -11.98 -30.90
CA THR C 74 40.38 -12.16 -32.19
C THR C 74 41.78 -12.73 -32.00
N ILE C 75 42.21 -13.54 -32.97
CA ILE C 75 43.53 -14.16 -32.94
C ILE C 75 44.13 -14.11 -34.33
N SER C 76 45.40 -13.72 -34.42
CA SER C 76 46.13 -13.71 -35.68
C SER C 76 47.51 -14.34 -35.60
N SER C 77 48.12 -14.44 -34.42
CA SER C 77 49.44 -15.01 -34.24
C SER C 77 49.37 -16.37 -33.56
N LEU C 78 48.37 -17.17 -33.93
CA LEU C 78 48.19 -18.48 -33.34
C LEU C 78 49.40 -19.37 -33.61
N GLN C 79 50.01 -19.88 -32.54
CA GLN C 79 51.22 -20.67 -32.62
C GLN C 79 50.94 -22.11 -32.21
N SER C 80 51.99 -22.93 -32.20
CA SER C 80 51.86 -24.31 -31.80
C SER C 80 51.45 -24.44 -30.34
N GLU C 81 52.03 -23.61 -29.47
CA GLU C 81 51.68 -23.63 -28.06
C GLU C 81 50.26 -23.12 -27.81
N ASP C 82 49.70 -22.36 -28.75
CA ASP C 82 48.34 -21.86 -28.61
C ASP C 82 47.28 -22.95 -28.75
N PHE C 83 47.66 -24.14 -29.21
CA PHE C 83 46.72 -25.24 -29.37
C PHE C 83 46.49 -25.88 -28.01
N ALA C 84 45.31 -25.65 -27.43
CA ALA C 84 44.96 -26.19 -26.13
C ALA C 84 43.44 -26.12 -25.97
N VAL C 85 42.97 -26.35 -24.75
CA VAL C 85 41.55 -26.30 -24.42
C VAL C 85 41.28 -25.04 -23.62
N TYR C 86 40.16 -24.38 -23.91
CA TYR C 86 39.75 -23.17 -23.22
C TYR C 86 38.68 -23.51 -22.20
N TYR C 87 38.84 -23.01 -20.97
CA TYR C 87 37.96 -23.31 -19.85
C TYR C 87 37.48 -21.99 -19.24
N CYS C 88 36.34 -21.50 -19.73
CA CYS C 88 35.77 -20.28 -19.17
C CYS C 88 35.20 -20.53 -17.79
N GLN C 89 35.40 -19.56 -16.89
CA GLN C 89 34.98 -19.69 -15.51
C GLN C 89 34.39 -18.36 -15.04
N GLN C 90 33.35 -18.45 -14.21
CA GLN C 90 32.68 -17.27 -13.67
C GLN C 90 32.67 -17.37 -12.15
N TYR C 91 32.75 -16.21 -11.49
CA TYR C 91 32.74 -16.14 -10.03
C TYR C 91 31.86 -15.00 -9.56
N ASN C 92 30.72 -14.79 -10.23
CA ASN C 92 29.86 -13.66 -9.90
C ASN C 92 29.04 -13.90 -8.64
N ASN C 93 28.60 -15.14 -8.39
CA ASN C 93 27.61 -15.41 -7.36
C ASN C 93 28.21 -15.41 -5.97
N TRP C 94 27.48 -14.83 -5.02
CA TRP C 94 27.76 -14.92 -3.60
C TRP C 94 26.51 -15.45 -2.90
N PRO C 95 26.57 -16.58 -2.18
CA PRO C 95 27.75 -17.40 -1.83
C PRO C 95 28.41 -18.06 -3.04
N PRO C 96 29.67 -18.47 -2.90
CA PRO C 96 30.41 -18.97 -4.08
C PRO C 96 29.96 -20.34 -4.54
N ARG C 97 28.91 -20.37 -5.35
CA ARG C 97 28.53 -21.58 -6.08
C ARG C 97 29.08 -21.53 -7.51
N TYR C 98 30.40 -21.49 -7.61
CA TYR C 98 31.05 -21.35 -8.90
C TYR C 98 30.88 -22.62 -9.73
N THR C 99 30.76 -22.44 -11.04
CA THR C 99 30.69 -23.54 -11.98
C THR C 99 31.72 -23.31 -13.09
N PHE C 100 32.21 -24.41 -13.64
CA PHE C 100 33.27 -24.40 -14.64
C PHE C 100 32.71 -24.75 -16.02
N GLY C 101 33.59 -24.74 -17.01
CA GLY C 101 33.21 -25.15 -18.35
C GLY C 101 33.38 -26.64 -18.57
N GLN C 102 32.96 -27.09 -19.76
CA GLN C 102 33.05 -28.50 -20.12
C GLN C 102 34.36 -28.83 -20.82
N GLY C 103 34.82 -27.97 -21.70
CA GLY C 103 36.07 -28.19 -22.40
C GLY C 103 35.86 -28.73 -23.80
N THR C 104 36.79 -28.39 -24.69
CA THR C 104 36.76 -28.81 -26.09
C THR C 104 38.01 -29.63 -26.39
N ARG C 105 37.83 -30.81 -26.97
CA ARG C 105 38.94 -31.69 -27.27
C ARG C 105 39.56 -31.34 -28.62
N LEU C 106 40.81 -31.77 -28.80
CA LEU C 106 41.55 -31.58 -30.04
C LEU C 106 41.83 -32.93 -30.66
N GLU C 107 41.52 -33.07 -31.95
CA GLU C 107 41.67 -34.33 -32.67
C GLU C 107 42.81 -34.21 -33.69
N ILE C 108 43.54 -35.29 -33.88
CA ILE C 108 44.62 -35.34 -34.85
C ILE C 108 44.02 -35.49 -36.24
N LYS C 109 44.39 -34.60 -37.16
CA LYS C 109 43.85 -34.59 -38.51
C LYS C 109 44.48 -35.75 -39.29
N ARG C 110 43.78 -36.88 -39.32
CA ARG C 110 44.23 -38.04 -40.06
C ARG C 110 43.03 -38.68 -40.76
N THR C 111 43.31 -39.35 -41.86
CA THR C 111 42.26 -40.03 -42.63
C THR C 111 42.85 -41.12 -43.52
N GLU D 1 58.59 -15.76 -6.75
CA GLU D 1 57.93 -17.02 -7.05
C GLU D 1 58.26 -18.08 -6.00
N VAL D 2 57.28 -18.94 -5.71
CA VAL D 2 57.44 -20.00 -4.71
C VAL D 2 57.01 -21.32 -5.34
N GLN D 3 57.28 -22.40 -4.62
CA GLN D 3 56.98 -23.75 -5.07
C GLN D 3 55.94 -24.39 -4.16
N LEU D 4 54.91 -24.98 -4.77
CA LEU D 4 53.88 -25.71 -4.05
C LEU D 4 54.02 -27.19 -4.37
N VAL D 5 54.14 -28.02 -3.33
CA VAL D 5 54.40 -29.44 -3.50
C VAL D 5 53.17 -30.22 -3.04
N GLU D 6 52.68 -31.11 -3.89
CA GLU D 6 51.54 -31.95 -3.57
C GLU D 6 52.02 -33.28 -3.00
N SER D 7 51.10 -34.00 -2.37
CA SER D 7 51.43 -35.26 -1.73
C SER D 7 51.82 -36.30 -2.77
N GLY D 8 52.67 -37.25 -2.35
CA GLY D 8 53.16 -38.26 -3.23
C GLY D 8 52.13 -39.33 -3.54
N ALA D 9 52.53 -40.28 -4.39
CA ALA D 9 51.65 -41.35 -4.79
C ALA D 9 51.32 -42.27 -3.63
N GLU D 10 50.04 -42.61 -3.49
CA GLU D 10 49.59 -43.51 -2.44
C GLU D 10 48.33 -44.21 -2.89
N VAL D 11 48.05 -45.35 -2.27
CA VAL D 11 46.85 -46.13 -2.55
C VAL D 11 46.21 -46.53 -1.22
N LYS D 12 44.89 -46.72 -1.25
CA LYS D 12 44.15 -47.10 -0.06
C LYS D 12 43.14 -48.19 -0.42
N LYS D 13 42.90 -49.07 0.55
CA LYS D 13 41.95 -50.16 0.35
C LYS D 13 40.53 -49.60 0.21
N PRO D 14 39.75 -50.09 -0.75
CA PRO D 14 38.38 -49.60 -0.90
C PRO D 14 37.53 -49.90 0.33
N GLY D 15 36.49 -49.09 0.50
CA GLY D 15 35.66 -49.18 1.69
C GLY D 15 36.37 -48.72 2.95
N SER D 16 37.20 -47.68 2.85
CA SER D 16 37.92 -47.13 3.99
C SER D 16 37.88 -45.60 3.89
N SER D 17 38.53 -44.95 4.84
CA SER D 17 38.60 -43.49 4.89
C SER D 17 39.96 -43.02 4.39
N VAL D 18 39.95 -42.06 3.47
CA VAL D 18 41.18 -41.56 2.85
C VAL D 18 41.24 -40.05 3.02
N LYS D 19 42.45 -39.51 2.85
CA LYS D 19 42.66 -38.07 2.93
C LYS D 19 43.87 -37.72 2.07
N VAL D 20 43.89 -36.47 1.62
CA VAL D 20 44.95 -36.00 0.73
C VAL D 20 45.04 -34.48 0.85
N SER D 21 46.24 -33.94 0.66
CA SER D 21 46.46 -32.52 0.75
C SER D 21 47.78 -32.16 0.05
N CYS D 22 47.92 -30.88 -0.25
CA CYS D 22 49.13 -30.31 -0.84
C CYS D 22 49.59 -29.14 0.02
N LYS D 23 50.90 -28.94 0.07
CA LYS D 23 51.49 -27.94 0.97
C LYS D 23 52.26 -26.91 0.18
N ALA D 24 52.09 -25.64 0.54
CA ALA D 24 52.83 -24.55 -0.07
C ALA D 24 53.88 -24.03 0.91
N SER D 25 55.14 -24.00 0.46
CA SER D 25 56.24 -23.53 1.27
C SER D 25 57.09 -22.57 0.45
N GLY D 26 57.42 -21.42 1.05
CA GLY D 26 58.25 -20.44 0.36
C GLY D 26 57.73 -19.02 0.48
N ASP D 27 56.51 -18.86 0.98
CA ASP D 27 55.90 -17.54 1.12
C ASP D 27 55.06 -17.51 2.40
N THR D 28 54.46 -16.35 2.66
CA THR D 28 53.61 -16.19 3.83
C THR D 28 52.34 -17.01 3.67
N PHE D 29 52.02 -17.81 4.69
CA PHE D 29 50.85 -18.67 4.65
C PHE D 29 49.55 -17.89 4.89
N ILE D 30 49.59 -16.85 5.72
CA ILE D 30 48.37 -16.15 6.11
C ILE D 30 47.80 -15.37 4.93
N ARG D 31 48.66 -14.71 4.16
CA ARG D 31 48.20 -13.79 3.12
C ARG D 31 47.54 -14.48 1.94
N TYR D 32 47.72 -15.80 1.81
CA TYR D 32 47.28 -16.52 0.63
C TYR D 32 45.99 -17.28 0.90
N SER D 33 44.98 -17.04 0.08
CA SER D 33 43.75 -17.82 0.09
C SER D 33 43.89 -19.00 -0.87
N PHE D 34 43.29 -20.13 -0.49
CA PHE D 34 43.41 -21.36 -1.26
C PHE D 34 42.05 -21.77 -1.81
N THR D 35 42.09 -22.61 -2.85
CA THR D 35 40.89 -23.17 -3.44
C THR D 35 41.23 -24.51 -4.09
N TRP D 36 40.43 -25.52 -3.82
CA TRP D 36 40.64 -26.85 -4.37
C TRP D 36 39.98 -26.97 -5.75
N VAL D 37 40.35 -28.04 -6.46
CA VAL D 37 39.72 -28.40 -7.72
C VAL D 37 40.11 -29.83 -8.04
N ARG D 38 39.21 -30.54 -8.72
CA ARG D 38 39.48 -31.89 -9.19
C ARG D 38 38.96 -32.04 -10.61
N GLN D 39 39.57 -32.93 -11.36
CA GLN D 39 39.25 -33.12 -12.78
C GLN D 39 38.98 -34.60 -13.03
N ALA D 40 37.71 -34.95 -13.24
CA ALA D 40 37.37 -36.28 -13.68
C ALA D 40 37.85 -36.48 -15.11
N PRO D 41 38.33 -37.68 -15.46
CA PRO D 41 38.87 -37.91 -16.81
C PRO D 41 37.80 -37.69 -17.88
N GLY D 42 38.05 -36.71 -18.75
CA GLY D 42 37.15 -36.41 -19.85
C GLY D 42 35.78 -35.96 -19.42
N GLN D 43 35.69 -35.21 -18.32
CA GLN D 43 34.42 -34.68 -17.84
C GLN D 43 34.60 -33.21 -17.48
N GLY D 44 33.46 -32.51 -17.34
CA GLY D 44 33.52 -31.10 -16.98
C GLY D 44 34.12 -30.90 -15.61
N LEU D 45 34.84 -29.80 -15.46
CA LEU D 45 35.49 -29.49 -14.20
C LEU D 45 34.44 -29.17 -13.13
N GLU D 46 34.65 -29.70 -11.92
CA GLU D 46 33.74 -29.50 -10.80
C GLU D 46 34.43 -28.64 -9.75
N TRP D 47 33.72 -27.63 -9.26
CA TRP D 47 34.23 -26.70 -8.27
C TRP D 47 33.45 -26.88 -6.98
N MET D 48 34.16 -27.17 -5.89
CA MET D 48 33.49 -27.44 -4.62
C MET D 48 33.38 -26.17 -3.76
N GLY D 49 34.50 -25.51 -3.48
CA GLY D 49 34.46 -24.34 -2.64
C GLY D 49 35.86 -23.83 -2.33
N ARG D 50 35.88 -22.80 -1.49
CA ARG D 50 37.13 -22.18 -1.06
C ARG D 50 37.07 -21.90 0.42
N ILE D 51 38.24 -21.87 1.05
CA ILE D 51 38.37 -21.60 2.47
C ILE D 51 39.31 -20.42 2.66
N ILE D 52 38.88 -19.43 3.44
CA ILE D 52 39.67 -18.23 3.68
C ILE D 52 40.64 -18.50 4.82
N THR D 53 41.94 -18.39 4.52
CA THR D 53 42.96 -18.63 5.54
C THR D 53 42.88 -17.59 6.65
N ILE D 54 42.70 -16.32 6.30
CA ILE D 54 42.65 -15.27 7.29
C ILE D 54 41.41 -15.43 8.18
N LEU D 55 40.32 -15.89 7.59
CA LEU D 55 39.01 -15.81 8.22
C LEU D 55 38.47 -17.17 8.67
N ASP D 56 39.10 -18.28 8.25
CA ASP D 56 38.74 -19.63 8.69
C ASP D 56 37.28 -19.95 8.41
N VAL D 57 36.83 -19.65 7.19
CA VAL D 57 35.49 -19.98 6.73
C VAL D 57 35.61 -20.78 5.45
N ALA D 58 34.84 -21.86 5.35
CA ALA D 58 34.89 -22.77 4.21
C ALA D 58 33.52 -22.89 3.56
N HIS D 59 33.53 -23.20 2.25
CA HIS D 59 32.31 -23.38 1.48
C HIS D 59 32.42 -24.67 0.68
N TYR D 60 31.26 -25.29 0.43
CA TYR D 60 31.19 -26.56 -0.28
C TYR D 60 30.11 -26.50 -1.35
N ALA D 61 30.30 -27.32 -2.39
CA ALA D 61 29.35 -27.36 -3.49
C ALA D 61 28.03 -27.98 -3.04
N PRO D 62 26.91 -27.58 -3.65
CA PRO D 62 25.61 -28.09 -3.18
C PRO D 62 25.46 -29.60 -3.25
N HIS D 63 26.02 -30.25 -4.27
CA HIS D 63 25.77 -31.68 -4.46
C HIS D 63 26.52 -32.51 -3.42
N LEU D 64 27.76 -32.16 -3.12
CA LEU D 64 28.59 -32.94 -2.22
C LEU D 64 28.53 -32.45 -0.78
N GLN D 65 27.52 -31.65 -0.43
CA GLN D 65 27.40 -31.16 0.94
C GLN D 65 27.23 -32.31 1.91
N GLY D 66 27.98 -32.27 3.00
CA GLY D 66 27.98 -33.32 3.99
C GLY D 66 28.92 -34.47 3.71
N ARG D 67 29.64 -34.43 2.58
CA ARG D 67 30.58 -35.48 2.23
C ARG D 67 32.02 -34.97 2.07
N VAL D 68 32.23 -33.66 2.14
CA VAL D 68 33.57 -33.07 2.03
C VAL D 68 33.80 -32.17 3.23
N THR D 69 34.96 -32.29 3.85
CA THR D 69 35.36 -31.42 4.94
C THR D 69 36.77 -30.89 4.68
N ILE D 70 36.95 -29.58 4.81
CA ILE D 70 38.25 -28.96 4.60
C ILE D 70 38.57 -28.05 5.78
N THR D 71 39.84 -28.02 6.17
CA THR D 71 40.30 -27.16 7.25
C THR D 71 41.73 -26.76 6.96
N ALA D 72 42.13 -25.60 7.49
CA ALA D 72 43.50 -25.14 7.41
C ALA D 72 43.86 -24.41 8.69
N ASP D 73 45.10 -24.61 9.14
CA ASP D 73 45.55 -23.97 10.37
C ASP D 73 46.93 -23.37 10.16
N LYS D 74 47.23 -22.33 10.94
CA LYS D 74 48.49 -21.62 10.87
C LYS D 74 49.47 -22.02 11.97
N SER D 75 48.98 -22.59 13.08
CA SER D 75 49.85 -23.08 14.14
C SER D 75 50.79 -24.14 13.57
N THR D 76 50.23 -25.25 13.11
CA THR D 76 51.01 -26.19 12.32
C THR D 76 51.13 -25.76 10.86
N SER D 77 50.33 -24.77 10.44
CA SER D 77 50.39 -24.21 9.09
C SER D 77 50.19 -25.29 8.04
N THR D 78 49.16 -26.12 8.23
CA THR D 78 48.88 -27.22 7.32
C THR D 78 47.41 -27.19 6.92
N VAL D 79 47.03 -28.14 6.06
CA VAL D 79 45.68 -28.27 5.53
C VAL D 79 45.23 -29.71 5.71
N TYR D 80 44.03 -29.89 6.26
CA TYR D 80 43.47 -31.21 6.50
C TYR D 80 42.19 -31.36 5.68
N LEU D 81 42.14 -32.42 4.86
CA LEU D 81 41.00 -32.69 4.01
C LEU D 81 40.43 -34.06 4.35
N GLU D 82 39.10 -34.16 4.42
CA GLU D 82 38.42 -35.39 4.75
C GLU D 82 37.31 -35.65 3.76
N LEU D 83 37.29 -36.87 3.20
CA LEU D 83 36.26 -37.29 2.25
C LEU D 83 35.63 -38.57 2.76
N ARG D 84 34.32 -38.55 2.98
CA ARG D 84 33.58 -39.71 3.41
C ARG D 84 32.62 -40.16 2.31
N ASN D 85 32.13 -41.40 2.45
CA ASN D 85 31.25 -42.03 1.48
C ASN D 85 31.89 -42.03 0.09
N LEU D 86 33.12 -42.53 0.02
CA LEU D 86 33.86 -42.56 -1.24
C LEU D 86 33.18 -43.48 -2.24
N ARG D 87 33.17 -43.07 -3.51
CA ARG D 87 32.63 -43.85 -4.60
C ARG D 87 33.62 -43.90 -5.75
N SER D 88 33.58 -45.00 -6.49
CA SER D 88 34.54 -45.23 -7.57
C SER D 88 34.47 -44.14 -8.63
N ASP D 89 33.25 -43.66 -8.93
CA ASP D 89 33.10 -42.62 -9.94
C ASP D 89 33.78 -41.31 -9.54
N ASP D 90 34.13 -41.17 -8.27
CA ASP D 90 34.84 -39.98 -7.79
C ASP D 90 36.35 -40.09 -7.94
N THR D 91 36.85 -41.17 -8.54
CA THR D 91 38.28 -41.31 -8.79
C THR D 91 38.74 -40.23 -9.76
N ALA D 92 39.47 -39.24 -9.27
CA ALA D 92 39.87 -38.11 -10.09
C ALA D 92 41.18 -37.54 -9.57
N VAL D 93 41.82 -36.74 -10.42
CA VAL D 93 43.08 -36.07 -10.07
C VAL D 93 42.77 -34.70 -9.50
N TYR D 94 43.37 -34.39 -8.35
CA TYR D 94 43.10 -33.14 -7.65
C TYR D 94 44.29 -32.20 -7.79
N PHE D 95 44.01 -30.90 -7.73
CA PHE D 95 45.02 -29.87 -7.88
C PHE D 95 44.98 -28.94 -6.67
N CYS D 96 46.16 -28.56 -6.18
CA CYS D 96 46.28 -27.61 -5.09
C CYS D 96 46.69 -26.25 -5.65
N ALA D 97 46.00 -25.21 -5.21
CA ALA D 97 46.23 -23.88 -5.76
C ALA D 97 45.59 -22.82 -4.89
N GLY D 98 46.03 -21.59 -5.10
CA GLY D 98 45.50 -20.45 -4.38
C GLY D 98 45.48 -19.18 -5.21
N VAL D 99 45.32 -18.04 -4.55
CA VAL D 99 45.25 -16.75 -5.23
C VAL D 99 46.12 -15.75 -4.47
N TYR D 100 46.79 -14.89 -5.23
CA TYR D 100 47.71 -13.89 -4.67
C TYR D 100 46.94 -12.58 -4.51
N GLU D 101 46.96 -12.03 -3.29
CA GLU D 101 46.32 -10.76 -3.00
C GLU D 101 47.29 -9.66 -2.64
N GLY D 102 48.31 -9.95 -1.84
CA GLY D 102 49.25 -8.94 -1.39
C GLY D 102 49.38 -8.90 0.12
N GLU D 103 49.69 -7.72 0.67
CA GLU D 103 49.77 -7.58 2.12
C GLU D 103 48.37 -7.59 2.74
N ALA D 104 47.86 -8.78 3.03
CA ALA D 104 46.52 -8.93 3.58
C ALA D 104 46.47 -8.75 5.09
N ASP D 105 47.62 -8.69 5.76
CA ASP D 105 47.63 -8.54 7.21
C ASP D 105 47.03 -7.22 7.64
N GLU D 106 47.35 -6.14 6.93
CA GLU D 106 46.92 -4.80 7.33
C GLU D 106 45.48 -4.49 6.94
N GLY D 107 44.82 -5.37 6.19
CA GLY D 107 43.41 -5.19 5.90
C GLY D 107 43.07 -5.13 4.41
N GLU D 108 43.95 -5.65 3.57
CA GLU D 108 43.73 -5.68 2.13
C GLU D 108 43.29 -7.08 1.72
N TYR D 109 42.09 -7.18 1.14
CA TYR D 109 41.59 -8.48 0.72
C TYR D 109 40.51 -8.27 -0.31
N ASP D 110 40.54 -9.03 -1.40
CA ASP D 110 39.64 -8.76 -2.51
C ASP D 110 39.00 -10.02 -3.09
N ASN D 111 38.86 -11.09 -2.28
CA ASN D 111 38.10 -12.31 -2.55
C ASN D 111 38.07 -12.71 -4.03
N ASN D 112 39.25 -12.74 -4.65
CA ASN D 112 39.33 -13.07 -6.08
C ASN D 112 38.84 -14.49 -6.32
N GLY D 113 38.02 -14.66 -7.37
CA GLY D 113 37.47 -15.94 -7.72
C GLY D 113 38.31 -16.80 -8.62
N PHE D 114 39.41 -16.28 -9.13
CA PHE D 114 40.31 -17.02 -10.00
C PHE D 114 41.56 -17.46 -9.22
N LEU D 115 42.34 -18.34 -9.85
CA LEU D 115 43.56 -18.86 -9.25
C LEU D 115 44.73 -18.63 -10.19
N LYS D 116 45.80 -18.02 -9.67
CA LYS D 116 47.01 -17.79 -10.44
C LYS D 116 48.03 -18.90 -10.19
N HIS D 117 48.36 -19.14 -8.91
CA HIS D 117 49.25 -20.23 -8.57
C HIS D 117 48.55 -21.57 -8.83
N TRP D 118 49.36 -22.60 -9.02
CA TRP D 118 48.84 -23.93 -9.32
C TRP D 118 49.82 -24.99 -8.81
N GLY D 119 49.30 -26.20 -8.65
CA GLY D 119 50.11 -27.33 -8.22
C GLY D 119 50.19 -28.39 -9.31
N GLN D 120 51.07 -29.37 -9.08
CA GLN D 120 51.26 -30.44 -10.05
C GLN D 120 50.11 -31.45 -10.03
N GLY D 121 49.40 -31.57 -8.92
CA GLY D 121 48.27 -32.49 -8.87
C GLY D 121 48.64 -33.84 -8.29
N THR D 122 47.64 -34.48 -7.70
CA THR D 122 47.78 -35.81 -7.12
C THR D 122 46.63 -36.68 -7.63
N LEU D 123 46.98 -37.88 -8.10
CA LEU D 123 45.99 -38.84 -8.60
C LEU D 123 46.06 -40.09 -7.74
N VAL D 124 44.91 -40.46 -7.16
CA VAL D 124 44.79 -41.68 -6.36
C VAL D 124 43.77 -42.57 -7.04
N THR D 125 44.19 -43.80 -7.37
CA THR D 125 43.33 -44.75 -8.05
C THR D 125 42.65 -45.65 -7.01
N VAL D 126 41.34 -45.52 -6.88
CA VAL D 126 40.53 -46.34 -5.99
C VAL D 126 39.45 -47.03 -6.80
N SER D 127 39.39 -48.36 -6.68
CA SER D 127 38.43 -49.16 -7.44
C SER D 127 38.38 -50.55 -6.83
N SER D 128 37.31 -51.28 -7.16
CA SER D 128 37.12 -52.63 -6.65
C SER D 128 38.07 -53.61 -7.33
N ASN E 1 -35.69 31.79 41.30
CA ASN E 1 -36.70 31.36 40.34
C ASN E 1 -36.04 30.90 39.04
N LEU E 2 -35.09 31.68 38.55
CA LEU E 2 -34.34 31.38 37.33
C LEU E 2 -32.96 30.88 37.72
N TRP E 3 -32.72 29.58 37.54
CA TRP E 3 -31.46 28.96 37.91
C TRP E 3 -30.89 28.24 36.71
N VAL E 4 -29.65 28.58 36.35
CA VAL E 4 -29.00 27.97 35.19
C VAL E 4 -28.51 26.58 35.56
N THR E 5 -28.55 25.66 34.59
CA THR E 5 -28.07 24.30 34.76
C THR E 5 -27.24 23.91 33.54
N VAL E 6 -26.21 23.11 33.77
CA VAL E 6 -25.31 22.67 32.70
C VAL E 6 -25.67 21.24 32.31
N TYR E 7 -25.38 20.91 31.06
CA TYR E 7 -25.70 19.60 30.49
C TYR E 7 -24.46 19.02 29.83
N TYR E 8 -24.61 17.84 29.24
CA TYR E 8 -23.56 17.23 28.44
C TYR E 8 -24.13 16.10 27.60
N GLY E 9 -23.84 16.11 26.30
CA GLY E 9 -24.40 15.14 25.39
C GLY E 9 -25.57 15.71 24.61
N VAL E 10 -25.56 17.02 24.42
CA VAL E 10 -26.65 17.74 23.78
C VAL E 10 -26.31 17.95 22.30
N PRO E 11 -27.24 17.72 21.37
CA PRO E 11 -26.92 17.88 19.95
C PRO E 11 -27.02 19.31 19.45
N VAL E 12 -25.95 20.09 19.63
CA VAL E 12 -25.79 21.37 18.95
C VAL E 12 -24.43 21.40 18.30
N TRP E 13 -24.34 22.10 17.17
CA TRP E 13 -23.10 22.17 16.42
C TRP E 13 -22.77 23.62 16.12
N LYS E 14 -21.48 23.94 16.15
CA LYS E 14 -20.99 25.26 15.78
C LYS E 14 -20.61 25.24 14.30
N ASP E 15 -21.11 26.22 13.56
CA ASP E 15 -20.80 26.31 12.13
C ASP E 15 -19.36 26.83 12.00
N ALA E 16 -18.43 25.92 11.79
CA ALA E 16 -17.01 26.24 11.80
C ALA E 16 -16.37 25.81 10.49
N GLU E 17 -15.04 25.87 10.46
CA GLU E 17 -14.29 25.54 9.25
C GLU E 17 -13.16 24.58 9.60
N THR E 18 -12.86 23.70 8.65
CA THR E 18 -11.87 22.64 8.85
C THR E 18 -10.83 22.66 7.74
N THR E 19 -10.00 21.63 7.69
CA THR E 19 -9.11 21.36 6.57
C THR E 19 -9.48 19.98 6.05
N LEU E 20 -10.45 19.94 5.14
CA LEU E 20 -10.97 18.69 4.62
C LEU E 20 -9.92 17.98 3.79
N PHE E 21 -10.17 16.70 3.49
CA PHE E 21 -9.25 15.92 2.69
C PHE E 21 -10.00 15.18 1.58
N CYS E 22 -9.28 14.80 0.52
CA CYS E 22 -9.96 14.14 -0.57
C CYS E 22 -10.32 12.70 -0.20
N ALA E 23 -11.28 12.18 -0.96
CA ALA E 23 -11.42 10.74 -1.19
C ALA E 23 -11.47 10.58 -2.69
N SER E 24 -10.53 9.82 -3.24
CA SER E 24 -10.40 9.72 -4.70
C SER E 24 -10.01 8.30 -5.06
N ASP E 25 -10.91 7.61 -5.75
CA ASP E 25 -10.68 6.23 -6.16
C ASP E 25 -9.79 6.18 -7.40
N ALA E 26 -8.63 6.81 -7.33
CA ALA E 26 -7.69 6.87 -8.45
C ALA E 26 -6.59 5.86 -8.25
N LYS E 27 -6.25 5.15 -9.32
CA LYS E 27 -5.31 4.04 -9.24
C LYS E 27 -3.89 4.55 -9.04
N ALA E 28 -2.94 3.62 -9.04
CA ALA E 28 -1.53 3.94 -8.91
C ALA E 28 -0.70 3.60 -10.15
N TYR E 29 -1.29 2.94 -11.14
CA TYR E 29 -0.60 2.57 -12.37
C TYR E 29 -0.93 3.50 -13.52
N GLU E 30 -1.63 4.60 -13.25
CA GLU E 30 -2.06 5.54 -14.28
C GLU E 30 -1.16 6.77 -14.28
N THR E 31 -0.71 7.16 -15.46
CA THR E 31 0.15 8.33 -15.61
C THR E 31 -0.63 9.60 -15.91
N GLU E 32 -1.96 9.54 -15.94
CA GLU E 32 -2.76 10.74 -16.11
C GLU E 32 -2.57 11.67 -14.92
N LYS E 33 -2.50 12.97 -15.20
CA LYS E 33 -2.10 13.93 -14.17
C LYS E 33 -3.16 14.17 -13.11
N HIS E 34 -4.39 13.69 -13.31
CA HIS E 34 -5.38 13.75 -12.24
C HIS E 34 -5.24 12.57 -11.31
N ASN E 35 -5.10 11.36 -11.87
CA ASN E 35 -4.91 10.17 -11.04
C ASN E 35 -3.60 10.26 -10.27
N VAL E 36 -2.55 10.78 -10.90
CA VAL E 36 -1.26 10.88 -10.22
C VAL E 36 -1.38 11.79 -9.00
N TRP E 37 -1.97 12.97 -9.18
CA TRP E 37 -2.12 13.89 -8.06
C TRP E 37 -3.02 13.30 -6.98
N ALA E 38 -4.12 12.66 -7.38
CA ALA E 38 -5.03 12.10 -6.38
C ALA E 38 -4.35 11.02 -5.56
N THR E 39 -3.75 10.03 -6.23
CA THR E 39 -3.09 8.93 -5.53
C THR E 39 -1.85 9.39 -4.79
N HIS E 40 -1.31 10.57 -5.09
CA HIS E 40 -0.15 11.02 -4.34
C HIS E 40 -0.52 11.91 -3.17
N ALA E 41 -1.64 12.63 -3.24
CA ALA E 41 -1.89 13.67 -2.25
C ALA E 41 -3.20 13.50 -1.50
N CYS E 42 -3.98 12.45 -1.74
CA CYS E 42 -5.12 12.19 -0.88
C CYS E 42 -5.65 10.76 -1.01
N VAL E 43 -6.46 10.37 -0.03
CA VAL E 43 -6.67 8.99 0.40
C VAL E 43 -7.67 8.25 -0.48
N PRO E 44 -7.58 6.93 -0.59
CA PRO E 44 -8.64 6.16 -1.26
C PRO E 44 -9.99 6.37 -0.60
N THR E 45 -11.04 6.09 -1.37
CA THR E 45 -12.39 6.49 -1.00
C THR E 45 -12.92 5.63 0.15
N ASP E 46 -14.19 5.85 0.47
CA ASP E 46 -14.84 5.16 1.57
C ASP E 46 -15.27 3.76 1.13
N PRO E 47 -14.86 2.70 1.84
CA PRO E 47 -15.39 1.37 1.52
C PRO E 47 -16.89 1.28 1.69
N ASN E 48 -17.48 2.06 2.60
CA ASN E 48 -18.92 2.07 2.78
C ASN E 48 -19.39 3.44 3.28
N PRO E 49 -20.08 4.21 2.45
CA PRO E 49 -20.60 5.51 2.90
C PRO E 49 -21.61 5.35 4.03
N GLN E 50 -21.64 6.35 4.91
CA GLN E 50 -22.53 6.35 6.07
C GLN E 50 -23.32 7.66 6.07
N GLU E 51 -24.49 7.64 5.45
CA GLU E 51 -25.37 8.80 5.41
C GLU E 51 -26.43 8.67 6.49
N ILE E 52 -26.64 9.74 7.24
CA ILE E 52 -27.59 9.77 8.34
C ILE E 52 -28.59 10.89 8.08
N HIS E 53 -29.88 10.60 8.24
CA HIS E 53 -30.93 11.59 8.03
C HIS E 53 -31.41 12.10 9.38
N LEU E 54 -31.33 13.43 9.56
CA LEU E 54 -31.75 14.07 10.79
C LEU E 54 -33.16 14.61 10.60
N GLU E 55 -34.09 14.14 11.43
CA GLU E 55 -35.51 14.43 11.25
C GLU E 55 -35.89 15.75 11.93
N ASN E 56 -36.94 16.37 11.40
CA ASN E 56 -37.62 17.49 12.04
C ASN E 56 -36.76 18.73 12.23
N VAL E 57 -35.53 18.71 11.70
CA VAL E 57 -34.57 19.77 11.93
C VAL E 57 -34.45 20.62 10.66
N THR E 58 -34.60 21.94 10.82
CA THR E 58 -34.46 22.90 9.74
C THR E 58 -33.19 23.70 9.95
N GLU E 59 -32.36 23.77 8.92
CA GLU E 59 -31.07 24.45 8.99
C GLU E 59 -31.03 25.60 8.00
N GLU E 60 -30.51 26.75 8.45
CA GLU E 60 -30.41 27.94 7.62
C GLU E 60 -29.18 27.81 6.73
N PHE E 61 -29.38 27.26 5.54
CA PHE E 61 -28.27 27.07 4.62
C PHE E 61 -27.86 28.39 3.98
N ASN E 62 -26.71 28.35 3.30
CA ASN E 62 -26.25 29.42 2.43
C ASN E 62 -25.08 28.87 1.63
N MET E 63 -25.02 29.25 0.35
CA MET E 63 -23.96 28.75 -0.52
C MET E 63 -23.06 29.83 -1.04
N TRP E 64 -23.33 31.11 -0.75
CA TRP E 64 -22.49 32.18 -1.26
C TRP E 64 -21.39 32.58 -0.30
N LYS E 65 -21.47 32.18 0.97
CA LYS E 65 -20.43 32.48 1.95
C LYS E 65 -19.91 31.21 2.62
N ASN E 66 -19.87 30.11 1.86
CA ASN E 66 -19.31 28.87 2.35
C ASN E 66 -17.78 28.94 2.32
N ASN E 67 -17.15 27.99 3.02
CA ASN E 67 -15.70 27.88 3.03
C ASN E 67 -15.19 26.70 2.20
N MET E 68 -16.00 25.65 2.07
CA MET E 68 -15.60 24.51 1.25
C MET E 68 -15.26 24.95 -0.17
N VAL E 69 -15.90 26.01 -0.66
CA VAL E 69 -15.57 26.52 -1.98
C VAL E 69 -14.13 26.99 -2.02
N GLU E 70 -13.69 27.71 -0.98
CA GLU E 70 -12.32 28.19 -0.95
C GLU E 70 -11.33 27.06 -0.78
N GLN E 71 -11.66 26.07 0.06
CA GLN E 71 -10.76 24.93 0.23
C GLN E 71 -10.60 24.16 -1.08
N MET E 72 -11.71 23.93 -1.79
CA MET E 72 -11.63 23.25 -3.08
C MET E 72 -10.89 24.11 -4.10
N HIS E 73 -11.06 25.43 -4.04
CA HIS E 73 -10.34 26.31 -4.95
C HIS E 73 -8.84 26.18 -4.76
N THR E 74 -8.38 26.20 -3.50
CA THR E 74 -6.95 26.04 -3.23
C THR E 74 -6.46 24.67 -3.66
N ASP E 75 -7.26 23.62 -3.40
CA ASP E 75 -6.87 22.29 -3.80
C ASP E 75 -6.71 22.18 -5.32
N ILE E 76 -7.64 22.76 -6.08
CA ILE E 76 -7.57 22.69 -7.53
C ILE E 76 -6.46 23.59 -8.06
N ILE E 77 -6.18 24.71 -7.39
CA ILE E 77 -5.03 25.52 -7.77
C ILE E 77 -3.75 24.69 -7.68
N SER E 78 -3.59 23.97 -6.57
CA SER E 78 -2.43 23.09 -6.44
C SER E 78 -2.43 21.99 -7.49
N LEU E 79 -3.60 21.43 -7.77
CA LEU E 79 -3.70 20.35 -8.74
C LEU E 79 -3.23 20.82 -10.12
N TRP E 80 -3.71 21.99 -10.54
CA TRP E 80 -3.31 22.49 -11.86
C TRP E 80 -1.85 22.93 -11.87
N ASP E 81 -1.37 23.50 -10.77
CA ASP E 81 0.04 23.88 -10.69
C ASP E 81 0.93 22.67 -10.89
N GLN E 82 0.57 21.54 -10.30
CA GLN E 82 1.39 20.34 -10.46
C GLN E 82 1.15 19.64 -11.79
N SER E 83 -0.05 19.74 -12.35
CA SER E 83 -0.39 18.98 -13.56
C SER E 83 0.00 19.71 -14.83
N LEU E 84 -0.57 20.89 -15.06
CA LEU E 84 -0.35 21.63 -16.29
C LEU E 84 0.80 22.61 -16.06
N LYS E 85 1.89 22.40 -16.78
CA LYS E 85 3.07 23.24 -16.61
C LYS E 85 3.23 24.16 -17.80
N PRO E 86 2.91 25.45 -17.68
CA PRO E 86 3.11 26.38 -18.79
C PRO E 86 4.58 26.52 -19.13
N CYS E 87 4.85 26.82 -20.40
CA CYS E 87 6.22 27.01 -20.83
C CYS E 87 6.80 28.31 -20.30
N VAL E 88 6.06 29.42 -20.44
CA VAL E 88 6.60 30.75 -20.21
C VAL E 88 5.75 31.46 -19.16
N LYS E 89 5.27 30.71 -18.17
CA LYS E 89 4.38 31.24 -17.13
C LYS E 89 4.83 32.61 -16.63
N LEU E 90 3.86 33.49 -16.39
CA LEU E 90 4.09 34.81 -15.83
C LEU E 90 3.34 34.97 -14.52
N THR E 91 3.85 35.86 -13.68
CA THR E 91 3.18 36.22 -12.42
C THR E 91 3.45 37.68 -12.13
N PRO E 92 2.74 38.60 -12.81
CA PRO E 92 2.92 40.02 -12.52
C PRO E 92 2.56 40.34 -11.08
N LEU E 93 3.38 41.21 -10.47
CA LEU E 93 3.16 41.66 -9.10
C LEU E 93 3.51 43.14 -9.03
N CYS E 94 2.65 43.90 -8.36
CA CYS E 94 2.84 45.35 -8.25
C CYS E 94 1.89 45.90 -7.19
N VAL E 95 2.33 46.97 -6.54
CA VAL E 95 1.53 47.61 -5.50
C VAL E 95 1.90 49.09 -5.41
N ASN E 163 5.34 48.63 -14.81
CA ASN E 163 5.20 48.74 -13.36
C ASN E 163 5.35 47.38 -12.69
N CYS E 164 4.43 46.48 -12.99
CA CYS E 164 4.45 45.15 -12.39
C CYS E 164 5.57 44.32 -12.99
N ASN E 165 6.38 43.70 -12.13
CA ASN E 165 7.56 42.94 -12.56
C ASN E 165 7.10 41.59 -13.10
N THR E 166 7.01 41.49 -14.42
CA THR E 166 6.61 40.23 -15.05
C THR E 166 7.75 39.22 -14.96
N SER E 167 7.74 38.39 -13.92
CA SER E 167 8.82 37.45 -13.66
C SER E 167 8.59 36.18 -14.47
N ALA E 168 9.33 36.03 -15.56
CA ALA E 168 9.25 34.80 -16.34
C ALA E 168 9.71 33.61 -15.50
N ILE E 169 8.96 32.52 -15.58
CA ILE E 169 9.28 31.31 -14.83
C ILE E 169 9.44 30.17 -15.83
N THR E 170 10.01 30.49 -16.99
CA THR E 170 10.15 29.55 -18.09
C THR E 170 10.62 28.17 -17.61
N GLN E 171 9.99 27.14 -18.14
CA GLN E 171 10.25 25.76 -17.74
C GLN E 171 9.86 24.84 -18.89
N ALA E 172 9.86 23.54 -18.64
CA ALA E 172 9.51 22.55 -19.64
C ALA E 172 8.03 22.22 -19.58
N CYS E 173 7.39 22.10 -20.74
CA CYS E 173 5.95 21.95 -20.86
C CYS E 173 5.61 20.74 -21.71
N PRO E 174 5.77 19.53 -21.19
CA PRO E 174 5.43 18.34 -21.96
C PRO E 174 3.94 18.04 -21.89
N LYS E 175 3.38 17.64 -23.02
CA LYS E 175 1.97 17.27 -23.07
C LYS E 175 1.74 15.99 -22.27
N VAL E 176 0.53 15.86 -21.72
CA VAL E 176 0.21 14.74 -20.84
C VAL E 176 -1.30 14.62 -20.77
N SER E 177 -1.79 13.38 -20.63
CA SER E 177 -3.21 13.14 -20.52
C SER E 177 -3.78 13.83 -19.27
N PHE E 178 -4.92 14.49 -19.44
CA PHE E 178 -5.47 15.32 -18.37
C PHE E 178 -7.00 15.27 -18.50
N GLU E 179 -7.61 14.37 -17.75
CA GLU E 179 -9.06 14.22 -17.76
C GLU E 179 -9.56 14.19 -16.32
N PRO E 180 -10.55 15.01 -15.97
CA PRO E 180 -11.00 15.08 -14.58
C PRO E 180 -11.54 13.75 -14.08
N ILE E 181 -11.36 13.51 -12.78
CA ILE E 181 -11.88 12.34 -12.09
C ILE E 181 -12.68 12.81 -10.88
N PRO E 182 -13.65 12.05 -10.39
CA PRO E 182 -14.43 12.51 -9.25
C PRO E 182 -13.57 12.62 -8.00
N ILE E 183 -13.97 13.53 -7.12
CA ILE E 183 -13.21 13.85 -5.92
C ILE E 183 -14.17 14.19 -4.78
N HIS E 184 -14.16 13.40 -3.72
CA HIS E 184 -15.00 13.66 -2.56
C HIS E 184 -14.22 14.51 -1.57
N TYR E 185 -14.91 15.41 -0.87
CA TYR E 185 -14.28 16.20 0.18
C TYR E 185 -14.86 15.77 1.52
N CYS E 186 -13.99 15.32 2.41
CA CYS E 186 -14.42 14.70 3.66
C CYS E 186 -13.86 15.47 4.84
N ALA E 187 -14.64 15.50 5.93
CA ALA E 187 -14.36 16.18 7.20
C ALA E 187 -13.65 15.25 8.16
N PRO E 188 -12.47 15.61 8.66
CA PRO E 188 -11.71 14.72 9.52
C PRO E 188 -11.93 15.01 11.01
N ALA E 189 -11.91 13.92 11.78
CA ALA E 189 -11.70 13.96 13.23
C ALA E 189 -12.62 14.95 13.93
N GLY E 190 -13.92 14.64 13.88
CA GLY E 190 -14.89 15.32 14.70
C GLY E 190 -15.69 16.43 14.03
N PHE E 191 -15.63 16.57 12.71
CA PHE E 191 -16.47 17.50 11.98
C PHE E 191 -17.42 16.73 11.07
N ALA E 192 -18.60 17.30 10.84
CA ALA E 192 -19.62 16.63 10.05
C ALA E 192 -20.12 17.55 8.94
N ILE E 193 -20.32 16.98 7.76
CA ILE E 193 -20.77 17.73 6.60
C ILE E 193 -22.26 17.52 6.43
N LEU E 194 -23.04 18.57 6.66
CA LEU E 194 -24.46 18.51 6.39
C LEU E 194 -24.71 18.38 4.88
N LYS E 195 -25.98 18.22 4.52
CA LYS E 195 -26.39 18.17 3.12
C LYS E 195 -27.88 18.41 3.03
N CYS E 196 -28.27 19.29 2.12
CA CYS E 196 -29.68 19.60 1.89
C CYS E 196 -30.22 18.62 0.85
N LYS E 197 -30.78 17.51 1.31
CA LYS E 197 -31.34 16.51 0.41
C LYS E 197 -32.55 17.04 -0.35
N ASP E 198 -33.13 18.15 0.09
CA ASP E 198 -34.25 18.74 -0.61
C ASP E 198 -33.84 19.23 -1.99
N LYS E 199 -34.70 18.99 -2.98
CA LYS E 199 -34.36 19.27 -4.37
C LYS E 199 -34.68 20.70 -4.80
N LYS E 200 -35.86 21.20 -4.44
CA LYS E 200 -36.21 22.57 -4.78
C LYS E 200 -35.40 23.51 -3.88
N PHE E 201 -34.28 24.00 -4.40
CA PHE E 201 -33.39 24.83 -3.61
C PHE E 201 -33.47 26.29 -4.04
N ASN E 202 -33.13 27.16 -3.09
CA ASN E 202 -33.43 28.58 -3.19
C ASN E 202 -32.22 29.43 -2.82
N GLY E 203 -31.08 28.81 -2.55
CA GLY E 203 -29.90 29.52 -2.11
C GLY E 203 -29.78 29.49 -0.61
N THR E 204 -30.13 30.60 0.04
CA THR E 204 -30.21 30.64 1.49
C THR E 204 -31.53 30.02 1.92
N GLY E 205 -31.90 30.20 3.19
CA GLY E 205 -33.17 29.74 3.69
C GLY E 205 -33.11 28.38 4.34
N PRO E 206 -34.26 27.90 4.82
CA PRO E 206 -34.29 26.60 5.47
C PRO E 206 -34.34 25.45 4.47
N CYS E 207 -33.82 24.31 4.91
CA CYS E 207 -33.90 23.07 4.15
C CYS E 207 -34.36 21.96 5.08
N PRO E 208 -35.67 21.79 5.24
CA PRO E 208 -36.16 20.78 6.18
C PRO E 208 -36.05 19.36 5.64
N SER E 209 -34.90 19.02 5.05
CA SER E 209 -34.61 17.65 4.65
C SER E 209 -33.14 17.31 4.86
N VAL E 210 -32.49 17.95 5.85
CA VAL E 210 -31.04 17.89 5.96
C VAL E 210 -30.59 16.46 6.31
N SER E 211 -29.31 16.20 6.06
CA SER E 211 -28.72 14.90 6.35
C SER E 211 -27.22 15.05 6.50
N THR E 212 -26.66 14.40 7.52
CA THR E 212 -25.23 14.43 7.78
C THR E 212 -24.55 13.30 7.01
N VAL E 213 -23.47 13.63 6.31
CA VAL E 213 -22.62 12.66 5.64
C VAL E 213 -21.18 12.92 6.05
N GLN E 214 -20.30 11.97 5.74
CA GLN E 214 -18.88 12.14 6.05
C GLN E 214 -18.04 12.47 4.84
N CYS E 215 -18.40 11.97 3.66
CA CYS E 215 -17.70 12.27 2.42
C CYS E 215 -18.71 12.78 1.40
N THR E 216 -18.40 13.92 0.78
CA THR E 216 -19.27 14.49 -0.23
C THR E 216 -19.34 13.60 -1.46
N HIS E 217 -20.36 13.83 -2.28
CA HIS E 217 -20.45 13.14 -3.55
C HIS E 217 -19.29 13.52 -4.44
N GLY E 218 -18.80 12.55 -5.21
CA GLY E 218 -17.65 12.77 -6.07
C GLY E 218 -17.83 13.97 -6.98
N ILE E 219 -17.06 15.02 -6.75
CA ILE E 219 -17.21 16.28 -7.47
C ILE E 219 -16.04 16.39 -8.44
N LYS E 220 -16.34 16.39 -9.73
CA LYS E 220 -15.30 16.45 -10.74
C LYS E 220 -14.78 17.88 -10.86
N PRO E 221 -13.49 18.12 -10.71
CA PRO E 221 -12.94 19.47 -10.85
C PRO E 221 -12.74 19.87 -12.31
N VAL E 222 -13.85 20.16 -12.98
CA VAL E 222 -13.86 20.47 -14.40
C VAL E 222 -13.97 21.99 -14.56
N VAL E 223 -13.02 22.56 -15.29
CA VAL E 223 -12.96 24.00 -15.48
C VAL E 223 -13.60 24.35 -16.82
N SER E 224 -14.46 25.36 -16.82
CA SER E 224 -15.09 25.85 -18.04
C SER E 224 -15.66 27.23 -17.77
N THR E 225 -16.02 27.91 -18.85
CA THR E 225 -16.64 29.23 -18.78
C THR E 225 -18.00 29.18 -19.46
N GLN E 226 -19.00 29.77 -18.81
CA GLN E 226 -20.34 29.95 -19.37
C GLN E 226 -21.12 28.65 -19.46
N LEU E 227 -20.47 27.52 -19.20
CA LEU E 227 -21.09 26.21 -19.40
C LEU E 227 -20.41 25.23 -18.46
N LEU E 228 -21.11 24.85 -17.40
CA LEU E 228 -20.54 24.00 -16.36
C LEU E 228 -20.57 22.56 -16.84
N LEU E 229 -19.57 22.20 -17.63
CA LEU E 229 -19.52 20.90 -18.26
C LEU E 229 -19.36 19.78 -17.22
N ASN E 230 -19.81 18.59 -17.60
CA ASN E 230 -19.61 17.36 -16.81
C ASN E 230 -20.13 17.49 -15.39
N GLY E 231 -21.11 18.36 -15.19
CA GLY E 231 -21.58 18.66 -13.86
C GLY E 231 -22.53 17.62 -13.31
N SER E 232 -23.22 18.02 -12.24
CA SER E 232 -24.23 17.20 -11.60
C SER E 232 -25.57 17.92 -11.71
N LEU E 233 -26.61 17.14 -12.02
CA LEU E 233 -27.90 17.69 -12.42
C LEU E 233 -28.83 17.83 -11.22
N ALA E 234 -29.92 18.58 -11.44
CA ALA E 234 -30.96 18.73 -10.44
C ALA E 234 -31.86 17.51 -10.47
N GLU E 235 -32.99 17.58 -9.80
CA GLU E 235 -33.89 16.44 -9.77
C GLU E 235 -35.31 16.76 -10.22
N GLU E 236 -35.82 17.95 -9.89
CA GLU E 236 -37.20 18.31 -10.22
C GLU E 236 -37.29 19.28 -11.39
N GLU E 237 -36.64 20.43 -11.30
CA GLU E 237 -36.75 21.44 -12.34
C GLU E 237 -35.48 22.29 -12.36
N VAL E 238 -35.25 22.94 -13.50
CA VAL E 238 -34.14 23.88 -13.59
C VAL E 238 -34.36 25.00 -12.59
N MET E 239 -33.34 25.28 -11.77
CA MET E 239 -33.49 26.20 -10.66
C MET E 239 -32.53 27.36 -10.82
N ILE E 240 -33.02 28.56 -10.53
CA ILE E 240 -32.25 29.79 -10.65
C ILE E 240 -31.69 30.16 -9.29
N ARG E 241 -30.42 30.52 -9.25
CA ARG E 241 -29.72 30.77 -8.00
C ARG E 241 -29.11 32.16 -8.02
N SER E 242 -29.60 33.02 -7.12
CA SER E 242 -29.00 34.32 -6.84
C SER E 242 -29.52 34.79 -5.49
N GLU E 243 -28.62 35.34 -4.66
CA GLU E 243 -29.01 35.71 -3.31
C GLU E 243 -30.01 36.87 -3.31
N ASN E 244 -29.73 37.91 -4.07
CA ASN E 244 -30.60 39.08 -4.15
C ASN E 244 -30.59 39.56 -5.59
N ILE E 245 -31.71 39.41 -6.29
CA ILE E 245 -31.76 39.77 -7.71
C ILE E 245 -32.14 41.24 -7.75
N THR E 246 -31.16 42.09 -7.44
CA THR E 246 -31.31 43.53 -7.57
C THR E 246 -30.03 44.22 -8.00
N ASN E 247 -28.94 43.49 -8.24
CA ASN E 247 -27.62 44.09 -8.33
C ASN E 247 -27.08 44.17 -9.75
N ASN E 248 -27.61 43.37 -10.67
CA ASN E 248 -27.32 43.49 -12.10
C ASN E 248 -25.91 43.01 -12.43
N ALA E 249 -25.12 42.71 -11.39
CA ALA E 249 -23.82 42.10 -11.56
C ALA E 249 -23.59 40.91 -10.65
N LYS E 250 -24.33 40.79 -9.55
CA LYS E 250 -24.31 39.58 -8.74
C LYS E 250 -24.75 38.41 -9.61
N ASN E 251 -23.84 37.45 -9.83
CA ASN E 251 -24.02 36.47 -10.87
C ASN E 251 -25.24 35.58 -10.59
N ILE E 252 -25.73 34.96 -11.65
CA ILE E 252 -26.89 34.07 -11.59
C ILE E 252 -26.44 32.70 -12.08
N LEU E 253 -26.78 31.67 -11.31
CA LEU E 253 -26.42 30.30 -11.66
C LEU E 253 -27.67 29.52 -12.04
N VAL E 254 -27.55 28.66 -13.06
CA VAL E 254 -28.68 27.88 -13.55
C VAL E 254 -28.24 26.43 -13.70
N GLN E 255 -29.06 25.51 -13.21
CA GLN E 255 -28.77 24.08 -13.26
C GLN E 255 -29.80 23.36 -14.12
N PHE E 256 -29.39 22.26 -14.74
CA PHE E 256 -30.19 21.58 -15.76
C PHE E 256 -30.72 20.24 -15.25
N ASN E 257 -31.97 19.95 -15.61
CA ASN E 257 -32.55 18.63 -15.34
C ASN E 257 -31.85 17.54 -16.15
N THR E 258 -31.63 17.81 -17.43
CA THR E 258 -31.10 16.81 -18.35
C THR E 258 -29.89 17.38 -19.08
N PRO E 259 -28.88 16.57 -19.33
CA PRO E 259 -27.72 17.07 -20.08
C PRO E 259 -28.11 17.49 -21.49
N VAL E 260 -27.31 18.39 -22.04
CA VAL E 260 -27.54 19.00 -23.34
C VAL E 260 -26.39 18.53 -24.21
N GLN E 261 -26.03 17.26 -24.04
CA GLN E 261 -24.72 16.70 -24.38
C GLN E 261 -24.07 17.34 -25.60
N ILE E 262 -22.83 17.79 -25.42
CA ILE E 262 -22.06 18.49 -26.44
C ILE E 262 -20.82 17.67 -26.74
N ASN E 263 -20.52 17.50 -28.03
CA ASN E 263 -19.41 16.68 -28.45
C ASN E 263 -18.40 17.56 -29.19
N CYS E 264 -17.20 17.67 -28.64
CA CYS E 264 -16.22 18.65 -29.06
C CYS E 264 -15.00 17.94 -29.61
N THR E 265 -14.60 18.29 -30.84
CA THR E 265 -13.48 17.58 -31.42
C THR E 265 -12.82 18.45 -32.48
N ARG E 266 -11.57 18.12 -32.77
CA ARG E 266 -10.87 18.69 -33.89
C ARG E 266 -10.55 17.57 -34.89
N PRO E 267 -10.75 17.82 -36.18
CA PRO E 267 -10.57 16.75 -37.17
C PRO E 267 -9.15 16.22 -37.17
N ASN E 268 -9.03 14.92 -37.45
CA ASN E 268 -7.73 14.24 -37.49
C ASN E 268 -6.83 14.74 -38.60
N ASN E 269 -7.36 15.45 -39.59
CA ASN E 269 -6.55 15.95 -40.69
C ASN E 269 -6.02 17.36 -40.39
N ASP E 292 -6.50 23.57 -40.38
CA ASP E 292 -5.08 23.61 -40.05
C ASP E 292 -4.72 22.56 -39.02
N ILE E 293 -4.26 23.01 -37.85
CA ILE E 293 -3.86 22.11 -36.77
C ILE E 293 -4.60 22.52 -35.51
N ARG E 294 -5.02 23.78 -35.45
CA ARG E 294 -5.62 24.35 -34.26
C ARG E 294 -7.04 24.84 -34.51
N GLN E 295 -7.84 24.03 -35.20
CA GLN E 295 -9.24 24.32 -35.47
C GLN E 295 -10.09 23.15 -35.01
N ALA E 296 -11.23 23.46 -34.39
CA ALA E 296 -12.10 22.44 -33.82
C ALA E 296 -13.52 22.95 -33.79
N HIS E 297 -14.46 22.03 -33.56
CA HIS E 297 -15.86 22.39 -33.51
C HIS E 297 -16.55 21.59 -32.41
N CYS E 298 -17.58 22.20 -31.83
CA CYS E 298 -18.39 21.59 -30.80
C CYS E 298 -19.82 21.48 -31.32
N ASN E 299 -20.30 20.25 -31.51
CA ASN E 299 -21.63 20.01 -32.04
C ASN E 299 -22.56 19.67 -30.88
N VAL E 300 -23.74 20.31 -30.86
CA VAL E 300 -24.75 20.07 -29.83
C VAL E 300 -26.11 20.06 -30.49
N SER E 301 -26.99 19.16 -30.05
CA SER E 301 -28.31 19.03 -30.67
C SER E 301 -29.11 20.31 -30.54
N LYS E 302 -29.81 20.68 -31.61
CA LYS E 302 -30.58 21.91 -31.62
C LYS E 302 -31.81 21.81 -30.72
N ALA E 303 -32.54 20.68 -30.81
CA ALA E 303 -33.79 20.56 -30.07
C ALA E 303 -33.56 20.57 -28.57
N THR E 304 -32.53 19.87 -28.09
CA THR E 304 -32.25 19.82 -26.66
C THR E 304 -31.91 21.20 -26.13
N TRP E 305 -31.06 21.94 -26.86
CA TRP E 305 -30.76 23.31 -26.47
C TRP E 305 -32.01 24.15 -26.44
N ASN E 306 -32.89 23.98 -27.44
CA ASN E 306 -34.12 24.74 -27.48
C ASN E 306 -34.99 24.48 -26.24
N GLU E 307 -35.23 23.21 -25.93
CA GLU E 307 -36.11 22.91 -24.80
C GLU E 307 -35.49 23.34 -23.48
N THR E 308 -34.18 23.14 -23.30
CA THR E 308 -33.56 23.55 -22.05
C THR E 308 -33.60 25.06 -21.89
N LEU E 309 -33.36 25.81 -22.97
CA LEU E 309 -33.53 27.25 -22.91
C LEU E 309 -34.96 27.62 -22.60
N GLY E 310 -35.93 26.84 -23.10
CA GLY E 310 -37.32 27.12 -22.77
C GLY E 310 -37.61 26.97 -21.29
N LYS E 311 -37.12 25.89 -20.69
CA LYS E 311 -37.31 25.72 -19.25
C LYS E 311 -36.62 26.83 -18.48
N VAL E 312 -35.41 27.21 -18.90
CA VAL E 312 -34.68 28.28 -18.22
C VAL E 312 -35.46 29.58 -18.28
N VAL E 313 -35.98 29.93 -19.47
CA VAL E 313 -36.66 31.20 -19.63
C VAL E 313 -38.00 31.20 -18.89
N LYS E 314 -38.69 30.05 -18.86
CA LYS E 314 -39.91 29.98 -18.06
C LYS E 314 -39.62 30.22 -16.58
N GLN E 315 -38.56 29.58 -16.07
CA GLN E 315 -38.21 29.77 -14.66
C GLN E 315 -37.79 31.21 -14.38
N LEU E 316 -37.04 31.82 -15.30
CA LEU E 316 -36.63 33.21 -15.11
C LEU E 316 -37.83 34.13 -15.14
N ARG E 317 -38.81 33.84 -16.00
CA ARG E 317 -40.04 34.63 -16.03
C ARG E 317 -40.78 34.50 -14.71
N LYS E 318 -40.86 33.29 -14.16
CA LYS E 318 -41.56 33.10 -12.91
C LYS E 318 -40.82 33.77 -11.75
N HIS E 319 -39.49 33.86 -11.84
CA HIS E 319 -38.74 34.58 -10.81
C HIS E 319 -38.93 36.08 -10.94
N PHE E 320 -38.96 36.59 -12.17
CA PHE E 320 -39.12 38.00 -12.45
C PHE E 320 -40.60 38.34 -12.61
N GLY E 321 -40.89 39.52 -13.14
CA GLY E 321 -42.28 39.90 -13.35
C GLY E 321 -42.99 38.97 -14.31
N ASN E 322 -44.28 38.79 -14.06
CA ASN E 322 -45.09 37.90 -14.89
C ASN E 322 -45.34 38.52 -16.26
N ASN E 323 -45.34 37.67 -17.29
CA ASN E 323 -45.65 38.08 -18.66
C ASN E 323 -44.70 39.19 -19.13
N THR E 324 -43.42 38.85 -19.20
CA THR E 324 -42.39 39.80 -19.59
C THR E 324 -41.55 39.21 -20.73
N ILE E 325 -40.89 40.11 -21.46
CA ILE E 325 -40.07 39.74 -22.60
C ILE E 325 -38.65 39.57 -22.10
N ILE E 326 -38.09 38.36 -22.25
CA ILE E 326 -36.73 38.10 -21.79
C ILE E 326 -35.93 37.46 -22.92
N ARG E 327 -34.70 37.91 -23.09
CA ARG E 327 -33.91 37.50 -24.24
C ARG E 327 -32.46 37.27 -23.82
N PHE E 328 -31.76 36.48 -24.62
CA PHE E 328 -30.35 36.21 -24.42
C PHE E 328 -29.52 37.01 -25.42
N ALA E 329 -28.20 36.97 -25.23
CA ALA E 329 -27.33 37.78 -26.06
C ALA E 329 -25.92 37.21 -26.03
N ASN E 330 -25.04 37.78 -26.86
CA ASN E 330 -23.62 37.51 -26.77
C ASN E 330 -23.06 38.06 -25.47
N SER E 331 -21.79 37.78 -25.22
CA SER E 331 -21.14 38.35 -24.04
C SER E 331 -20.92 39.84 -24.23
N SER E 332 -20.92 40.57 -23.11
CA SER E 332 -20.74 42.01 -23.16
C SER E 332 -19.36 42.39 -23.69
N GLY E 333 -18.36 41.55 -23.47
CA GLY E 333 -17.01 41.85 -23.90
C GLY E 333 -15.96 41.20 -23.04
N GLY E 334 -15.04 42.00 -22.53
CA GLY E 334 -14.00 41.48 -21.67
C GLY E 334 -12.94 40.72 -22.44
N ASP E 335 -12.12 39.99 -21.69
CA ASP E 335 -11.05 39.21 -22.30
C ASP E 335 -11.62 38.03 -23.07
N LEU E 336 -10.76 37.40 -23.88
CA LEU E 336 -11.19 36.30 -24.73
C LEU E 336 -11.57 35.06 -23.92
N GLU E 337 -11.14 34.97 -22.67
CA GLU E 337 -11.47 33.84 -21.82
C GLU E 337 -12.91 33.90 -21.32
N VAL E 338 -13.53 35.07 -21.34
CA VAL E 338 -14.88 35.26 -20.85
C VAL E 338 -15.88 35.44 -21.99
N THR E 339 -15.50 36.20 -23.02
CA THR E 339 -16.41 36.50 -24.11
C THR E 339 -16.80 35.27 -24.93
N THR E 340 -16.09 34.16 -24.78
CA THR E 340 -16.47 32.89 -25.38
C THR E 340 -16.73 31.88 -24.26
N HIS E 341 -16.92 30.63 -24.65
CA HIS E 341 -17.03 29.52 -23.72
C HIS E 341 -15.76 28.71 -23.83
N SER E 342 -14.92 28.77 -22.80
CA SER E 342 -13.58 28.19 -22.84
C SER E 342 -13.50 26.99 -21.90
N PHE E 343 -12.81 25.95 -22.35
CA PHE E 343 -12.61 24.77 -21.51
C PHE E 343 -11.34 24.06 -21.93
N ASN E 344 -10.99 23.00 -21.21
CA ASN E 344 -9.80 22.21 -21.49
C ASN E 344 -10.19 20.76 -21.65
N CYS E 345 -9.69 20.14 -22.72
CA CYS E 345 -9.97 18.74 -23.00
C CYS E 345 -8.70 18.08 -23.52
N GLY E 346 -8.34 16.94 -22.94
CA GLY E 346 -7.13 16.25 -23.34
C GLY E 346 -5.86 17.05 -23.15
N GLY E 347 -5.89 18.06 -22.28
CA GLY E 347 -4.76 18.95 -22.11
C GLY E 347 -4.71 20.12 -23.05
N GLU E 348 -5.70 20.28 -23.93
CA GLU E 348 -5.71 21.36 -24.91
C GLU E 348 -6.85 22.32 -24.61
N PHE E 349 -6.58 23.62 -24.80
CA PHE E 349 -7.46 24.70 -24.32
C PHE E 349 -8.37 25.14 -25.46
N PHE E 350 -9.54 24.52 -25.55
CA PHE E 350 -10.52 24.93 -26.54
C PHE E 350 -11.18 26.23 -26.10
N TYR E 351 -11.39 27.14 -27.05
CA TYR E 351 -12.12 28.37 -26.77
C TYR E 351 -13.29 28.47 -27.76
N CYS E 352 -14.41 27.84 -27.43
CA CYS E 352 -15.48 27.64 -28.39
C CYS E 352 -16.57 28.69 -28.23
N ASN E 353 -17.11 29.10 -29.38
CA ASN E 353 -17.95 30.29 -29.49
C ASN E 353 -19.37 29.99 -29.02
N THR E 354 -19.97 30.96 -28.35
CA THR E 354 -21.31 30.80 -27.79
C THR E 354 -22.32 31.80 -28.32
N SER E 355 -21.91 32.76 -29.15
CA SER E 355 -22.86 33.75 -29.66
C SER E 355 -23.96 33.08 -30.47
N GLY E 356 -23.68 31.92 -31.05
CA GLY E 356 -24.71 31.18 -31.76
C GLY E 356 -25.66 30.40 -30.90
N LEU E 357 -25.39 30.31 -29.59
CA LEU E 357 -26.26 29.57 -28.69
C LEU E 357 -27.22 30.47 -27.92
N PHE E 358 -26.85 31.72 -27.66
CA PHE E 358 -27.64 32.62 -26.83
C PHE E 358 -28.18 33.79 -27.64
N ASN E 359 -28.64 33.54 -28.85
CA ASN E 359 -29.29 34.56 -29.67
C ASN E 359 -30.77 34.19 -29.81
N SER E 360 -31.56 34.66 -28.85
CA SER E 360 -32.99 34.36 -28.86
C SER E 360 -33.73 35.40 -28.02
N THR E 361 -35.03 35.49 -28.26
CA THR E 361 -35.94 36.31 -27.46
C THR E 361 -37.18 35.49 -27.14
N TRP E 362 -37.82 35.82 -26.03
CA TRP E 362 -38.94 35.03 -25.52
C TRP E 362 -40.04 35.93 -25.01
N ILE E 363 -41.26 35.66 -25.46
CA ILE E 363 -42.48 36.36 -25.09
C ILE E 363 -43.47 35.31 -24.60
N SER E 364 -44.34 35.71 -23.69
CA SER E 364 -45.36 34.82 -23.12
C SER E 364 -46.19 34.14 -24.20
N ASP E 378 -30.58 20.50 -37.48
CA ASP E 378 -30.75 19.47 -36.45
C ASP E 378 -29.70 19.61 -35.37
N SER E 379 -28.46 19.89 -35.79
CA SER E 379 -27.33 20.05 -34.89
C SER E 379 -26.73 21.42 -35.06
N ILE E 380 -26.63 22.18 -33.96
CA ILE E 380 -26.02 23.50 -33.97
C ILE E 380 -24.56 23.35 -33.55
N THR E 381 -23.67 23.99 -34.30
CA THR E 381 -22.24 23.84 -34.11
C THR E 381 -21.63 25.14 -33.62
N LEU E 382 -20.49 25.01 -32.94
CA LEU E 382 -19.69 26.13 -32.47
C LEU E 382 -18.30 25.99 -33.05
N PRO E 383 -17.82 26.98 -33.82
CA PRO E 383 -16.46 26.92 -34.36
C PRO E 383 -15.47 27.54 -33.39
N CYS E 384 -14.31 26.91 -33.25
CA CYS E 384 -13.39 27.34 -32.21
C CYS E 384 -11.97 26.89 -32.50
N ARG E 385 -11.05 27.39 -31.67
CA ARG E 385 -9.63 27.15 -31.82
C ARG E 385 -9.05 26.68 -30.50
N ILE E 386 -7.93 25.97 -30.61
CA ILE E 386 -7.15 25.53 -29.45
C ILE E 386 -6.15 26.64 -29.15
N LYS E 387 -6.47 27.50 -28.19
CA LYS E 387 -5.59 28.62 -27.89
C LYS E 387 -4.33 28.13 -27.17
N GLN E 388 -3.32 29.00 -27.15
CA GLN E 388 -2.11 28.74 -26.39
C GLN E 388 -1.91 29.73 -25.27
N ILE E 389 -1.86 31.03 -25.56
CA ILE E 389 -1.55 32.03 -24.55
C ILE E 389 -2.80 32.33 -23.74
N ILE E 390 -3.01 31.59 -22.67
CA ILE E 390 -4.22 31.70 -21.88
C ILE E 390 -3.93 32.51 -20.63
N ASN E 391 -4.92 33.24 -20.14
CA ASN E 391 -4.82 33.87 -18.84
C ASN E 391 -5.15 32.84 -17.77
N MET E 392 -4.19 32.58 -16.89
CA MET E 392 -4.39 31.57 -15.86
C MET E 392 -5.61 31.92 -15.02
N TRP E 393 -6.48 30.95 -14.80
CA TRP E 393 -7.64 31.16 -13.95
C TRP E 393 -7.28 31.20 -12.48
N GLN E 394 -6.06 30.78 -12.12
CA GLN E 394 -5.67 30.72 -10.72
C GLN E 394 -5.46 32.11 -10.14
N ARG E 395 -4.94 33.03 -10.94
CA ARG E 395 -4.51 34.33 -10.45
C ARG E 395 -4.32 35.26 -11.64
N ILE E 396 -3.74 36.44 -11.38
CA ILE E 396 -3.46 37.41 -12.42
C ILE E 396 -2.14 37.00 -13.06
N GLY E 397 -2.22 36.41 -14.25
CA GLY E 397 -1.02 35.97 -14.95
C GLY E 397 -1.29 35.89 -16.44
N GLN E 398 -0.32 35.28 -17.14
CA GLN E 398 -0.51 35.01 -18.57
C GLN E 398 0.44 33.86 -18.93
N ALA E 399 -0.10 32.65 -19.00
CA ALA E 399 0.71 31.47 -19.25
C ALA E 399 1.05 31.38 -20.73
N MET E 400 1.60 30.24 -21.14
CA MET E 400 1.75 29.89 -22.55
C MET E 400 2.10 28.42 -22.67
N TYR E 401 1.34 27.67 -23.46
CA TYR E 401 1.50 26.22 -23.52
C TYR E 401 1.96 25.78 -24.89
N ALA E 402 2.24 24.49 -25.01
CA ALA E 402 2.84 23.94 -26.21
C ALA E 402 1.85 23.90 -27.35
N PRO E 403 2.32 23.86 -28.59
CA PRO E 403 1.41 23.74 -29.72
C PRO E 403 0.63 22.44 -29.65
N PRO E 404 -0.61 22.43 -30.15
CA PRO E 404 -1.45 21.24 -30.01
C PRO E 404 -0.86 20.02 -30.69
N ILE E 405 -1.18 18.85 -30.12
CA ILE E 405 -0.68 17.58 -30.62
C ILE E 405 -1.30 17.24 -31.96
N GLN E 406 -0.76 16.23 -32.63
CA GLN E 406 -1.29 15.74 -33.90
C GLN E 406 -2.18 14.53 -33.62
N GLY E 407 -3.44 14.64 -33.98
CA GLY E 407 -4.38 13.54 -33.78
C GLY E 407 -5.76 14.10 -33.49
N VAL E 408 -6.68 13.18 -33.24
CA VAL E 408 -8.06 13.53 -32.90
C VAL E 408 -8.15 13.75 -31.40
N ILE E 409 -8.73 14.89 -31.01
CA ILE E 409 -8.93 15.24 -29.61
C ILE E 409 -10.44 15.32 -29.42
N ARG E 410 -11.04 14.26 -28.89
CA ARG E 410 -12.48 14.13 -28.79
C ARG E 410 -12.91 14.18 -27.34
N CYS E 411 -14.01 14.89 -27.08
CA CYS E 411 -14.55 15.00 -25.72
C CYS E 411 -16.06 15.08 -25.82
N VAL E 412 -16.74 14.03 -25.37
CA VAL E 412 -18.19 13.99 -25.35
C VAL E 412 -18.64 14.29 -23.93
N SER E 413 -19.02 15.54 -23.67
CA SER E 413 -19.26 16.01 -22.31
C SER E 413 -20.66 16.61 -22.20
N ASN E 414 -21.25 16.46 -21.02
CA ASN E 414 -22.58 17.00 -20.78
C ASN E 414 -22.50 18.50 -20.57
N ILE E 415 -23.66 19.12 -20.37
CA ILE E 415 -23.74 20.52 -20.01
C ILE E 415 -24.81 20.66 -18.92
N THR E 416 -24.40 20.79 -17.67
CA THR E 416 -25.35 20.82 -16.57
C THR E 416 -25.42 22.18 -15.90
N GLY E 417 -25.03 23.25 -16.59
CA GLY E 417 -25.09 24.54 -15.96
C GLY E 417 -24.90 25.73 -16.88
N LEU E 418 -25.47 26.86 -16.48
CA LEU E 418 -25.30 28.14 -17.12
C LEU E 418 -24.94 29.19 -16.09
N ILE E 419 -24.18 30.18 -16.52
CA ILE E 419 -23.85 31.34 -15.72
C ILE E 419 -24.32 32.56 -16.49
N LEU E 420 -25.16 33.37 -15.87
CA LEU E 420 -25.80 34.50 -16.54
C LEU E 420 -25.71 35.74 -15.67
N THR E 421 -25.91 36.90 -16.30
CA THR E 421 -26.03 38.16 -15.59
C THR E 421 -27.02 39.05 -16.30
N ARG E 422 -27.64 39.96 -15.56
CA ARG E 422 -28.66 40.83 -16.12
C ARG E 422 -28.01 41.95 -16.93
N ASP E 423 -28.85 42.67 -17.67
CA ASP E 423 -28.37 43.75 -18.51
C ASP E 423 -28.09 45.00 -17.67
N GLY E 424 -27.19 45.85 -18.19
CA GLY E 424 -26.82 47.05 -17.46
C GLY E 424 -27.97 48.02 -17.30
N GLY E 425 -28.73 48.24 -18.36
CA GLY E 425 -29.84 49.18 -18.31
C GLY E 425 -31.11 48.65 -18.93
N SER E 429 -36.29 50.58 -17.00
CA SER E 429 -36.05 49.31 -17.67
C SER E 429 -37.33 48.48 -17.76
N THR E 430 -37.64 48.01 -18.97
CA THR E 430 -38.85 47.23 -19.21
C THR E 430 -38.58 45.88 -19.87
N THR E 431 -37.38 45.65 -20.39
CA THR E 431 -37.03 44.39 -21.02
C THR E 431 -35.70 43.90 -20.46
N GLU E 432 -35.55 42.58 -20.37
CA GLU E 432 -34.40 41.97 -19.72
C GLU E 432 -33.68 41.05 -20.68
N THR E 433 -32.36 41.21 -20.77
CA THR E 433 -31.51 40.32 -21.55
C THR E 433 -30.38 39.81 -20.67
N PHE E 434 -29.89 38.62 -21.00
CA PHE E 434 -28.96 37.89 -20.17
C PHE E 434 -27.71 37.55 -20.97
N ARG E 435 -26.67 38.36 -20.81
CA ARG E 435 -25.40 38.12 -21.49
C ARG E 435 -24.55 37.18 -20.64
N PRO E 436 -24.22 35.99 -21.13
CA PRO E 436 -23.51 35.03 -20.29
C PRO E 436 -22.02 35.31 -20.24
N GLY E 437 -21.44 35.02 -19.08
CA GLY E 437 -20.01 35.14 -18.90
C GLY E 437 -19.57 34.66 -17.52
N GLY E 438 -18.56 33.80 -17.48
CA GLY E 438 -18.07 33.28 -16.23
C GLY E 438 -16.78 33.94 -15.80
N GLY E 439 -15.66 33.26 -16.01
CA GLY E 439 -14.37 33.81 -15.64
C GLY E 439 -13.78 33.14 -14.42
N ASP E 440 -13.78 33.83 -13.29
CA ASP E 440 -13.27 33.24 -12.06
C ASP E 440 -14.07 31.99 -11.72
N MET E 441 -13.37 30.95 -11.29
CA MET E 441 -13.99 29.63 -11.14
C MET E 441 -14.29 29.30 -9.69
N ARG E 442 -14.73 30.28 -8.91
CA ARG E 442 -15.37 29.99 -7.64
C ARG E 442 -16.87 29.75 -7.80
N ASP E 443 -17.45 30.18 -8.92
CA ASP E 443 -18.84 29.84 -9.20
C ASP E 443 -18.98 28.40 -9.66
N ASN E 444 -17.98 27.90 -10.40
CA ASN E 444 -18.02 26.51 -10.86
C ASN E 444 -18.23 25.56 -9.69
N TRP E 445 -17.66 25.89 -8.53
CA TRP E 445 -17.72 25.03 -7.36
C TRP E 445 -18.72 25.50 -6.32
N ARG E 446 -19.08 26.79 -6.33
CA ARG E 446 -20.26 27.22 -5.59
C ARG E 446 -21.52 26.58 -6.13
N SER E 447 -21.50 26.18 -7.40
CA SER E 447 -22.64 25.49 -8.00
C SER E 447 -22.75 24.04 -7.56
N GLU E 448 -21.62 23.37 -7.35
CA GLU E 448 -21.63 21.96 -7.00
C GLU E 448 -21.44 21.70 -5.52
N LEU E 449 -21.03 22.71 -4.75
CA LEU E 449 -20.92 22.61 -3.29
C LEU E 449 -21.99 23.43 -2.59
N TYR E 450 -23.13 23.68 -3.27
CA TYR E 450 -24.17 24.51 -2.69
C TYR E 450 -24.94 23.80 -1.59
N LYS E 451 -25.07 22.48 -1.72
CA LYS E 451 -25.77 21.67 -0.73
C LYS E 451 -24.82 21.10 0.31
N TYR E 452 -23.97 21.94 0.89
CA TYR E 452 -22.95 21.43 1.80
C TYR E 452 -22.54 22.51 2.78
N LYS E 453 -22.07 22.06 3.94
CA LYS E 453 -21.75 22.89 5.08
C LYS E 453 -21.07 22.02 6.11
N VAL E 454 -20.13 22.60 6.86
CA VAL E 454 -19.35 21.85 7.83
C VAL E 454 -19.68 22.37 9.22
N VAL E 455 -19.94 21.45 10.15
CA VAL E 455 -20.26 21.79 11.52
C VAL E 455 -19.38 20.98 12.46
N LYS E 456 -19.18 21.52 13.67
CA LYS E 456 -18.41 20.85 14.71
C LYS E 456 -19.32 20.58 15.90
N ILE E 457 -19.31 19.34 16.38
CA ILE E 457 -20.20 18.93 17.44
C ILE E 457 -19.75 19.54 18.75
N GLU E 458 -20.66 20.23 19.45
CA GLU E 458 -20.37 20.71 20.80
C GLU E 458 -21.44 20.16 21.73
N PRO E 459 -21.12 19.21 22.59
CA PRO E 459 -22.16 18.58 23.41
C PRO E 459 -22.41 19.32 24.70
N LEU E 460 -22.01 20.59 24.75
CA LEU E 460 -22.19 21.43 25.92
C LEU E 460 -23.35 22.38 25.69
N GLY E 461 -24.19 22.57 26.71
CA GLY E 461 -25.30 23.49 26.62
C GLY E 461 -25.99 23.71 27.95
N VAL E 462 -26.23 24.98 28.31
CA VAL E 462 -26.87 25.31 29.56
C VAL E 462 -28.36 25.56 29.30
N ALA E 463 -29.15 25.60 30.36
CA ALA E 463 -30.59 25.74 30.23
C ALA E 463 -31.17 26.27 31.53
N PRO E 464 -32.23 27.07 31.48
CA PRO E 464 -32.89 27.59 32.70
C PRO E 464 -34.03 26.74 33.25
N THR E 465 -33.70 25.63 33.90
CA THR E 465 -34.68 24.83 34.60
C THR E 465 -34.46 24.91 36.10
N ARG E 466 -35.50 24.55 36.85
CA ARG E 466 -35.53 24.78 38.29
C ARG E 466 -34.59 23.81 39.01
N CYS E 467 -33.65 24.37 39.78
CA CYS E 467 -32.75 23.60 40.62
C CYS E 467 -32.48 24.36 41.91
N LYS E 468 -32.05 23.60 42.92
CA LYS E 468 -31.58 24.17 44.16
C LYS E 468 -30.63 23.17 44.80
N ARG E 469 -29.44 23.63 45.17
CA ARG E 469 -28.43 22.78 45.78
C ARG E 469 -28.26 23.17 47.25
N ARG E 470 -28.38 22.18 48.13
CA ARG E 470 -28.24 22.42 49.56
C ARG E 470 -26.82 22.83 49.92
N PHE F 8 -19.08 8.53 17.59
CA PHE F 8 -18.85 9.84 18.17
C PHE F 8 -20.08 10.70 17.93
N LEU F 9 -20.15 11.29 16.74
CA LEU F 9 -21.19 12.24 16.35
C LEU F 9 -22.55 11.61 16.13
N GLY F 10 -22.71 10.31 16.41
CA GLY F 10 -24.00 9.67 16.23
C GLY F 10 -25.07 10.19 17.16
N PHE F 11 -24.68 10.85 18.25
CA PHE F 11 -25.64 11.46 19.17
C PHE F 11 -26.10 12.81 18.65
N LEU F 12 -26.51 12.86 17.39
CA LEU F 12 -26.97 14.08 16.75
C LEU F 12 -28.38 14.01 16.20
N GLY F 13 -28.89 12.81 15.92
CA GLY F 13 -30.23 12.67 15.37
C GLY F 13 -31.31 13.20 16.28
N ALA F 14 -31.01 13.38 17.56
CA ALA F 14 -31.96 13.95 18.50
C ALA F 14 -32.15 15.45 18.30
N ALA F 15 -31.36 16.07 17.41
CA ALA F 15 -31.44 17.52 17.24
C ALA F 15 -32.84 17.97 16.84
N GLY F 16 -33.50 17.19 15.98
CA GLY F 16 -34.87 17.52 15.62
C GLY F 16 -35.81 17.48 16.81
N SER F 17 -35.56 16.55 17.74
CA SER F 17 -36.36 16.49 18.95
C SER F 17 -36.21 17.78 19.74
N THR F 18 -37.29 18.20 20.39
CA THR F 18 -37.33 19.50 21.05
C THR F 18 -36.55 19.46 22.36
N MET F 19 -36.65 20.54 23.13
CA MET F 19 -35.88 20.68 24.36
C MET F 19 -36.16 19.54 25.32
N GLY F 20 -37.45 19.31 25.63
CA GLY F 20 -37.79 18.28 26.58
C GLY F 20 -37.47 16.88 26.09
N ALA F 21 -37.75 16.60 24.82
CA ALA F 21 -37.45 15.29 24.28
C ALA F 21 -35.96 15.00 24.36
N ALA F 22 -35.13 15.99 24.01
CA ALA F 22 -33.68 15.81 24.15
C ALA F 22 -33.29 15.61 25.61
N SER F 23 -33.94 16.33 26.53
CA SER F 23 -33.62 16.19 27.94
C SER F 23 -33.87 14.77 28.43
N MET F 24 -35.04 14.21 28.09
CA MET F 24 -35.30 12.82 28.48
C MET F 24 -34.37 11.85 27.77
N THR F 25 -34.11 12.06 26.48
CA THR F 25 -33.26 11.11 25.76
C THR F 25 -31.79 11.20 26.16
N LEU F 26 -31.40 12.25 26.89
CA LEU F 26 -30.01 12.37 27.32
C LEU F 26 -29.58 11.17 28.15
N THR F 27 -30.37 10.79 29.14
CA THR F 27 -29.97 9.72 30.06
C THR F 27 -29.90 8.36 29.38
N VAL F 28 -30.50 8.21 28.22
CA VAL F 28 -30.51 6.90 27.55
C VAL F 28 -29.10 6.52 27.10
N GLN F 29 -28.42 7.43 26.42
CA GLN F 29 -27.05 7.19 25.97
C GLN F 29 -26.44 8.50 25.48
N ALA F 30 -25.16 8.71 25.78
CA ALA F 30 -24.44 9.90 25.37
C ALA F 30 -23.22 9.54 24.55
N GLN F 52 -6.44 -2.17 -3.61
CA GLN F 52 -6.88 -3.38 -2.95
C GLN F 52 -7.95 -3.07 -1.91
N HIS F 53 -8.90 -3.99 -1.75
CA HIS F 53 -9.94 -3.79 -0.74
C HIS F 53 -9.33 -3.75 0.67
N LEU F 54 -8.32 -4.59 0.91
CA LEU F 54 -7.69 -4.63 2.23
C LEU F 54 -7.08 -3.28 2.59
N LEU F 55 -6.35 -2.67 1.64
CA LEU F 55 -5.73 -1.38 1.91
C LEU F 55 -6.79 -0.30 2.12
N LYS F 56 -7.86 -0.33 1.32
CA LYS F 56 -8.93 0.63 1.51
C LYS F 56 -9.61 0.47 2.86
N LEU F 57 -9.62 -0.74 3.40
CA LEU F 57 -10.22 -0.99 4.70
C LEU F 57 -9.28 -0.71 5.86
N THR F 58 -8.03 -0.33 5.59
CA THR F 58 -7.06 0.02 6.62
C THR F 58 -6.83 1.51 6.71
N VAL F 59 -6.54 2.18 5.59
CA VAL F 59 -6.37 3.63 5.61
C VAL F 59 -7.69 4.31 5.97
N TRP F 60 -8.81 3.68 5.68
CA TRP F 60 -10.08 4.16 6.17
C TRP F 60 -10.50 3.50 7.47
N GLY F 61 -9.69 2.58 7.98
CA GLY F 61 -9.93 2.02 9.29
C GLY F 61 -9.34 2.91 10.36
N ILE F 62 -8.14 3.43 10.09
CA ILE F 62 -7.49 4.36 11.03
C ILE F 62 -8.34 5.62 11.19
N LYS F 63 -8.79 6.19 10.07
CA LYS F 63 -9.62 7.39 10.10
C LYS F 63 -10.89 7.20 10.91
N GLN F 64 -11.22 5.98 11.31
CA GLN F 64 -12.28 5.73 12.27
C GLN F 64 -11.76 5.59 13.69
N LEU F 65 -10.46 5.32 13.87
CA LEU F 65 -9.86 5.34 15.18
C LEU F 65 -9.47 6.74 15.62
N GLN F 66 -9.02 7.57 14.68
CA GLN F 66 -8.71 8.96 14.99
C GLN F 66 -9.95 9.73 15.38
N ALA F 67 -11.13 9.21 15.07
CA ALA F 67 -12.36 9.86 15.50
C ALA F 67 -12.72 9.45 16.93
N ARG F 68 -12.59 8.17 17.26
CA ARG F 68 -12.97 7.72 18.59
C ARG F 68 -11.94 8.11 19.65
N VAL F 69 -10.66 8.07 19.30
CA VAL F 69 -9.63 8.56 20.21
C VAL F 69 -9.83 10.05 20.49
N LEU F 70 -10.17 10.83 19.47
CA LEU F 70 -10.53 12.22 19.70
C LEU F 70 -11.82 12.33 20.48
N ALA F 71 -12.74 11.39 20.32
CA ALA F 71 -13.98 11.44 21.07
C ALA F 71 -13.72 11.33 22.56
N VAL F 72 -12.85 10.41 22.96
CA VAL F 72 -12.51 10.32 24.38
C VAL F 72 -11.64 11.50 24.80
N GLU F 73 -10.63 11.85 24.00
CA GLU F 73 -9.71 12.91 24.41
C GLU F 73 -10.39 14.27 24.47
N ARG F 74 -11.56 14.41 23.86
CA ARG F 74 -12.37 15.60 24.10
C ARG F 74 -13.33 15.37 25.26
N TYR F 75 -13.78 14.14 25.45
CA TYR F 75 -14.61 13.84 26.62
C TYR F 75 -13.85 14.16 27.89
N LEU F 76 -12.58 13.78 27.96
CA LEU F 76 -11.74 14.13 29.10
C LEU F 76 -11.31 15.60 29.07
N ARG F 77 -11.38 16.24 27.91
CA ARG F 77 -11.06 17.66 27.83
C ARG F 77 -12.17 18.52 28.40
N ASP F 78 -13.42 18.05 28.34
CA ASP F 78 -14.53 18.84 28.84
C ASP F 78 -15.15 18.32 30.12
N GLN F 79 -14.99 17.04 30.46
CA GLN F 79 -15.36 16.58 31.78
C GLN F 79 -14.46 17.19 32.84
N GLN F 80 -13.19 17.43 32.52
CA GLN F 80 -12.32 18.14 33.45
C GLN F 80 -12.80 19.56 33.69
N LEU F 81 -13.21 20.24 32.62
CA LEU F 81 -13.80 21.57 32.79
C LEU F 81 -15.07 21.50 33.63
N LEU F 82 -15.88 20.46 33.42
CA LEU F 82 -17.01 20.23 34.31
C LEU F 82 -16.57 20.03 35.75
N GLY F 83 -15.36 19.51 35.95
CA GLY F 83 -14.80 19.39 37.28
C GLY F 83 -14.36 20.70 37.88
N ILE F 84 -14.29 21.76 37.09
CA ILE F 84 -14.04 23.09 37.62
C ILE F 84 -15.32 23.69 38.17
N TRP F 85 -16.42 23.57 37.42
CA TRP F 85 -17.71 24.08 37.90
C TRP F 85 -18.30 23.24 39.01
N GLY F 86 -17.73 22.06 39.28
CA GLY F 86 -18.14 21.30 40.45
C GLY F 86 -18.62 19.89 40.18
N CYS F 87 -19.36 19.68 39.10
CA CYS F 87 -20.01 18.41 38.83
C CYS F 87 -19.27 17.67 37.72
N SER F 88 -18.89 16.43 38.00
CA SER F 88 -18.26 15.56 37.02
C SER F 88 -19.02 14.23 36.98
N GLY F 89 -18.99 13.60 35.81
CA GLY F 89 -19.74 12.36 35.65
C GLY F 89 -21.24 12.54 35.71
N LYS F 90 -21.73 13.76 35.54
CA LYS F 90 -23.15 14.05 35.59
C LYS F 90 -23.62 14.51 34.21
N LEU F 91 -24.62 13.81 33.66
CA LEU F 91 -25.20 14.23 32.39
C LEU F 91 -25.96 15.54 32.54
N ILE F 92 -26.79 15.63 33.57
CA ILE F 92 -27.52 16.85 33.91
C ILE F 92 -27.04 17.32 35.27
N CYS F 93 -26.59 18.57 35.33
CA CYS F 93 -26.04 19.15 36.55
C CYS F 93 -26.59 20.55 36.73
N CYS F 94 -26.63 21.01 37.98
CA CYS F 94 -26.98 22.38 38.25
C CYS F 94 -26.28 22.86 39.51
N THR F 95 -25.84 24.11 39.48
CA THR F 95 -25.03 24.69 40.54
C THR F 95 -25.80 25.84 41.20
N ASN F 96 -25.14 26.52 42.12
CA ASN F 96 -25.74 27.62 42.88
C ASN F 96 -25.45 28.94 42.18
N VAL F 97 -26.35 29.33 41.29
CA VAL F 97 -26.22 30.59 40.56
C VAL F 97 -27.55 30.96 39.92
N PRO F 98 -28.00 32.21 40.05
CA PRO F 98 -29.23 32.63 39.38
C PRO F 98 -29.00 32.87 37.89
N TRP F 99 -30.10 33.13 37.19
CA TRP F 99 -30.08 33.35 35.75
C TRP F 99 -30.49 34.79 35.47
N ASN F 100 -29.57 35.56 34.91
CA ASN F 100 -29.86 36.95 34.58
C ASN F 100 -30.91 37.03 33.49
N SER F 101 -31.83 37.98 33.64
CA SER F 101 -32.88 38.15 32.64
C SER F 101 -32.37 38.77 31.35
N SER F 102 -31.17 39.35 31.36
CA SER F 102 -30.60 39.89 30.13
C SER F 102 -30.22 38.80 29.14
N TRP F 103 -30.21 37.54 29.55
CA TRP F 103 -29.80 36.44 28.68
C TRP F 103 -31.02 35.88 27.94
N SER F 104 -31.55 36.71 27.04
CA SER F 104 -32.67 36.33 26.16
C SER F 104 -33.88 35.87 26.99
N ASN F 105 -34.42 36.82 27.74
CA ASN F 105 -35.50 36.53 28.66
C ASN F 105 -36.70 35.94 27.93
N ARG F 106 -37.21 34.83 28.45
CA ARG F 106 -38.38 34.15 27.93
C ARG F 106 -38.82 33.10 28.95
N ASN F 107 -40.12 32.82 28.97
CA ASN F 107 -40.65 31.89 29.96
C ASN F 107 -40.09 30.49 29.76
N LEU F 108 -39.89 29.79 30.86
CA LEU F 108 -39.33 28.44 30.80
C LEU F 108 -40.31 27.47 30.18
N SER F 109 -41.61 27.72 30.32
CA SER F 109 -42.62 26.79 29.81
C SER F 109 -42.54 26.65 28.29
N GLU F 110 -42.43 27.79 27.60
CA GLU F 110 -42.39 27.75 26.13
C GLU F 110 -41.05 27.30 25.60
N ILE F 111 -39.98 27.52 26.37
CA ILE F 111 -38.63 27.25 25.89
C ILE F 111 -38.22 25.81 26.21
N TRP F 112 -39.19 25.01 26.65
CA TRP F 112 -38.92 23.62 26.97
C TRP F 112 -39.86 22.62 26.29
N ASP F 113 -40.95 23.06 25.68
CA ASP F 113 -41.85 22.17 24.95
C ASP F 113 -41.76 22.34 23.44
N ASN F 114 -41.65 23.58 22.95
CA ASN F 114 -41.45 23.83 21.52
C ASN F 114 -40.26 24.79 21.39
N MET F 115 -39.06 24.22 21.36
CA MET F 115 -37.85 25.02 21.19
C MET F 115 -36.72 24.08 20.80
N THR F 116 -35.94 24.48 19.80
CA THR F 116 -34.84 23.66 19.31
C THR F 116 -33.55 24.03 20.01
N TRP F 117 -32.71 23.02 20.21
CA TRP F 117 -31.43 23.22 20.90
C TRP F 117 -30.54 24.16 20.11
N LEU F 118 -30.55 24.05 18.78
CA LEU F 118 -29.78 24.98 17.96
C LEU F 118 -30.27 26.41 18.15
N GLN F 119 -31.59 26.60 18.22
CA GLN F 119 -32.14 27.93 18.46
C GLN F 119 -31.71 28.46 19.82
N TRP F 120 -31.68 27.59 20.84
CA TRP F 120 -31.19 28.01 22.14
C TRP F 120 -29.74 28.43 22.07
N ASP F 121 -28.92 27.67 21.35
CA ASP F 121 -27.51 28.01 21.18
C ASP F 121 -27.37 29.38 20.53
N LYS F 122 -28.12 29.61 19.45
CA LYS F 122 -28.05 30.90 18.76
C LYS F 122 -28.50 32.03 19.67
N GLU F 123 -29.53 31.80 20.47
CA GLU F 123 -30.02 32.84 21.36
C GLU F 123 -28.98 33.20 22.43
N ILE F 124 -28.25 32.22 22.93
CA ILE F 124 -27.28 32.51 23.99
C ILE F 124 -25.85 32.33 23.50
N SER F 125 -25.63 32.54 22.20
CA SER F 125 -24.30 32.33 21.64
C SER F 125 -23.26 33.31 22.16
N ASN F 126 -23.68 34.48 22.64
CA ASN F 126 -22.73 35.50 23.09
C ASN F 126 -22.40 35.41 24.57
N TYR F 127 -23.27 34.80 25.37
CA TYR F 127 -23.21 34.84 26.82
C TYR F 127 -22.54 33.62 27.42
N THR F 128 -22.15 32.66 26.58
CA THR F 128 -21.54 31.43 27.08
C THR F 128 -20.25 31.71 27.81
N GLN F 129 -19.45 32.66 27.30
CA GLN F 129 -18.21 33.00 27.99
C GLN F 129 -18.49 33.58 29.37
N ILE F 130 -19.51 34.45 29.48
CA ILE F 130 -19.86 35.02 30.78
C ILE F 130 -20.26 33.92 31.75
N ILE F 131 -21.13 33.02 31.30
CA ILE F 131 -21.58 31.93 32.17
C ILE F 131 -20.40 31.05 32.58
N TYR F 132 -19.53 30.72 31.61
CA TYR F 132 -18.44 29.78 31.86
C TYR F 132 -17.34 30.39 32.69
N GLY F 133 -17.27 31.72 32.76
CA GLY F 133 -16.34 32.37 33.66
C GLY F 133 -16.89 32.51 35.06
N LEU F 134 -18.19 32.82 35.17
CA LEU F 134 -18.78 33.01 36.48
C LEU F 134 -19.04 31.69 37.21
N LEU F 135 -19.25 30.59 36.48
CA LEU F 135 -19.46 29.31 37.14
C LEU F 135 -18.24 28.91 37.96
N GLU F 136 -17.05 29.15 37.42
CA GLU F 136 -15.83 28.81 38.13
C GLU F 136 -15.71 29.60 39.43
N GLU F 137 -15.98 30.91 39.37
CA GLU F 137 -15.89 31.72 40.58
C GLU F 137 -16.95 31.33 41.60
N SER F 138 -18.15 30.92 41.14
CA SER F 138 -19.15 30.44 42.08
C SER F 138 -18.71 29.13 42.73
N GLN F 139 -18.09 28.25 41.96
CA GLN F 139 -17.59 27.01 42.55
C GLN F 139 -16.51 27.28 43.59
N ASN F 140 -15.61 28.22 43.30
CA ASN F 140 -14.62 28.59 44.32
C ASN F 140 -15.26 29.29 45.52
N GLN F 141 -16.35 30.04 45.29
CA GLN F 141 -17.09 30.62 46.40
C GLN F 141 -17.61 29.54 47.32
N GLN F 142 -18.15 28.46 46.75
CA GLN F 142 -18.54 27.32 47.57
C GLN F 142 -17.33 26.63 48.18
N GLU F 143 -16.22 26.58 47.45
CA GLU F 143 -15.02 25.89 47.91
C GLU F 143 -14.43 26.55 49.15
N LYS F 144 -14.62 27.87 49.30
CA LYS F 144 -14.11 28.54 50.48
C LYS F 144 -14.72 27.98 51.76
N ASN F 145 -15.90 27.34 51.68
CA ASN F 145 -16.55 26.79 52.86
C ASN F 145 -15.67 25.74 53.51
N GLU F 146 -15.19 24.76 52.72
CA GLU F 146 -14.27 23.77 53.25
C GLU F 146 -12.81 24.24 53.21
N GLN F 147 -12.53 25.35 52.53
CA GLN F 147 -11.18 25.90 52.56
C GLN F 147 -10.90 26.63 53.86
N ASP F 148 -11.92 27.16 54.53
CA ASP F 148 -11.73 27.95 55.75
C ASP F 148 -11.02 27.18 56.86
N ASP G 1 27.62 24.37 -23.04
CA ASP G 1 26.71 24.43 -24.18
C ASP G 1 26.36 23.03 -24.67
N ILE G 2 26.14 22.93 -25.97
CA ILE G 2 25.80 21.65 -26.61
C ILE G 2 26.78 21.46 -27.76
N VAL G 3 27.49 20.33 -27.76
CA VAL G 3 28.50 20.05 -28.77
C VAL G 3 27.82 19.44 -29.99
N MET G 4 28.44 19.61 -31.15
CA MET G 4 27.94 19.05 -32.40
C MET G 4 29.13 18.54 -33.21
N THR G 5 29.29 17.22 -33.24
CA THR G 5 30.38 16.58 -33.94
C THR G 5 29.84 15.75 -35.10
N GLN G 6 30.64 15.65 -36.17
CA GLN G 6 30.23 14.94 -37.37
C GLN G 6 31.39 14.12 -37.90
N SER G 7 31.11 12.89 -38.30
CA SER G 7 32.13 11.99 -38.83
C SER G 7 31.54 11.15 -39.96
N PRO G 8 32.04 11.30 -41.20
CA PRO G 8 33.11 12.20 -41.65
C PRO G 8 32.66 13.66 -41.65
N ALA G 9 33.59 14.59 -41.42
CA ALA G 9 33.21 16.01 -41.35
C ALA G 9 32.74 16.52 -42.71
N THR G 10 33.53 16.27 -43.75
CA THR G 10 33.19 16.69 -45.11
C THR G 10 33.92 15.82 -46.10
N LEU G 11 33.27 15.51 -47.22
CA LEU G 11 33.87 14.77 -48.31
C LEU G 11 34.02 15.68 -49.52
N SER G 12 35.04 15.39 -50.34
CA SER G 12 35.35 16.21 -51.50
C SER G 12 34.67 15.64 -52.73
N VAL G 13 33.72 16.40 -53.29
CA VAL G 13 33.06 16.05 -54.54
C VAL G 13 33.15 17.25 -55.47
N SER G 14 33.61 17.01 -56.70
CA SER G 14 33.81 18.10 -57.63
C SER G 14 32.48 18.75 -57.99
N PRO G 15 32.45 20.07 -58.19
CA PRO G 15 31.20 20.73 -58.59
C PRO G 15 30.76 20.26 -59.97
N GLY G 16 29.45 20.29 -60.18
CA GLY G 16 28.85 19.87 -61.44
C GLY G 16 28.02 18.60 -61.35
N GLU G 17 27.91 17.99 -60.17
CA GLU G 17 27.15 16.76 -59.99
C GLU G 17 26.26 16.90 -58.76
N ARG G 18 25.26 16.02 -58.68
CA ARG G 18 24.31 16.04 -57.57
C ARG G 18 25.04 15.80 -56.26
N ALA G 19 24.72 16.62 -55.26
CA ALA G 19 25.37 16.55 -53.95
C ALA G 19 24.32 16.56 -52.85
N THR G 20 24.56 15.77 -51.81
CA THR G 20 23.69 15.71 -50.64
C THR G 20 24.47 16.12 -49.40
N LEU G 21 23.83 16.90 -48.53
CA LEU G 21 24.45 17.41 -47.33
C LEU G 21 23.79 16.75 -46.12
N SER G 22 24.60 16.20 -45.22
CA SER G 22 24.12 15.45 -44.07
C SER G 22 24.44 16.19 -42.79
N CYS G 23 23.42 16.38 -41.96
CA CYS G 23 23.56 16.98 -40.64
C CYS G 23 23.29 15.93 -39.57
N ARG G 24 24.19 15.86 -38.60
CA ARG G 24 24.11 14.89 -37.51
C ARG G 24 23.80 15.61 -36.21
N ALA G 25 22.90 15.05 -35.42
CA ALA G 25 22.46 15.64 -34.16
C ALA G 25 23.03 14.84 -33.00
N SER G 26 23.61 15.55 -32.04
CA SER G 26 24.08 14.88 -30.83
C SER G 26 22.93 14.31 -30.02
N GLU G 27 21.81 15.04 -29.94
CA GLU G 27 20.66 14.63 -29.17
C GLU G 27 19.59 14.07 -30.10
N SER G 28 18.42 13.76 -29.54
CA SER G 28 17.31 13.19 -30.30
C SER G 28 16.36 14.32 -30.69
N VAL G 29 16.64 14.94 -31.83
CA VAL G 29 15.80 16.00 -32.38
C VAL G 29 14.82 15.34 -33.35
N SER G 30 13.53 15.36 -33.00
CA SER G 30 12.54 14.63 -33.78
C SER G 30 12.44 15.19 -35.21
N SER G 31 11.88 16.39 -35.34
CA SER G 31 11.79 17.04 -36.64
C SER G 31 12.09 18.53 -36.54
N ASP G 32 12.92 18.92 -35.57
CA ASP G 32 13.10 20.33 -35.20
C ASP G 32 14.41 20.90 -35.73
N LEU G 33 14.79 20.56 -36.96
CA LEU G 33 16.00 21.09 -37.57
C LEU G 33 15.62 21.87 -38.83
N ALA G 34 16.15 23.07 -38.97
CA ALA G 34 15.92 23.91 -40.14
C ALA G 34 17.21 24.12 -40.92
N TRP G 35 17.06 24.37 -42.21
CA TRP G 35 18.19 24.54 -43.12
C TRP G 35 18.20 25.95 -43.68
N TYR G 36 19.37 26.58 -43.66
CA TYR G 36 19.55 27.94 -44.14
C TYR G 36 20.67 27.96 -45.17
N GLN G 37 20.50 28.80 -46.19
CA GLN G 37 21.49 28.98 -47.24
C GLN G 37 22.07 30.38 -47.14
N GLN G 38 23.40 30.48 -47.09
CA GLN G 38 24.10 31.75 -46.92
C GLN G 38 25.13 31.88 -48.05
N LYS G 39 24.77 32.62 -49.08
CA LYS G 39 25.77 33.12 -50.01
C LYS G 39 26.45 34.33 -49.39
N PRO G 40 27.74 34.55 -49.64
CA PRO G 40 28.46 35.57 -48.89
C PRO G 40 28.07 36.97 -49.34
N GLY G 41 27.65 37.80 -48.38
CA GLY G 41 27.30 39.17 -48.67
C GLY G 41 26.09 39.71 -47.93
N GLN G 42 25.21 38.83 -47.46
CA GLN G 42 23.97 39.28 -46.83
C GLN G 42 23.48 38.18 -45.88
N ALA G 43 22.27 38.36 -45.37
CA ALA G 43 21.69 37.42 -44.42
C ALA G 43 21.37 36.09 -45.11
N PRO G 44 21.32 34.99 -44.33
CA PRO G 44 20.93 33.70 -44.92
C PRO G 44 19.46 33.66 -45.31
N ARG G 45 19.00 32.51 -45.81
CA ARG G 45 17.62 32.34 -46.20
C ARG G 45 17.18 30.94 -45.82
N LEU G 46 16.04 30.84 -45.13
CA LEU G 46 15.50 29.55 -44.73
C LEU G 46 14.94 28.82 -45.94
N LEU G 47 15.24 27.53 -46.06
CA LEU G 47 14.67 26.73 -47.14
C LEU G 47 13.76 25.62 -46.63
N ILE G 48 14.25 24.76 -45.75
CA ILE G 48 13.46 23.67 -45.17
C ILE G 48 13.30 23.95 -43.69
N TYR G 49 12.05 23.94 -43.21
CA TYR G 49 11.79 24.01 -41.78
C TYR G 49 10.87 22.86 -41.40
N GLY G 50 11.02 22.40 -40.16
CA GLY G 50 10.39 21.16 -39.76
C GLY G 50 11.09 19.93 -40.28
N ALA G 51 12.26 20.11 -40.90
CA ALA G 51 13.11 19.06 -41.44
C ALA G 51 12.52 18.46 -42.71
N SER G 52 11.30 18.87 -43.06
CA SER G 52 10.70 18.44 -44.32
C SER G 52 9.89 19.51 -45.03
N THR G 53 9.37 20.53 -44.35
CA THR G 53 8.41 21.42 -44.98
C THR G 53 9.12 22.53 -45.73
N ARG G 54 8.73 22.73 -46.98
CA ARG G 54 9.34 23.73 -47.83
C ARG G 54 8.93 25.13 -47.39
N ALA G 55 9.89 26.05 -47.38
CA ALA G 55 9.60 27.44 -47.06
C ALA G 55 8.90 28.12 -48.22
N THR G 56 8.20 29.21 -47.90
CA THR G 56 7.51 29.97 -48.93
C THR G 56 8.53 30.72 -49.80
N GLY G 57 8.26 30.73 -51.11
CA GLY G 57 9.12 31.44 -52.04
C GLY G 57 10.51 30.87 -52.20
N VAL G 58 10.64 29.54 -52.18
CA VAL G 58 11.93 28.88 -52.38
C VAL G 58 11.69 27.79 -53.42
N PRO G 59 12.66 27.49 -54.29
CA PRO G 59 12.43 26.44 -55.30
C PRO G 59 12.15 25.09 -54.66
N ALA G 60 11.27 24.33 -55.31
CA ALA G 60 10.88 23.01 -54.83
C ALA G 60 11.90 21.93 -55.16
N ARG G 61 12.92 22.26 -55.96
CA ARG G 61 13.93 21.27 -56.33
C ARG G 61 14.72 20.81 -55.11
N PHE G 62 14.99 21.72 -54.18
CA PHE G 62 15.60 21.33 -52.91
C PHE G 62 14.66 20.41 -52.14
N SER G 63 15.22 19.37 -51.52
CA SER G 63 14.41 18.40 -50.80
C SER G 63 15.14 17.98 -49.53
N GLY G 64 14.55 18.30 -48.38
CA GLY G 64 15.12 17.95 -47.09
C GLY G 64 14.31 16.86 -46.42
N SER G 65 14.98 16.03 -45.64
CA SER G 65 14.31 14.95 -44.93
C SER G 65 15.20 14.49 -43.79
N GLY G 66 14.67 13.57 -42.99
CA GLY G 66 15.42 12.98 -41.89
C GLY G 66 14.73 13.21 -40.56
N SER G 67 15.30 12.57 -39.54
CA SER G 67 14.78 12.65 -38.18
C SER G 67 15.87 12.22 -37.22
N GLY G 68 15.55 12.30 -35.93
CA GLY G 68 16.46 11.86 -34.88
C GLY G 68 17.80 12.53 -34.90
N ALA G 69 18.84 11.78 -35.27
CA ALA G 69 20.19 12.29 -35.35
C ALA G 69 20.73 12.31 -36.78
N GLU G 70 19.87 12.07 -37.77
CA GLU G 70 20.29 11.98 -39.17
C GLU G 70 19.35 12.82 -40.02
N PHE G 71 19.88 13.84 -40.68
CA PHE G 71 19.09 14.64 -41.61
C PHE G 71 19.89 14.83 -42.90
N THR G 72 19.17 14.89 -44.02
CA THR G 72 19.82 14.98 -45.33
C THR G 72 19.05 15.95 -46.20
N LEU G 73 19.79 16.86 -46.83
CA LEU G 73 19.25 17.79 -47.81
C LEU G 73 19.85 17.46 -49.17
N THR G 74 18.98 17.29 -50.17
CA THR G 74 19.39 16.88 -51.50
C THR G 74 18.97 17.93 -52.52
N ILE G 75 19.83 18.12 -53.52
CA ILE G 75 19.57 18.97 -54.67
C ILE G 75 19.20 18.08 -55.85
N SER G 76 18.43 18.63 -56.78
CA SER G 76 18.12 17.92 -58.01
C SER G 76 19.11 18.28 -59.12
N SER G 77 19.16 19.56 -59.48
CA SER G 77 20.10 20.07 -60.47
C SER G 77 20.77 21.31 -59.88
N LEU G 78 22.10 21.35 -59.96
CA LEU G 78 22.83 22.48 -59.39
C LEU G 78 22.54 23.75 -60.18
N GLN G 79 22.55 24.87 -59.47
CA GLN G 79 22.34 26.18 -60.05
C GLN G 79 23.54 27.07 -59.76
N SER G 80 23.63 28.18 -60.50
CA SER G 80 24.70 29.15 -60.28
C SER G 80 24.60 29.75 -58.89
N GLU G 81 23.40 30.05 -58.44
CA GLU G 81 23.16 30.65 -57.12
C GLU G 81 23.06 29.62 -56.01
N ASP G 82 23.18 28.32 -56.32
CA ASP G 82 23.09 27.27 -55.32
C ASP G 82 24.46 26.81 -54.82
N PHE G 83 25.46 27.69 -54.84
CA PHE G 83 26.79 27.41 -54.32
C PHE G 83 27.01 28.37 -53.15
N ALA G 84 26.64 27.93 -51.94
CA ALA G 84 26.70 28.77 -50.77
C ALA G 84 27.07 27.90 -49.57
N VAL G 85 26.96 28.49 -48.37
CA VAL G 85 27.22 27.77 -47.13
C VAL G 85 25.89 27.39 -46.51
N TYR G 86 25.71 26.11 -46.22
CA TYR G 86 24.43 25.60 -45.75
C TYR G 86 24.53 25.27 -44.26
N TYR G 87 23.69 25.93 -43.47
CA TYR G 87 23.69 25.79 -42.02
C TYR G 87 22.47 24.98 -41.58
N CYS G 88 22.68 24.00 -40.72
CA CYS G 88 21.59 23.20 -40.16
C CYS G 88 21.47 23.52 -38.68
N GLN G 89 20.40 24.20 -38.30
CA GLN G 89 20.19 24.64 -36.93
C GLN G 89 19.03 23.87 -36.30
N GLN G 90 19.30 23.24 -35.16
CA GLN G 90 18.29 22.52 -34.41
C GLN G 90 17.68 23.44 -33.37
N TYR G 91 16.39 23.26 -33.10
CA TYR G 91 15.71 24.06 -32.10
C TYR G 91 14.76 23.20 -31.27
N ASN G 92 15.16 21.95 -31.01
CA ASN G 92 14.31 21.04 -30.25
C ASN G 92 14.30 21.34 -28.76
N ASN G 93 15.41 21.84 -28.21
CA ASN G 93 15.52 22.01 -26.78
C ASN G 93 14.59 23.13 -26.30
N TRP G 94 14.26 23.07 -25.01
CA TRP G 94 13.48 24.11 -24.36
C TRP G 94 13.86 24.13 -22.89
N PRO G 95 14.15 25.30 -22.30
CA PRO G 95 14.06 26.67 -22.84
C PRO G 95 14.99 26.89 -24.02
N PRO G 96 14.72 27.88 -24.87
CA PRO G 96 15.40 27.93 -26.17
C PRO G 96 16.88 28.21 -26.08
N ARG G 97 17.64 27.19 -25.69
CA ARG G 97 19.10 27.22 -25.81
C ARG G 97 19.51 26.59 -27.14
N TYR G 98 18.98 27.17 -28.22
CA TYR G 98 19.21 26.62 -29.55
C TYR G 98 20.66 26.78 -29.97
N THR G 99 21.11 25.88 -30.83
CA THR G 99 22.47 25.90 -31.34
C THR G 99 22.44 25.77 -32.86
N PHE G 100 23.27 26.55 -33.53
CA PHE G 100 23.35 26.51 -34.98
C PHE G 100 24.25 25.36 -35.42
N GLY G 101 24.52 25.30 -36.72
CA GLY G 101 25.40 24.29 -37.29
C GLY G 101 26.81 24.80 -37.44
N GLN G 102 27.52 24.23 -38.42
CA GLN G 102 28.87 24.65 -38.72
C GLN G 102 29.04 25.11 -40.17
N GLY G 103 28.06 24.89 -41.03
CA GLY G 103 28.17 25.24 -42.43
C GLY G 103 28.90 24.19 -43.23
N THR G 104 28.94 24.40 -44.54
CA THR G 104 29.62 23.51 -45.46
C THR G 104 30.60 24.31 -46.31
N ARG G 105 31.79 23.74 -46.51
CA ARG G 105 32.88 24.44 -47.18
C ARG G 105 33.11 23.85 -48.56
N LEU G 106 33.26 24.72 -49.55
CA LEU G 106 33.60 24.35 -50.92
C LEU G 106 34.83 25.15 -51.33
N GLU G 107 35.82 24.46 -51.90
CA GLU G 107 37.09 25.07 -52.26
C GLU G 107 37.12 25.43 -53.73
N ILE G 108 37.83 26.52 -54.04
CA ILE G 108 37.97 26.97 -55.42
C ILE G 108 39.04 26.13 -56.11
N LYS G 109 38.66 25.49 -57.22
CA LYS G 109 39.56 24.62 -57.96
C LYS G 109 40.40 25.47 -58.91
N ARG G 110 41.51 25.97 -58.41
CA ARG G 110 42.44 26.78 -59.19
C ARG G 110 43.59 25.91 -59.67
N THR G 111 43.78 25.83 -60.97
CA THR G 111 44.84 25.02 -61.56
C THR G 111 46.10 25.84 -61.78
N GLU H 1 8.37 39.59 -48.22
CA GLU H 1 7.10 40.30 -48.02
C GLU H 1 7.26 41.44 -47.03
N VAL H 2 7.69 41.12 -45.81
CA VAL H 2 7.87 42.10 -44.74
C VAL H 2 9.35 42.20 -44.44
N GLN H 3 9.88 43.42 -44.47
CA GLN H 3 11.30 43.68 -44.33
C GLN H 3 11.62 44.24 -42.96
N LEU H 4 12.84 43.96 -42.49
CA LEU H 4 13.36 44.52 -41.26
C LEU H 4 14.64 45.29 -41.58
N VAL H 5 14.78 46.47 -41.00
CA VAL H 5 15.94 47.32 -41.20
C VAL H 5 16.69 47.43 -39.88
N GLU H 6 17.98 47.13 -39.91
CA GLU H 6 18.82 47.19 -38.72
C GLU H 6 19.61 48.49 -38.69
N SER H 7 20.09 48.83 -37.50
CA SER H 7 20.86 50.05 -37.33
C SER H 7 22.21 49.94 -38.02
N GLY H 8 22.85 51.09 -38.21
CA GLY H 8 24.12 51.12 -38.91
C GLY H 8 25.24 50.49 -38.11
N ALA H 9 26.33 50.18 -38.81
CA ALA H 9 27.50 49.57 -38.19
C ALA H 9 28.09 50.52 -37.15
N GLU H 10 28.40 49.99 -35.98
CA GLU H 10 28.92 50.77 -34.87
C GLU H 10 30.23 50.19 -34.39
N VAL H 11 31.16 51.06 -34.00
CA VAL H 11 32.47 50.68 -33.50
C VAL H 11 32.63 51.24 -32.10
N LYS H 12 32.97 50.37 -31.14
CA LYS H 12 33.17 50.80 -29.77
C LYS H 12 34.45 50.16 -29.24
N LYS H 13 34.74 50.42 -27.97
CA LYS H 13 35.97 50.00 -27.32
C LYS H 13 35.68 48.97 -26.24
N PRO H 14 36.64 48.10 -25.91
CA PRO H 14 36.42 47.09 -24.89
C PRO H 14 36.10 47.72 -23.53
N GLY H 15 35.29 47.03 -22.75
CA GLY H 15 34.84 47.53 -21.46
C GLY H 15 33.59 48.37 -21.50
N SER H 16 33.04 48.64 -22.69
CA SER H 16 31.84 49.44 -22.86
C SER H 16 30.64 48.53 -23.10
N SER H 17 29.51 49.14 -23.45
CA SER H 17 28.31 48.42 -23.82
C SER H 17 27.80 48.95 -25.15
N VAL H 18 27.25 48.04 -25.96
CA VAL H 18 26.78 48.35 -27.30
C VAL H 18 25.28 48.08 -27.38
N LYS H 19 24.59 48.84 -28.22
CA LYS H 19 23.16 48.70 -28.42
C LYS H 19 22.86 48.80 -29.91
N VAL H 20 22.07 47.85 -30.42
CA VAL H 20 21.72 47.82 -31.84
C VAL H 20 20.23 47.53 -31.96
N SER H 21 19.55 48.28 -32.83
CA SER H 21 18.11 48.18 -32.99
C SER H 21 17.76 47.61 -34.35
N CYS H 22 16.75 46.75 -34.38
CA CYS H 22 16.20 46.18 -35.61
C CYS H 22 14.72 46.53 -35.66
N LYS H 23 14.31 47.26 -36.69
CA LYS H 23 12.94 47.73 -36.83
C LYS H 23 12.22 46.89 -37.88
N ALA H 24 11.08 46.32 -37.50
CA ALA H 24 10.27 45.50 -38.39
C ALA H 24 9.07 46.30 -38.88
N SER H 25 8.74 46.13 -40.15
CA SER H 25 7.65 46.86 -40.77
C SER H 25 6.90 45.96 -41.74
N GLY H 26 5.64 46.30 -41.99
CA GLY H 26 4.83 45.58 -42.95
C GLY H 26 3.62 44.90 -42.34
N ASP H 27 3.81 44.26 -41.19
CA ASP H 27 2.75 43.61 -40.44
C ASP H 27 2.65 44.25 -39.06
N THR H 28 1.82 43.67 -38.21
CA THR H 28 1.76 44.09 -36.81
C THR H 28 2.99 43.56 -36.09
N PHE H 29 3.77 44.46 -35.52
CA PHE H 29 5.06 44.09 -34.93
C PHE H 29 4.88 43.13 -33.77
N ILE H 30 3.89 43.38 -32.91
CA ILE H 30 3.72 42.62 -31.68
C ILE H 30 3.43 41.15 -31.97
N ARG H 31 2.97 40.84 -33.17
CA ARG H 31 2.65 39.47 -33.56
C ARG H 31 3.85 38.83 -34.25
N TYR H 32 4.92 38.62 -33.47
CA TYR H 32 6.15 38.07 -34.01
C TYR H 32 7.00 37.51 -32.87
N SER H 33 7.97 36.68 -33.23
CA SER H 33 9.00 36.24 -32.31
C SER H 33 10.36 36.55 -32.91
N PHE H 34 11.28 37.07 -32.10
CA PHE H 34 12.53 37.63 -32.61
C PHE H 34 13.73 36.93 -32.01
N THR H 35 14.63 36.45 -32.86
CA THR H 35 15.85 35.78 -32.45
C THR H 35 17.05 36.59 -32.91
N TRP H 36 17.99 36.82 -32.00
CA TRP H 36 19.22 37.52 -32.30
C TRP H 36 20.33 36.51 -32.50
N VAL H 37 21.01 36.58 -33.65
CA VAL H 37 22.03 35.62 -34.03
C VAL H 37 23.23 36.38 -34.58
N ARG H 38 24.43 35.96 -34.19
CA ARG H 38 25.64 36.63 -34.61
C ARG H 38 26.53 35.67 -35.41
N GLN H 39 27.31 36.24 -36.32
CA GLN H 39 28.23 35.49 -37.16
C GLN H 39 29.61 36.11 -37.04
N ALA H 40 30.57 35.34 -36.55
CA ALA H 40 31.96 35.77 -36.53
C ALA H 40 32.56 35.70 -37.93
N PRO H 41 33.52 36.56 -38.23
CA PRO H 41 34.14 36.53 -39.57
C PRO H 41 34.78 35.18 -39.85
N GLY H 42 34.35 34.56 -40.95
CA GLY H 42 34.85 33.25 -41.29
C GLY H 42 34.43 32.13 -40.37
N GLN H 43 33.34 32.32 -39.63
CA GLN H 43 32.85 31.31 -38.70
C GLN H 43 31.33 31.20 -38.84
N GLY H 44 30.81 30.04 -38.48
CA GLY H 44 29.39 29.79 -38.61
C GLY H 44 28.55 30.67 -37.70
N LEU H 45 27.25 30.67 -37.98
CA LEU H 45 26.32 31.49 -37.22
C LEU H 45 26.29 31.06 -35.77
N GLU H 46 26.17 32.02 -34.86
CA GLU H 46 26.12 31.77 -33.43
C GLU H 46 24.80 32.29 -32.89
N TRP H 47 24.00 31.39 -32.32
CA TRP H 47 22.70 31.75 -31.78
C TRP H 47 22.88 32.50 -30.46
N MET H 48 22.44 33.76 -30.42
CA MET H 48 22.62 34.57 -29.24
C MET H 48 21.42 34.49 -28.29
N GLY H 49 20.24 34.88 -28.77
CA GLY H 49 19.10 34.93 -27.87
C GLY H 49 17.78 34.94 -28.60
N ARG H 50 16.70 34.92 -27.81
CA ARG H 50 15.35 34.92 -28.35
C ARG H 50 14.43 35.73 -27.44
N ILE H 51 13.39 36.30 -28.03
CA ILE H 51 12.41 37.09 -27.30
C ILE H 51 11.04 36.86 -27.94
N ILE H 52 10.02 36.74 -27.09
CA ILE H 52 8.64 36.60 -27.51
C ILE H 52 7.96 37.96 -27.31
N THR H 53 7.58 38.59 -28.41
CA THR H 53 7.15 39.99 -28.36
C THR H 53 5.81 40.15 -27.65
N ILE H 54 4.85 39.28 -27.98
CA ILE H 54 3.52 39.35 -27.35
C ILE H 54 3.62 39.19 -25.85
N LEU H 55 4.67 38.55 -25.36
CA LEU H 55 4.78 38.17 -23.97
C LEU H 55 5.91 38.90 -23.24
N ASP H 56 6.86 39.48 -23.98
CA ASP H 56 7.96 40.27 -23.42
C ASP H 56 8.80 39.43 -22.45
N VAL H 57 9.41 38.40 -23.01
CA VAL H 57 10.27 37.49 -22.24
C VAL H 57 11.38 37.01 -23.14
N ALA H 58 12.59 36.94 -22.60
CA ALA H 58 13.77 36.58 -23.38
C ALA H 58 14.49 35.40 -22.77
N HIS H 59 15.08 34.58 -23.63
CA HIS H 59 15.97 33.50 -23.22
C HIS H 59 17.26 33.61 -24.02
N TYR H 60 18.38 33.61 -23.33
CA TYR H 60 19.68 33.77 -23.97
C TYR H 60 20.48 32.48 -23.89
N ALA H 61 21.51 32.40 -24.73
CA ALA H 61 22.40 31.24 -24.71
C ALA H 61 23.16 31.20 -23.39
N PRO H 62 23.44 30.00 -22.86
CA PRO H 62 24.10 29.94 -21.54
C PRO H 62 25.51 30.51 -21.53
N HIS H 63 26.36 30.05 -22.46
CA HIS H 63 27.75 30.51 -22.47
C HIS H 63 27.87 32.01 -22.67
N LEU H 64 26.90 32.62 -23.33
CA LEU H 64 26.89 34.06 -23.56
C LEU H 64 26.02 34.80 -22.55
N GLN H 65 25.40 34.09 -21.61
CA GLN H 65 24.50 34.70 -20.65
C GLN H 65 25.26 35.60 -19.70
N GLY H 66 24.62 36.72 -19.34
CA GLY H 66 25.14 37.65 -18.36
C GLY H 66 25.59 38.98 -18.92
N ARG H 67 25.88 39.05 -20.21
CA ARG H 67 26.36 40.29 -20.82
C ARG H 67 25.45 40.78 -21.94
N VAL H 68 24.31 40.13 -22.17
CA VAL H 68 23.40 40.50 -23.25
C VAL H 68 21.98 40.55 -22.71
N THR H 69 21.27 41.64 -23.00
CA THR H 69 19.86 41.78 -22.74
C THR H 69 19.15 42.14 -24.05
N ILE H 70 18.08 41.42 -24.35
CA ILE H 70 17.28 41.68 -25.54
C ILE H 70 15.93 42.22 -25.09
N THR H 71 15.57 43.40 -25.60
CA THR H 71 14.30 44.02 -25.28
C THR H 71 13.61 44.40 -26.58
N ALA H 72 12.37 44.88 -26.47
CA ALA H 72 11.65 45.33 -27.65
C ALA H 72 10.58 46.31 -27.22
N ASP H 73 10.25 47.24 -28.11
CA ASP H 73 9.20 48.21 -27.86
C ASP H 73 8.19 48.14 -29.00
N LYS H 74 6.94 47.86 -28.65
CA LYS H 74 5.85 47.82 -29.63
C LYS H 74 5.40 49.21 -30.05
N SER H 75 5.60 50.23 -29.20
CA SER H 75 5.20 51.58 -29.55
C SER H 75 5.96 52.07 -30.78
N THR H 76 7.29 51.94 -30.77
CA THR H 76 8.08 52.20 -31.96
C THR H 76 8.31 50.95 -32.80
N SER H 77 7.91 49.78 -32.28
CA SER H 77 7.88 48.54 -33.05
C SER H 77 9.28 48.14 -33.53
N THR H 78 10.19 47.99 -32.56
CA THR H 78 11.55 47.58 -32.89
C THR H 78 12.17 46.86 -31.70
N VAL H 79 13.13 46.00 -31.99
CA VAL H 79 13.76 45.15 -30.98
C VAL H 79 15.21 45.57 -30.82
N TYR H 80 15.64 45.77 -29.58
CA TYR H 80 16.99 46.20 -29.25
C TYR H 80 17.77 45.03 -28.65
N LEU H 81 19.03 44.91 -29.09
CA LEU H 81 20.01 44.01 -28.49
C LEU H 81 21.07 44.86 -27.81
N GLU H 82 21.37 44.52 -26.55
CA GLU H 82 22.33 45.27 -25.77
C GLU H 82 23.37 44.30 -25.22
N LEU H 83 24.64 44.60 -25.44
CA LEU H 83 25.74 43.71 -25.07
C LEU H 83 26.69 44.45 -24.14
N ARG H 84 27.07 43.78 -23.06
CA ARG H 84 27.98 44.34 -22.06
C ARG H 84 29.35 43.70 -22.16
N ASN H 85 30.35 44.43 -21.66
CA ASN H 85 31.72 43.93 -21.56
C ASN H 85 32.24 43.49 -22.93
N LEU H 86 32.31 44.45 -23.84
CA LEU H 86 32.80 44.18 -25.18
C LEU H 86 34.25 43.76 -25.13
N ARG H 87 34.63 42.86 -26.04
CA ARG H 87 35.99 42.35 -26.08
C ARG H 87 36.31 41.88 -27.49
N SER H 88 37.61 41.85 -27.80
CA SER H 88 38.06 41.94 -29.19
C SER H 88 37.44 40.86 -30.08
N ASP H 89 37.56 39.59 -29.68
CA ASP H 89 37.13 38.52 -30.56
C ASP H 89 35.63 38.54 -30.81
N ASP H 90 34.87 39.30 -30.02
CA ASP H 90 33.44 39.46 -30.27
C ASP H 90 33.14 40.31 -31.50
N THR H 91 34.16 40.77 -32.23
CA THR H 91 33.91 41.44 -33.51
C THR H 91 33.15 40.50 -34.43
N ALA H 92 32.01 40.96 -34.93
CA ALA H 92 31.15 40.07 -35.71
C ALA H 92 30.03 40.87 -36.36
N VAL H 93 29.30 40.19 -37.25
CA VAL H 93 28.09 40.74 -37.85
C VAL H 93 26.89 40.24 -37.05
N TYR H 94 26.06 41.16 -36.62
CA TYR H 94 24.89 40.85 -35.81
C TYR H 94 23.64 40.91 -36.67
N PHE H 95 22.73 39.97 -36.43
CA PHE H 95 21.53 39.78 -37.24
C PHE H 95 20.33 39.67 -36.32
N CYS H 96 19.29 40.46 -36.62
CA CYS H 96 17.97 40.24 -36.08
C CYS H 96 17.20 39.31 -36.99
N ALA H 97 16.35 38.48 -36.40
CA ALA H 97 15.50 37.59 -37.18
C ALA H 97 14.12 37.59 -36.56
N GLY H 98 13.11 37.45 -37.42
CA GLY H 98 11.73 37.45 -36.97
C GLY H 98 10.95 36.35 -37.65
N VAL H 99 9.98 35.81 -36.90
CA VAL H 99 9.14 34.73 -37.38
C VAL H 99 7.70 35.01 -37.00
N TYR H 100 6.79 34.82 -37.97
CA TYR H 100 5.37 34.86 -37.71
C TYR H 100 4.91 33.54 -37.12
N GLU H 101 4.00 33.63 -36.15
CA GLU H 101 3.61 32.48 -35.35
C GLU H 101 2.11 32.36 -35.15
N GLY H 102 1.31 33.11 -35.90
CA GLY H 102 -0.13 33.05 -35.76
C GLY H 102 -0.67 34.24 -35.01
N GLU H 103 -1.99 34.24 -34.87
CA GLU H 103 -2.71 35.38 -34.31
C GLU H 103 -2.45 35.51 -32.81
N ALA H 104 -1.38 36.21 -32.47
CA ALA H 104 -0.87 36.21 -31.10
C ALA H 104 -1.72 37.06 -30.17
N ASP H 105 -2.33 38.13 -30.66
CA ASP H 105 -3.08 39.03 -29.79
C ASP H 105 -4.24 38.31 -29.11
N GLU H 106 -4.96 37.48 -29.87
CA GLU H 106 -6.13 36.82 -29.32
C GLU H 106 -5.77 35.67 -28.38
N GLY H 107 -4.61 35.04 -28.59
CA GLY H 107 -4.20 33.96 -27.71
C GLY H 107 -3.51 32.83 -28.45
N GLU H 108 -3.62 32.83 -29.77
CA GLU H 108 -2.98 31.80 -30.57
C GLU H 108 -1.46 32.01 -30.58
N TYR H 109 -0.71 30.92 -30.52
CA TYR H 109 0.74 31.03 -30.61
C TYR H 109 1.34 29.70 -31.03
N ASP H 110 2.25 29.76 -32.00
CA ASP H 110 2.90 28.59 -32.57
C ASP H 110 4.25 28.31 -31.93
N ASN H 111 5.04 29.36 -31.65
CA ASN H 111 6.37 29.24 -31.08
C ASN H 111 7.30 28.45 -32.00
N ASN H 112 7.41 28.96 -33.23
CA ASN H 112 8.35 28.40 -34.19
C ASN H 112 9.78 28.71 -33.76
N GLY H 113 10.68 27.78 -34.04
CA GLY H 113 12.07 27.96 -33.66
C GLY H 113 12.99 28.45 -34.77
N PHE H 114 12.56 28.30 -36.01
CA PHE H 114 13.40 28.67 -37.14
C PHE H 114 13.39 30.17 -37.33
N LEU H 115 14.02 30.65 -38.40
CA LEU H 115 14.08 32.06 -38.74
C LEU H 115 13.67 32.25 -40.19
N LYS H 116 12.69 33.12 -40.43
CA LYS H 116 12.21 33.38 -41.78
C LYS H 116 12.59 34.77 -42.27
N HIS H 117 12.20 35.81 -41.54
CA HIS H 117 12.51 37.17 -41.92
C HIS H 117 13.82 37.60 -41.26
N TRP H 118 14.65 38.33 -42.00
CA TRP H 118 15.97 38.69 -41.53
C TRP H 118 16.22 40.18 -41.73
N GLY H 119 17.08 40.75 -40.88
CA GLY H 119 17.55 42.10 -41.07
C GLY H 119 18.70 42.17 -42.06
N GLN H 120 19.10 43.39 -42.39
CA GLN H 120 20.17 43.58 -43.36
C GLN H 120 21.53 43.23 -42.79
N GLY H 121 21.68 43.21 -41.47
CA GLY H 121 22.93 42.80 -40.86
C GLY H 121 23.83 43.94 -40.46
N THR H 122 23.91 44.24 -39.17
CA THR H 122 24.83 45.26 -38.70
C THR H 122 26.18 44.63 -38.44
N LEU H 123 27.22 45.45 -38.42
CA LEU H 123 28.58 44.97 -38.18
C LEU H 123 29.15 45.72 -36.98
N VAL H 124 29.61 44.98 -35.97
CA VAL H 124 30.23 45.58 -34.80
C VAL H 124 31.66 45.10 -34.73
N THR H 125 32.58 46.04 -34.58
CA THR H 125 34.01 45.76 -34.48
C THR H 125 34.55 46.50 -33.27
N VAL H 126 34.83 45.76 -32.20
CA VAL H 126 35.39 46.31 -30.98
C VAL H 126 36.88 45.94 -30.93
N SER H 127 37.73 46.96 -30.89
CA SER H 127 39.18 46.79 -30.93
C SER H 127 39.81 48.12 -30.54
N SER H 128 41.13 48.21 -30.70
CA SER H 128 41.85 49.45 -30.43
C SER H 128 41.65 50.45 -31.54
N ASN I 1 -30.36 -4.89 57.50
CA ASN I 1 -29.56 -6.09 57.67
C ASN I 1 -28.36 -6.08 56.72
N LEU I 2 -28.64 -6.27 55.43
CA LEU I 2 -27.61 -6.28 54.40
C LEU I 2 -28.08 -5.45 53.22
N TRP I 3 -27.12 -4.81 52.55
CA TRP I 3 -27.40 -3.85 51.51
C TRP I 3 -26.81 -4.32 50.18
N VAL I 4 -27.29 -3.72 49.09
CA VAL I 4 -26.79 -4.04 47.76
C VAL I 4 -25.49 -3.29 47.52
N THR I 5 -24.56 -3.91 46.80
CA THR I 5 -23.29 -3.30 46.49
C THR I 5 -23.07 -3.33 44.98
N VAL I 6 -22.18 -2.44 44.52
CA VAL I 6 -22.05 -2.15 43.09
C VAL I 6 -20.59 -2.44 42.73
N TYR I 7 -20.03 -3.49 43.32
CA TYR I 7 -18.67 -3.92 43.06
C TYR I 7 -18.33 -3.87 41.58
N TYR I 8 -17.34 -3.06 41.22
CA TYR I 8 -16.87 -2.93 39.85
C TYR I 8 -15.46 -3.50 39.73
N GLY I 9 -15.24 -4.31 38.71
CA GLY I 9 -13.98 -4.99 38.51
C GLY I 9 -14.04 -6.48 38.74
N VAL I 10 -15.21 -7.03 39.00
CA VAL I 10 -15.38 -8.46 39.22
C VAL I 10 -15.12 -9.17 37.89
N PRO I 11 -14.55 -10.37 37.89
CA PRO I 11 -14.30 -11.09 36.64
C PRO I 11 -15.46 -12.02 36.25
N VAL I 12 -16.63 -11.43 36.01
CA VAL I 12 -17.81 -12.18 35.63
C VAL I 12 -18.10 -11.91 34.17
N TRP I 13 -18.42 -12.96 33.43
CA TRP I 13 -18.64 -12.88 31.99
C TRP I 13 -19.94 -13.58 31.62
N LYS I 14 -20.44 -13.27 30.43
CA LYS I 14 -21.73 -13.77 29.96
C LYS I 14 -21.59 -14.43 28.60
N ASP I 15 -22.43 -15.41 28.34
CA ASP I 15 -22.49 -16.05 27.03
C ASP I 15 -23.19 -15.10 26.07
N ALA I 16 -22.49 -14.67 25.02
CA ALA I 16 -23.03 -13.69 24.09
C ALA I 16 -22.75 -14.11 22.65
N GLU I 17 -23.62 -13.64 21.76
CA GLU I 17 -23.49 -13.90 20.33
C GLU I 17 -22.69 -12.79 19.67
N THR I 18 -21.83 -13.15 18.72
CA THR I 18 -20.92 -12.19 18.14
C THR I 18 -20.59 -12.62 16.72
N THR I 19 -20.01 -11.69 15.97
CA THR I 19 -19.66 -11.89 14.56
C THR I 19 -18.15 -11.86 14.43
N LEU I 20 -17.54 -13.04 14.37
CA LEU I 20 -16.09 -13.17 14.34
C LEU I 20 -15.58 -12.76 12.95
N PHE I 21 -14.28 -12.94 12.72
CA PHE I 21 -13.73 -12.73 11.39
C PHE I 21 -12.59 -13.71 11.19
N CYS I 22 -12.25 -14.00 9.94
CA CYS I 22 -11.22 -15.01 9.72
C CYS I 22 -9.86 -14.50 10.18
N ALA I 23 -8.88 -15.37 9.99
CA ALA I 23 -7.48 -14.99 9.84
C ALA I 23 -6.88 -16.06 8.92
N SER I 24 -6.92 -15.81 7.63
CA SER I 24 -6.73 -16.85 6.63
C SER I 24 -5.43 -16.59 5.87
N ASP I 25 -4.41 -17.40 6.16
CA ASP I 25 -3.17 -17.32 5.41
C ASP I 25 -3.41 -17.77 3.97
N ALA I 26 -3.42 -16.82 3.03
CA ALA I 26 -3.76 -17.11 1.65
C ALA I 26 -2.83 -16.34 0.74
N LYS I 27 -2.08 -17.08 -0.09
CA LYS I 27 -1.19 -16.44 -1.05
C LYS I 27 -2.00 -15.70 -2.10
N ALA I 28 -1.62 -14.45 -2.37
CA ALA I 28 -2.39 -13.64 -3.31
C ALA I 28 -2.18 -14.08 -4.75
N TYR I 29 -0.99 -14.58 -5.08
CA TYR I 29 -0.71 -14.97 -6.46
C TYR I 29 -1.50 -16.20 -6.88
N GLU I 30 -1.87 -17.06 -5.93
CA GLU I 30 -2.58 -18.28 -6.27
C GLU I 30 -3.94 -17.98 -6.87
N THR I 31 -4.28 -18.69 -7.94
CA THR I 31 -5.56 -18.52 -8.62
C THR I 31 -6.63 -19.46 -8.07
N GLU I 32 -6.32 -20.24 -7.04
CA GLU I 32 -7.33 -21.11 -6.45
C GLU I 32 -8.44 -20.29 -5.83
N LYS I 33 -9.66 -20.81 -5.92
CA LYS I 33 -10.82 -20.04 -5.46
C LYS I 33 -10.79 -19.82 -3.96
N HIS I 34 -10.32 -20.81 -3.19
CA HIS I 34 -10.21 -20.64 -1.75
C HIS I 34 -9.25 -19.51 -1.41
N ASN I 35 -8.08 -19.49 -2.03
CA ASN I 35 -7.11 -18.43 -1.74
C ASN I 35 -7.65 -17.07 -2.17
N VAL I 36 -8.27 -16.99 -3.34
CA VAL I 36 -8.80 -15.72 -3.82
C VAL I 36 -9.87 -15.20 -2.87
N TRP I 37 -10.81 -16.06 -2.48
CA TRP I 37 -11.88 -15.63 -1.58
C TRP I 37 -11.32 -15.25 -0.22
N ALA I 38 -10.36 -16.01 0.30
CA ALA I 38 -9.78 -15.66 1.59
C ALA I 38 -9.11 -14.29 1.54
N THR I 39 -8.32 -14.04 0.50
CA THR I 39 -7.65 -12.75 0.39
C THR I 39 -8.64 -11.61 0.28
N HIS I 40 -9.69 -11.77 -0.53
CA HIS I 40 -10.61 -10.66 -0.75
C HIS I 40 -11.69 -10.56 0.31
N ALA I 41 -11.82 -11.52 1.21
CA ALA I 41 -12.92 -11.49 2.16
C ALA I 41 -12.49 -11.42 3.61
N CYS I 42 -11.26 -11.80 3.97
CA CYS I 42 -10.91 -11.77 5.37
C CYS I 42 -9.40 -11.83 5.58
N VAL I 43 -9.00 -11.35 6.76
CA VAL I 43 -7.70 -10.76 7.06
C VAL I 43 -6.58 -11.78 7.20
N PRO I 44 -5.34 -11.44 6.83
CA PRO I 44 -4.20 -12.34 7.10
C PRO I 44 -4.03 -12.60 8.60
N THR I 45 -3.51 -13.78 8.91
CA THR I 45 -3.43 -14.23 10.29
C THR I 45 -2.44 -13.40 11.09
N ASP I 46 -2.90 -12.94 12.25
CA ASP I 46 -2.04 -12.15 13.14
C ASP I 46 -1.07 -13.08 13.85
N PRO I 47 0.25 -12.86 13.73
CA PRO I 47 1.24 -13.83 14.20
C PRO I 47 1.63 -13.67 15.66
N ASN I 48 0.63 -13.58 16.53
CA ASN I 48 0.83 -13.63 17.98
C ASN I 48 -0.15 -14.64 18.58
N PRO I 49 0.04 -15.93 18.29
CA PRO I 49 -0.86 -16.93 18.89
C PRO I 49 -0.58 -17.05 20.38
N GLN I 50 -1.48 -16.49 21.19
CA GLN I 50 -1.30 -16.43 22.62
C GLN I 50 -2.25 -17.43 23.30
N GLU I 51 -2.20 -17.43 24.62
CA GLU I 51 -3.10 -18.26 25.42
C GLU I 51 -3.09 -17.71 26.84
N ILE I 52 -4.26 -17.68 27.47
CA ILE I 52 -4.40 -17.23 28.86
C ILE I 52 -5.15 -18.34 29.59
N HIS I 53 -4.41 -19.26 30.20
CA HIS I 53 -5.04 -20.35 30.92
C HIS I 53 -5.68 -19.83 32.20
N LEU I 54 -6.85 -20.35 32.52
CA LEU I 54 -7.59 -19.91 33.70
C LEU I 54 -7.77 -21.11 34.63
N GLU I 55 -7.37 -20.95 35.89
CA GLU I 55 -7.36 -22.03 36.86
C GLU I 55 -8.56 -21.94 37.78
N ASN I 56 -8.96 -23.10 38.31
CA ASN I 56 -10.05 -23.21 39.28
C ASN I 56 -11.32 -22.53 38.78
N VAL I 57 -11.56 -22.64 37.47
CA VAL I 57 -12.73 -22.05 36.84
C VAL I 57 -13.47 -23.15 36.10
N THR I 58 -14.78 -23.17 36.27
CA THR I 58 -15.66 -24.15 35.65
C THR I 58 -16.62 -23.43 34.70
N GLU I 59 -16.61 -23.83 33.43
CA GLU I 59 -17.42 -23.20 32.41
C GLU I 59 -18.36 -24.23 31.78
N GLU I 60 -19.60 -23.81 31.55
CA GLU I 60 -20.64 -24.70 31.02
C GLU I 60 -20.61 -24.66 29.50
N PHE I 61 -19.71 -25.46 28.93
CA PHE I 61 -19.61 -25.56 27.48
C PHE I 61 -20.80 -26.33 26.91
N ASN I 62 -21.07 -26.09 25.63
CA ASN I 62 -22.18 -26.76 24.95
C ASN I 62 -21.84 -26.81 23.46
N MET I 63 -21.41 -27.99 23.00
CA MET I 63 -21.08 -28.17 21.59
C MET I 63 -22.29 -28.05 20.68
N TRP I 64 -23.51 -28.10 21.23
CA TRP I 64 -24.72 -28.18 20.45
C TRP I 64 -25.50 -26.88 20.36
N LYS I 65 -25.39 -26.00 21.35
CA LYS I 65 -26.00 -24.68 21.28
C LYS I 65 -25.01 -23.60 20.89
N ASN I 66 -23.79 -23.98 20.49
CA ASN I 66 -22.80 -23.03 20.06
C ASN I 66 -23.31 -22.23 18.86
N ASN I 67 -23.10 -20.92 18.90
CA ASN I 67 -23.48 -20.03 17.79
C ASN I 67 -22.33 -19.80 16.82
N MET I 68 -21.10 -19.97 17.28
CA MET I 68 -19.94 -19.93 16.39
C MET I 68 -20.11 -20.91 15.24
N VAL I 69 -20.81 -22.02 15.48
CA VAL I 69 -21.07 -22.99 14.43
C VAL I 69 -21.94 -22.37 13.33
N GLU I 70 -23.00 -21.66 13.73
CA GLU I 70 -23.85 -21.03 12.74
C GLU I 70 -23.10 -19.96 11.97
N GLN I 71 -22.23 -19.21 12.66
CA GLN I 71 -21.40 -18.23 11.97
C GLN I 71 -20.53 -18.90 10.91
N MET I 72 -19.91 -20.02 11.28
CA MET I 72 -19.07 -20.74 10.32
C MET I 72 -19.89 -21.26 9.14
N HIS I 73 -21.10 -21.76 9.42
CA HIS I 73 -21.94 -22.28 8.35
C HIS I 73 -22.28 -21.19 7.35
N THR I 74 -22.70 -20.02 7.83
CA THR I 74 -23.03 -18.92 6.94
C THR I 74 -21.80 -18.47 6.15
N ASP I 75 -20.65 -18.40 6.83
CA ASP I 75 -19.43 -17.99 6.14
C ASP I 75 -19.04 -18.96 5.03
N ILE I 76 -19.15 -20.27 5.29
CA ILE I 76 -18.78 -21.24 4.28
C ILE I 76 -19.80 -21.25 3.13
N ILE I 77 -21.08 -21.06 3.45
CA ILE I 77 -22.09 -20.91 2.41
C ILE I 77 -21.69 -19.78 1.47
N SER I 78 -21.35 -18.63 2.04
CA SER I 78 -20.94 -17.50 1.21
C SER I 78 -19.64 -17.78 0.48
N LEU I 79 -18.78 -18.64 1.04
CA LEU I 79 -17.54 -18.98 0.34
C LEU I 79 -17.83 -19.77 -0.93
N TRP I 80 -18.64 -20.83 -0.82
CA TRP I 80 -18.94 -21.64 -1.98
C TRP I 80 -19.77 -20.89 -3.01
N ASP I 81 -20.73 -20.09 -2.56
CA ASP I 81 -21.60 -19.38 -3.51
C ASP I 81 -20.79 -18.56 -4.49
N GLN I 82 -19.60 -18.09 -4.07
CA GLN I 82 -18.73 -17.34 -4.95
C GLN I 82 -17.66 -18.22 -5.60
N SER I 83 -17.11 -19.19 -4.87
CA SER I 83 -15.99 -19.96 -5.40
C SER I 83 -16.43 -20.92 -6.50
N LEU I 84 -17.53 -21.64 -6.29
CA LEU I 84 -17.95 -22.67 -7.23
C LEU I 84 -19.14 -22.16 -8.05
N LYS I 85 -18.97 -22.14 -9.37
CA LYS I 85 -20.01 -21.64 -10.25
C LYS I 85 -20.76 -22.83 -10.83
N PRO I 86 -22.03 -23.02 -10.50
CA PRO I 86 -22.81 -24.08 -11.15
C PRO I 86 -23.36 -23.59 -12.48
N CYS I 87 -23.34 -24.47 -13.48
CA CYS I 87 -23.81 -24.08 -14.81
C CYS I 87 -25.30 -23.79 -14.80
N VAL I 88 -26.10 -24.67 -14.20
CA VAL I 88 -27.57 -24.56 -14.22
C VAL I 88 -28.05 -24.77 -12.79
N LYS I 89 -28.28 -23.69 -12.05
CA LYS I 89 -28.77 -23.80 -10.69
C LYS I 89 -30.28 -23.92 -10.67
N LEU I 90 -30.79 -24.56 -9.61
CA LEU I 90 -32.22 -24.76 -9.44
C LEU I 90 -32.57 -24.52 -7.98
N THR I 91 -33.39 -23.50 -7.71
CA THR I 91 -33.80 -23.18 -6.35
C THR I 91 -35.32 -23.21 -6.25
N PRO I 92 -35.90 -24.12 -5.45
CA PRO I 92 -37.36 -24.17 -5.33
C PRO I 92 -37.96 -22.87 -4.78
N LEU I 93 -37.55 -22.50 -3.57
CA LEU I 93 -38.12 -21.35 -2.86
C LEU I 93 -39.64 -21.44 -2.81
N CYS I 94 -40.12 -22.47 -2.11
CA CYS I 94 -41.55 -22.73 -2.02
C CYS I 94 -42.21 -21.68 -1.11
N VAL I 95 -43.52 -21.83 -0.94
CA VAL I 95 -44.30 -20.92 -0.10
C VAL I 95 -45.20 -21.73 0.83
N ASN I 163 -46.82 -22.28 -2.72
CA ASN I 163 -47.08 -22.19 -4.15
C ASN I 163 -46.00 -22.93 -4.95
N CYS I 164 -44.74 -22.70 -4.56
CA CYS I 164 -43.58 -23.38 -5.12
C CYS I 164 -43.29 -22.97 -6.56
N ASN I 165 -42.03 -22.96 -6.93
CA ASN I 165 -41.56 -22.63 -8.28
C ASN I 165 -40.12 -23.09 -8.38
N THR I 166 -39.43 -22.69 -9.46
CA THR I 166 -38.01 -22.93 -9.58
C THR I 166 -37.30 -21.64 -10.00
N SER I 167 -36.00 -21.75 -10.29
CA SER I 167 -35.24 -20.65 -10.83
C SER I 167 -34.06 -21.25 -11.58
N ALA I 168 -33.74 -20.68 -12.74
CA ALA I 168 -32.80 -21.30 -13.65
C ALA I 168 -31.59 -20.42 -13.91
N ILE I 169 -31.01 -19.88 -12.84
CA ILE I 169 -29.85 -19.00 -12.96
C ILE I 169 -28.75 -19.74 -13.71
N THR I 170 -28.42 -19.26 -14.89
CA THR I 170 -27.44 -19.89 -15.76
C THR I 170 -26.22 -19.00 -15.87
N GLN I 171 -25.05 -19.55 -15.56
CA GLN I 171 -23.83 -18.76 -15.53
C GLN I 171 -22.66 -19.61 -16.00
N ALA I 172 -21.61 -18.94 -16.45
CA ALA I 172 -20.41 -19.63 -16.87
C ALA I 172 -19.81 -20.41 -15.70
N CYS I 173 -19.36 -21.62 -15.99
CA CYS I 173 -18.85 -22.55 -14.98
C CYS I 173 -17.47 -23.04 -15.39
N PRO I 174 -16.46 -22.17 -15.34
CA PRO I 174 -15.11 -22.60 -15.70
C PRO I 174 -14.54 -23.56 -14.66
N LYS I 175 -13.47 -24.23 -15.04
CA LYS I 175 -12.78 -25.18 -14.18
C LYS I 175 -11.59 -24.49 -13.51
N VAL I 176 -11.52 -24.61 -12.18
CA VAL I 176 -10.51 -23.90 -11.40
C VAL I 176 -10.09 -24.79 -10.25
N SER I 177 -8.88 -24.56 -9.76
CA SER I 177 -8.36 -25.36 -8.65
C SER I 177 -9.20 -25.14 -7.40
N PHE I 178 -9.25 -26.17 -6.55
CA PHE I 178 -10.13 -26.14 -5.38
C PHE I 178 -9.54 -27.08 -4.33
N GLU I 179 -8.86 -26.50 -3.35
CA GLU I 179 -8.33 -27.30 -2.25
C GLU I 179 -8.38 -26.46 -0.97
N PRO I 180 -9.16 -26.89 0.03
CA PRO I 180 -9.36 -26.05 1.21
C PRO I 180 -8.06 -25.74 1.93
N ILE I 181 -8.01 -24.55 2.51
CA ILE I 181 -6.86 -24.04 3.25
C ILE I 181 -7.27 -23.90 4.71
N PRO I 182 -6.33 -23.76 5.65
CA PRO I 182 -6.72 -23.47 7.03
C PRO I 182 -7.30 -22.06 7.13
N ILE I 183 -8.52 -21.98 7.66
CA ILE I 183 -9.22 -20.72 7.89
C ILE I 183 -9.63 -20.74 9.36
N HIS I 184 -8.92 -20.01 10.20
CA HIS I 184 -9.25 -19.95 11.62
C HIS I 184 -10.03 -18.69 11.92
N TYR I 185 -10.76 -18.72 13.03
CA TYR I 185 -11.67 -17.64 13.39
C TYR I 185 -11.12 -16.86 14.56
N CYS I 186 -11.43 -15.56 14.58
CA CYS I 186 -10.94 -14.65 15.60
C CYS I 186 -12.10 -13.84 16.12
N ALA I 187 -12.20 -13.74 17.44
CA ALA I 187 -13.24 -12.96 18.08
C ALA I 187 -12.98 -11.47 17.87
N PRO I 188 -14.02 -10.66 17.85
CA PRO I 188 -13.81 -9.22 17.65
C PRO I 188 -13.26 -8.57 18.90
N ALA I 189 -13.11 -7.25 18.88
CA ALA I 189 -12.64 -6.53 20.05
C ALA I 189 -13.75 -6.49 21.10
N GLY I 190 -13.47 -7.04 22.27
CA GLY I 190 -14.43 -7.01 23.35
C GLY I 190 -14.79 -8.39 23.88
N PHE I 191 -14.94 -9.36 22.99
CA PHE I 191 -15.30 -10.71 23.38
C PHE I 191 -14.06 -11.59 23.43
N ALA I 192 -14.21 -12.75 24.07
CA ALA I 192 -13.13 -13.72 24.20
C ALA I 192 -13.60 -15.08 23.74
N ILE I 193 -12.66 -15.90 23.28
CA ILE I 193 -12.94 -17.23 22.76
C ILE I 193 -12.34 -18.24 23.73
N LEU I 194 -13.20 -19.02 24.38
CA LEU I 194 -12.75 -19.94 25.42
C LEU I 194 -12.17 -21.19 24.77
N LYS I 195 -11.92 -22.22 25.59
CA LYS I 195 -11.32 -23.46 25.13
C LYS I 195 -11.59 -24.54 26.17
N CYS I 196 -11.51 -25.78 25.73
CA CYS I 196 -11.72 -26.96 26.59
C CYS I 196 -10.53 -27.88 26.37
N LYS I 197 -9.46 -27.65 27.13
CA LYS I 197 -8.17 -28.30 26.87
C LYS I 197 -8.02 -29.64 27.58
N ASP I 198 -9.12 -30.32 27.89
CA ASP I 198 -9.06 -31.68 28.43
C ASP I 198 -9.50 -32.66 27.35
N LYS I 199 -8.70 -33.71 27.15
CA LYS I 199 -8.98 -34.66 26.08
C LYS I 199 -10.24 -35.48 26.39
N LYS I 200 -10.54 -35.70 27.66
CA LYS I 200 -11.65 -36.54 28.08
C LYS I 200 -13.01 -35.97 27.68
N PHE I 201 -13.05 -34.71 27.25
CA PHE I 201 -14.28 -33.92 27.17
C PHE I 201 -15.46 -34.71 26.61
N ASN I 202 -16.51 -34.82 27.43
CA ASN I 202 -17.77 -35.41 26.98
C ASN I 202 -18.30 -34.67 25.76
N GLY I 203 -18.31 -33.34 25.82
CA GLY I 203 -18.83 -32.53 24.75
C GLY I 203 -19.80 -31.48 25.25
N THR I 204 -20.61 -31.85 26.21
CA THR I 204 -21.51 -30.94 26.89
C THR I 204 -21.16 -30.89 28.38
N GLY I 205 -21.84 -30.02 29.11
CA GLY I 205 -21.60 -29.89 30.53
C GLY I 205 -20.25 -29.28 30.85
N PRO I 206 -20.04 -28.95 32.12
CA PRO I 206 -18.80 -28.27 32.51
C PRO I 206 -17.56 -29.11 32.23
N CYS I 207 -16.48 -28.45 31.83
CA CYS I 207 -15.21 -29.12 31.58
C CYS I 207 -14.09 -28.33 32.25
N PRO I 208 -13.29 -28.96 33.09
CA PRO I 208 -12.30 -28.24 33.91
C PRO I 208 -10.95 -28.10 33.22
N SER I 209 -10.95 -27.45 32.05
CA SER I 209 -9.70 -27.01 31.42
C SER I 209 -10.05 -25.88 30.47
N VAL I 210 -9.79 -24.64 30.90
CA VAL I 210 -10.16 -23.46 30.13
C VAL I 210 -8.92 -22.63 29.88
N SER I 211 -8.73 -22.20 28.64
CA SER I 211 -7.58 -21.39 28.26
C SER I 211 -8.04 -20.41 27.17
N THR I 212 -8.35 -19.19 27.58
CA THR I 212 -8.89 -18.21 26.65
C THR I 212 -7.86 -17.85 25.58
N VAL I 213 -8.33 -17.77 24.33
CA VAL I 213 -7.53 -17.42 23.17
C VAL I 213 -8.30 -16.39 22.34
N GLN I 214 -7.58 -15.72 21.44
CA GLN I 214 -8.23 -14.78 20.53
C GLN I 214 -8.60 -15.42 19.20
N CYS I 215 -7.67 -16.12 18.56
CA CYS I 215 -7.89 -16.77 17.28
C CYS I 215 -7.84 -18.28 17.47
N THR I 216 -8.84 -18.98 16.93
CA THR I 216 -8.93 -20.42 17.03
C THR I 216 -7.93 -21.10 16.11
N HIS I 217 -7.98 -22.43 16.04
CA HIS I 217 -7.00 -23.17 15.28
C HIS I 217 -7.40 -23.22 13.81
N GLY I 218 -6.46 -23.65 12.98
CA GLY I 218 -6.59 -23.54 11.53
C GLY I 218 -7.61 -24.50 10.96
N ILE I 219 -8.89 -24.24 11.24
CA ILE I 219 -9.98 -25.08 10.75
C ILE I 219 -9.98 -25.11 9.24
N LYS I 220 -9.73 -26.27 8.66
CA LYS I 220 -9.82 -26.47 7.23
C LYS I 220 -11.28 -26.79 6.92
N PRO I 221 -12.00 -25.91 6.24
CA PRO I 221 -13.39 -26.22 5.94
C PRO I 221 -13.45 -27.29 4.87
N VAL I 222 -13.69 -28.52 5.27
CA VAL I 222 -13.64 -29.66 4.37
C VAL I 222 -15.04 -30.18 4.18
N VAL I 223 -15.43 -30.32 2.92
CA VAL I 223 -16.79 -30.63 2.53
C VAL I 223 -16.85 -32.12 2.28
N SER I 224 -17.56 -32.84 3.15
CA SER I 224 -17.76 -34.27 3.00
C SER I 224 -19.01 -34.65 3.76
N THR I 225 -19.30 -35.94 3.79
CA THR I 225 -20.48 -36.43 4.48
C THR I 225 -20.27 -37.89 4.85
N GLN I 226 -20.59 -38.22 6.12
CA GLN I 226 -20.57 -39.57 6.63
C GLN I 226 -19.13 -40.04 6.82
N LEU I 227 -18.18 -39.25 6.33
CA LEU I 227 -16.77 -39.53 6.56
C LEU I 227 -16.03 -38.20 6.39
N LEU I 228 -15.67 -37.58 7.51
CA LEU I 228 -14.99 -36.29 7.44
C LEU I 228 -13.56 -36.48 6.95
N LEU I 229 -13.00 -35.42 6.37
CA LEU I 229 -11.68 -35.49 5.77
C LEU I 229 -10.83 -34.33 6.25
N ASN I 230 -9.52 -34.56 6.28
CA ASN I 230 -8.51 -33.54 6.60
C ASN I 230 -8.78 -32.84 7.93
N GLY I 231 -9.55 -33.46 8.81
CA GLY I 231 -9.94 -32.82 10.06
C GLY I 231 -8.84 -32.85 11.09
N SER I 232 -9.20 -32.43 12.29
CA SER I 232 -8.31 -32.45 13.44
C SER I 232 -8.65 -33.65 14.31
N LEU I 233 -7.62 -34.35 14.77
CA LEU I 233 -7.78 -35.60 15.51
C LEU I 233 -7.62 -35.37 17.00
N ALA I 234 -8.18 -36.28 17.78
CA ALA I 234 -8.01 -36.28 19.22
C ALA I 234 -6.61 -36.78 19.55
N GLU I 235 -6.33 -36.97 20.83
CA GLU I 235 -5.00 -37.40 21.26
C GLU I 235 -4.99 -38.71 22.02
N GLU I 236 -5.95 -38.95 22.90
CA GLU I 236 -5.92 -40.17 23.70
C GLU I 236 -6.74 -41.29 23.05
N GLU I 237 -8.03 -41.07 22.86
CA GLU I 237 -8.91 -42.10 22.34
C GLU I 237 -10.04 -41.45 21.55
N VAL I 238 -10.68 -42.25 20.69
CA VAL I 238 -11.87 -41.77 20.00
C VAL I 238 -12.91 -41.38 21.03
N MET I 239 -13.61 -40.28 20.77
CA MET I 239 -14.54 -39.72 21.73
C MET I 239 -15.94 -39.70 21.15
N ILE I 240 -16.86 -40.40 21.81
CA ILE I 240 -18.22 -40.58 21.27
C ILE I 240 -19.04 -39.42 21.80
N ARG I 241 -18.93 -38.30 21.12
CA ARG I 241 -19.66 -37.09 21.50
C ARG I 241 -21.03 -37.11 20.83
N SER I 242 -22.07 -36.86 21.61
CA SER I 242 -23.42 -37.04 21.12
C SER I 242 -24.36 -36.04 21.77
N GLU I 243 -25.41 -35.66 21.04
CA GLU I 243 -26.42 -34.78 21.61
C GLU I 243 -27.19 -35.49 22.72
N ASN I 244 -27.63 -36.71 22.46
CA ASN I 244 -28.33 -37.50 23.47
C ASN I 244 -28.19 -38.97 23.09
N ILE I 245 -27.35 -39.70 23.84
CA ILE I 245 -27.26 -41.14 23.65
C ILE I 245 -28.62 -41.77 23.91
N THR I 246 -28.98 -42.74 23.07
CA THR I 246 -30.30 -43.38 23.08
C THR I 246 -31.39 -42.35 22.75
N ASN I 247 -31.27 -41.74 21.57
CA ASN I 247 -32.31 -40.89 21.02
C ASN I 247 -32.63 -41.18 19.55
N ASN I 248 -31.69 -41.76 18.79
CA ASN I 248 -31.94 -42.25 17.44
C ASN I 248 -32.22 -41.14 16.44
N ALA I 249 -32.30 -39.90 16.92
CA ALA I 249 -32.48 -38.74 16.04
C ALA I 249 -31.31 -37.78 16.15
N LYS I 250 -30.26 -38.15 16.88
CA LYS I 250 -29.11 -37.31 17.11
C LYS I 250 -27.86 -38.05 16.67
N ASN I 251 -27.02 -37.39 15.88
CA ASN I 251 -25.89 -38.05 15.25
C ASN I 251 -24.72 -38.20 16.20
N ILE I 252 -24.22 -39.42 16.34
CA ILE I 252 -22.91 -39.63 16.93
C ILE I 252 -21.88 -38.90 16.08
N LEU I 253 -20.77 -38.50 16.70
CA LEU I 253 -19.75 -37.75 15.98
C LEU I 253 -18.36 -38.26 16.32
N VAL I 254 -18.18 -39.57 16.27
CA VAL I 254 -16.90 -40.23 16.55
C VAL I 254 -15.75 -39.49 15.87
N GLN I 255 -14.60 -39.41 16.53
CA GLN I 255 -13.43 -38.76 15.96
C GLN I 255 -12.21 -39.67 16.14
N PHE I 256 -11.42 -39.79 15.08
CA PHE I 256 -10.35 -40.77 15.04
C PHE I 256 -9.12 -40.29 15.80
N ASN I 257 -8.23 -41.24 16.09
CA ASN I 257 -6.95 -40.99 16.75
C ASN I 257 -5.82 -40.79 15.76
N THR I 258 -5.79 -41.60 14.69
CA THR I 258 -4.77 -41.52 13.67
C THR I 258 -5.43 -41.45 12.30
N PRO I 259 -4.80 -40.80 11.33
CA PRO I 259 -5.36 -40.75 9.99
C PRO I 259 -5.37 -42.11 9.32
N VAL I 260 -6.33 -42.29 8.41
CA VAL I 260 -6.49 -43.55 7.69
C VAL I 260 -5.82 -43.54 6.33
N GLN I 261 -5.36 -42.37 5.85
CA GLN I 261 -4.58 -42.25 4.62
C GLN I 261 -5.34 -42.83 3.44
N ILE I 262 -6.43 -42.16 3.09
CA ILE I 262 -7.24 -42.53 1.95
C ILE I 262 -6.74 -41.77 0.73
N ASN I 263 -6.27 -42.49 -0.27
CA ASN I 263 -5.96 -41.82 -1.53
C ASN I 263 -7.13 -42.03 -2.48
N CYS I 264 -7.33 -41.09 -3.39
CA CYS I 264 -8.44 -41.25 -4.31
C CYS I 264 -8.05 -40.59 -5.62
N THR I 265 -8.21 -41.33 -6.71
CA THR I 265 -7.54 -40.95 -7.94
C THR I 265 -8.25 -41.55 -9.13
N ARG I 266 -8.25 -40.80 -10.23
CA ARG I 266 -8.70 -41.27 -11.52
C ARG I 266 -7.52 -41.40 -12.47
N PRO I 267 -7.34 -42.54 -13.13
CA PRO I 267 -6.19 -42.70 -14.03
C PRO I 267 -6.32 -41.90 -15.31
N ASN I 268 -5.32 -41.99 -16.17
CA ASN I 268 -5.29 -41.27 -17.45
C ASN I 268 -5.70 -42.14 -18.63
N ASN I 269 -6.62 -43.07 -18.40
CA ASN I 269 -7.07 -43.97 -19.47
C ASN I 269 -7.84 -43.20 -20.55
N ASP I 292 -14.52 -45.57 -17.50
CA ASP I 292 -14.77 -44.46 -18.41
C ASP I 292 -13.76 -43.35 -18.21
N ILE I 293 -14.22 -42.12 -18.37
CA ILE I 293 -13.48 -40.94 -17.96
C ILE I 293 -14.04 -40.36 -16.66
N ARG I 294 -14.99 -41.05 -16.04
CA ARG I 294 -15.75 -40.54 -14.91
C ARG I 294 -15.85 -41.58 -13.80
N GLN I 295 -14.84 -42.45 -13.68
CA GLN I 295 -14.83 -43.47 -12.63
C GLN I 295 -13.43 -43.54 -12.05
N ALA I 296 -13.32 -43.33 -10.74
CA ALA I 296 -12.06 -43.29 -10.02
C ALA I 296 -12.12 -44.26 -8.85
N HIS I 297 -10.96 -44.49 -8.24
CA HIS I 297 -10.86 -45.43 -7.13
C HIS I 297 -10.32 -44.73 -5.89
N CYS I 298 -10.95 -45.03 -4.75
CA CYS I 298 -10.48 -44.59 -3.44
C CYS I 298 -9.84 -45.78 -2.74
N ASN I 299 -8.51 -45.77 -2.61
CA ASN I 299 -7.78 -46.88 -2.01
C ASN I 299 -7.38 -46.51 -0.59
N VAL I 300 -7.63 -47.43 0.35
CA VAL I 300 -7.19 -47.31 1.73
C VAL I 300 -6.53 -48.62 2.13
N SER I 301 -5.95 -48.63 3.32
CA SER I 301 -5.27 -49.80 3.85
C SER I 301 -6.21 -50.61 4.73
N LYS I 302 -6.33 -51.90 4.43
CA LYS I 302 -7.29 -52.75 5.15
C LYS I 302 -6.93 -52.91 6.61
N ALA I 303 -5.63 -53.06 6.91
CA ALA I 303 -5.21 -53.25 8.29
C ALA I 303 -5.40 -51.98 9.12
N THR I 304 -5.04 -50.83 8.55
CA THR I 304 -5.23 -49.56 9.26
C THR I 304 -6.70 -49.32 9.54
N TRP I 305 -7.55 -49.56 8.55
CA TRP I 305 -8.98 -49.38 8.78
C TRP I 305 -9.51 -50.40 9.78
N ASN I 306 -8.99 -51.62 9.75
CA ASN I 306 -9.45 -52.64 10.68
C ASN I 306 -9.15 -52.24 12.12
N GLU I 307 -7.93 -51.77 12.38
CA GLU I 307 -7.58 -51.36 13.74
C GLU I 307 -8.34 -50.10 14.13
N THR I 308 -8.51 -49.16 13.20
CA THR I 308 -9.24 -47.94 13.53
C THR I 308 -10.72 -48.24 13.78
N LEU I 309 -11.24 -49.31 13.17
CA LEU I 309 -12.60 -49.74 13.44
C LEU I 309 -12.69 -50.47 14.78
N GLY I 310 -11.66 -51.22 15.14
CA GLY I 310 -11.65 -51.85 16.44
C GLY I 310 -11.53 -50.85 17.58
N LYS I 311 -10.93 -49.69 17.30
CA LYS I 311 -10.81 -48.67 18.34
C LYS I 311 -12.17 -48.05 18.68
N VAL I 312 -13.02 -47.83 17.68
CA VAL I 312 -14.29 -47.13 17.92
C VAL I 312 -15.25 -47.98 18.74
N VAL I 313 -15.33 -49.27 18.44
CA VAL I 313 -16.29 -50.13 19.12
C VAL I 313 -16.00 -50.21 20.60
N LYS I 314 -14.73 -50.09 20.99
CA LYS I 314 -14.37 -50.08 22.40
C LYS I 314 -15.11 -48.99 23.15
N GLN I 315 -15.00 -47.74 22.66
CA GLN I 315 -15.70 -46.64 23.31
C GLN I 315 -17.21 -46.73 23.13
N LEU I 316 -17.66 -47.31 22.02
CA LEU I 316 -19.10 -47.44 21.82
C LEU I 316 -19.71 -48.36 22.87
N ARG I 317 -19.00 -49.46 23.18
CA ARG I 317 -19.45 -50.35 24.25
C ARG I 317 -19.20 -49.74 25.62
N LYS I 318 -18.19 -48.88 25.75
CA LYS I 318 -17.97 -48.17 27.00
C LYS I 318 -19.17 -47.30 27.35
N HIS I 319 -19.61 -46.48 26.41
CA HIS I 319 -20.77 -45.63 26.65
C HIS I 319 -22.07 -46.43 26.71
N PHE I 320 -22.16 -47.51 25.94
CA PHE I 320 -23.36 -48.33 25.89
C PHE I 320 -23.22 -49.50 26.87
N GLY I 321 -24.14 -50.45 26.77
CA GLY I 321 -24.04 -51.63 27.61
C GLY I 321 -22.82 -52.46 27.25
N ASN I 322 -22.24 -53.10 28.26
CA ASN I 322 -21.06 -53.93 28.06
C ASN I 322 -21.47 -55.36 27.70
N ASN I 323 -20.47 -56.17 27.38
CA ASN I 323 -20.64 -57.56 26.93
C ASN I 323 -21.81 -57.71 25.98
N THR I 324 -21.84 -56.83 24.98
CA THR I 324 -22.87 -56.84 23.95
C THR I 324 -22.23 -57.04 22.59
N ILE I 325 -22.99 -57.62 21.67
CA ILE I 325 -22.53 -57.88 20.31
C ILE I 325 -22.85 -56.66 19.47
N ILE I 326 -21.82 -56.11 18.81
CA ILE I 326 -22.00 -54.94 17.95
C ILE I 326 -21.83 -55.38 16.51
N ARG I 327 -22.45 -54.64 15.60
CA ARG I 327 -22.24 -54.88 14.18
C ARG I 327 -22.42 -53.56 13.44
N PHE I 328 -21.64 -53.37 12.39
CA PHE I 328 -21.69 -52.17 11.57
C PHE I 328 -22.22 -52.53 10.20
N ALA I 329 -23.21 -51.76 9.76
CA ALA I 329 -23.99 -52.04 8.56
C ALA I 329 -23.85 -50.88 7.56
N ASN I 330 -24.65 -50.95 6.51
CA ASN I 330 -24.63 -50.00 5.41
C ASN I 330 -25.53 -48.81 5.71
N SER I 331 -25.49 -47.83 4.81
CA SER I 331 -26.39 -46.68 4.93
C SER I 331 -27.82 -47.11 4.72
N SER I 332 -28.75 -46.35 5.31
CA SER I 332 -30.15 -46.74 5.28
C SER I 332 -30.82 -46.35 3.96
N GLY I 333 -30.88 -45.05 3.67
CA GLY I 333 -31.64 -44.59 2.52
C GLY I 333 -31.58 -43.08 2.33
N GLY I 334 -32.74 -42.46 2.09
CA GLY I 334 -32.77 -41.04 1.85
C GLY I 334 -32.28 -40.70 0.46
N ASP I 335 -31.64 -39.54 0.34
CA ASP I 335 -31.08 -39.12 -0.92
C ASP I 335 -29.86 -39.96 -1.27
N LEU I 336 -29.28 -39.70 -2.43
CA LEU I 336 -28.10 -40.42 -2.89
C LEU I 336 -26.81 -39.81 -2.38
N GLU I 337 -26.87 -38.62 -1.77
CA GLU I 337 -25.70 -37.99 -1.18
C GLU I 337 -25.52 -38.36 0.28
N VAL I 338 -26.62 -38.56 1.01
CA VAL I 338 -26.53 -39.11 2.36
C VAL I 338 -26.03 -40.53 2.32
N THR I 339 -26.54 -41.32 1.37
CA THR I 339 -26.24 -42.75 1.32
C THR I 339 -24.80 -43.04 0.90
N THR I 340 -24.08 -42.03 0.43
CA THR I 340 -22.74 -42.24 -0.09
C THR I 340 -21.76 -41.22 0.49
N HIS I 341 -20.51 -41.64 0.63
CA HIS I 341 -19.43 -40.76 1.08
C HIS I 341 -19.02 -39.88 -0.09
N SER I 342 -19.51 -38.65 -0.11
CA SER I 342 -19.41 -37.77 -1.28
C SER I 342 -18.51 -36.58 -0.94
N PHE I 343 -17.28 -36.59 -1.43
CA PHE I 343 -16.33 -35.53 -1.14
C PHE I 343 -15.86 -34.86 -2.43
N ASN I 344 -15.83 -33.53 -2.42
CA ASN I 344 -15.31 -32.79 -3.56
C ASN I 344 -13.79 -32.78 -3.49
N CYS I 345 -13.16 -33.03 -4.63
CA CYS I 345 -11.70 -33.12 -4.71
C CYS I 345 -11.28 -32.59 -6.07
N GLY I 346 -10.40 -31.60 -6.07
CA GLY I 346 -9.96 -30.97 -7.30
C GLY I 346 -11.08 -30.23 -8.01
N GLY I 347 -12.16 -29.96 -7.30
CA GLY I 347 -13.34 -29.39 -7.89
C GLY I 347 -14.33 -30.40 -8.42
N GLU I 348 -13.98 -31.68 -8.45
CA GLU I 348 -14.86 -32.72 -8.97
C GLU I 348 -15.55 -33.43 -7.81
N PHE I 349 -16.84 -33.68 -7.97
CA PHE I 349 -17.70 -34.08 -6.85
C PHE I 349 -17.80 -35.60 -6.77
N PHE I 350 -16.71 -36.21 -6.29
CA PHE I 350 -16.66 -37.65 -6.15
C PHE I 350 -17.79 -38.13 -5.24
N TYR I 351 -18.36 -39.28 -5.58
CA TYR I 351 -19.26 -40.01 -4.70
C TYR I 351 -18.70 -41.40 -4.52
N CYS I 352 -18.60 -41.86 -3.27
CA CYS I 352 -17.99 -43.14 -2.97
C CYS I 352 -18.97 -44.04 -2.22
N ASN I 353 -18.68 -45.34 -2.25
CA ASN I 353 -19.56 -46.36 -1.71
C ASN I 353 -19.06 -46.79 -0.33
N THR I 354 -19.75 -46.33 0.72
CA THR I 354 -19.32 -46.64 2.08
C THR I 354 -19.42 -48.13 2.39
N SER I 355 -20.38 -48.83 1.79
CA SER I 355 -20.41 -50.28 1.90
C SER I 355 -19.14 -50.87 1.30
N GLY I 356 -18.60 -51.88 1.96
CA GLY I 356 -17.24 -52.29 1.70
C GLY I 356 -16.24 -51.68 2.65
N LEU I 357 -16.69 -50.80 3.56
CA LEU I 357 -15.88 -50.32 4.67
C LEU I 357 -16.61 -50.33 6.00
N PHE I 358 -17.94 -50.39 6.00
CA PHE I 358 -18.72 -50.27 7.23
C PHE I 358 -19.59 -51.50 7.45
N ASN I 359 -19.10 -52.68 7.07
CA ASN I 359 -19.84 -53.91 7.27
C ASN I 359 -18.98 -54.91 8.02
N SER I 360 -19.40 -55.25 9.24
CA SER I 360 -18.70 -56.24 10.05
C SER I 360 -19.47 -56.52 11.34
N THR I 361 -18.96 -57.42 12.16
CA THR I 361 -19.55 -57.70 13.47
C THR I 361 -18.44 -57.93 14.47
N TRP I 362 -18.50 -57.22 15.59
CA TRP I 362 -17.52 -57.33 16.66
C TRP I 362 -18.20 -57.92 17.90
N ILE I 363 -17.56 -58.94 18.47
CA ILE I 363 -18.12 -59.74 19.55
C ILE I 363 -17.20 -59.63 20.76
N SER I 364 -17.80 -59.38 21.92
CA SER I 364 -17.03 -59.26 23.17
C SER I 364 -16.33 -60.56 23.51
N ASP I 378 -4.82 -56.04 2.58
CA ASP I 378 -3.80 -55.03 2.39
C ASP I 378 -4.48 -53.75 1.92
N SER I 379 -4.63 -53.61 0.61
CA SER I 379 -5.23 -52.42 0.01
C SER I 379 -6.65 -52.75 -0.43
N ILE I 380 -7.61 -51.93 0.00
CA ILE I 380 -9.01 -52.11 -0.32
C ILE I 380 -9.51 -50.85 -1.01
N THR I 381 -10.29 -51.03 -2.07
CA THR I 381 -10.68 -49.94 -2.96
C THR I 381 -12.19 -49.72 -2.91
N LEU I 382 -12.56 -48.47 -3.16
CA LEU I 382 -13.93 -48.01 -3.25
C LEU I 382 -14.19 -47.47 -4.65
N PRO I 383 -15.31 -47.85 -5.28
CA PRO I 383 -15.59 -47.39 -6.65
C PRO I 383 -16.24 -46.01 -6.71
N CYS I 384 -15.46 -44.95 -6.69
CA CYS I 384 -16.01 -43.60 -6.61
C CYS I 384 -16.32 -43.08 -8.00
N ARG I 385 -17.58 -42.77 -8.24
CA ARG I 385 -17.95 -42.09 -9.47
C ARG I 385 -17.74 -40.58 -9.30
N ILE I 386 -17.76 -39.86 -10.41
CA ILE I 386 -17.67 -38.40 -10.39
C ILE I 386 -18.97 -37.88 -10.96
N LYS I 387 -19.96 -37.66 -10.10
CA LYS I 387 -21.22 -37.15 -10.60
C LYS I 387 -21.07 -35.69 -11.01
N GLN I 388 -22.10 -35.16 -11.66
CA GLN I 388 -22.08 -33.77 -12.10
C GLN I 388 -23.28 -33.02 -11.54
N ILE I 389 -24.43 -33.69 -11.46
CA ILE I 389 -25.63 -33.09 -10.88
C ILE I 389 -25.67 -33.47 -9.41
N ILE I 390 -25.61 -32.47 -8.54
CA ILE I 390 -25.53 -32.66 -7.09
C ILE I 390 -26.65 -31.90 -6.42
N ASN I 391 -27.21 -32.47 -5.37
CA ASN I 391 -28.13 -31.75 -4.50
C ASN I 391 -27.30 -30.88 -3.56
N MET I 392 -27.54 -29.57 -3.61
CA MET I 392 -26.72 -28.64 -2.84
C MET I 392 -26.87 -28.89 -1.35
N TRP I 393 -25.77 -28.73 -0.62
CA TRP I 393 -25.81 -28.77 0.84
C TRP I 393 -26.24 -27.44 1.45
N GLN I 394 -26.07 -26.35 0.70
CA GLN I 394 -26.44 -25.04 1.23
C GLN I 394 -27.95 -24.93 1.41
N ARG I 395 -28.71 -25.27 0.38
CA ARG I 395 -30.16 -25.13 0.40
C ARG I 395 -30.76 -26.36 -0.28
N ILE I 396 -32.05 -26.27 -0.57
CA ILE I 396 -32.75 -27.30 -1.32
C ILE I 396 -32.59 -26.97 -2.80
N GLY I 397 -32.58 -28.00 -3.64
CA GLY I 397 -32.51 -27.78 -5.07
C GLY I 397 -31.57 -28.71 -5.81
N GLN I 398 -30.87 -28.17 -6.80
CA GLN I 398 -29.94 -28.96 -7.59
C GLN I 398 -28.97 -28.00 -8.26
N ALA I 399 -28.08 -28.55 -9.09
CA ALA I 399 -27.11 -27.76 -9.83
C ALA I 399 -26.63 -28.59 -11.02
N MET I 400 -25.57 -28.12 -11.67
CA MET I 400 -24.94 -28.84 -12.77
C MET I 400 -23.58 -28.22 -13.06
N TYR I 401 -22.52 -29.02 -13.07
CA TYR I 401 -21.17 -28.51 -13.25
C TYR I 401 -20.55 -29.11 -14.51
N ALA I 402 -19.36 -28.64 -14.83
CA ALA I 402 -18.70 -29.07 -16.05
C ALA I 402 -18.25 -30.52 -15.93
N PRO I 403 -18.17 -31.24 -17.05
CA PRO I 403 -17.71 -32.63 -17.01
C PRO I 403 -16.26 -32.73 -16.57
N PRO I 404 -15.77 -33.93 -16.25
CA PRO I 404 -14.40 -34.08 -15.77
C PRO I 404 -13.38 -33.54 -16.77
N ILE I 405 -12.32 -32.93 -16.24
CA ILE I 405 -11.23 -32.42 -17.07
C ILE I 405 -10.41 -33.60 -17.58
N GLN I 406 -9.54 -33.35 -18.55
CA GLN I 406 -8.66 -34.36 -19.10
C GLN I 406 -7.35 -34.36 -18.34
N GLY I 407 -7.10 -35.41 -17.59
CA GLY I 407 -5.90 -35.51 -16.79
C GLY I 407 -6.14 -36.42 -15.60
N VAL I 408 -5.08 -36.61 -14.82
CA VAL I 408 -5.12 -37.49 -13.66
C VAL I 408 -5.54 -36.67 -12.45
N ILE I 409 -6.66 -37.03 -11.84
CA ILE I 409 -7.13 -36.39 -10.62
C ILE I 409 -6.59 -37.17 -9.43
N ARG I 410 -5.87 -36.49 -8.55
CA ARG I 410 -5.22 -37.09 -7.39
C ARG I 410 -5.61 -36.31 -6.14
N CYS I 411 -5.93 -37.03 -5.06
CA CYS I 411 -5.94 -36.41 -3.75
C CYS I 411 -5.86 -37.42 -2.62
N VAL I 412 -4.92 -37.20 -1.71
CA VAL I 412 -4.66 -38.07 -0.56
C VAL I 412 -5.09 -37.33 0.69
N SER I 413 -5.82 -38.00 1.58
CA SER I 413 -6.54 -37.30 2.64
C SER I 413 -6.54 -38.15 3.90
N ASN I 414 -6.81 -37.46 5.02
CA ASN I 414 -6.93 -38.08 6.33
C ASN I 414 -8.41 -38.24 6.67
N ILE I 415 -8.84 -39.48 6.90
CA ILE I 415 -10.17 -39.72 7.41
C ILE I 415 -10.12 -39.58 8.93
N THR I 416 -10.77 -38.54 9.45
CA THR I 416 -10.73 -38.22 10.87
C THR I 416 -12.11 -37.95 11.40
N GLY I 417 -13.07 -38.83 11.10
CA GLY I 417 -14.40 -38.62 11.63
C GLY I 417 -15.47 -39.56 11.11
N LEU I 418 -16.61 -39.58 11.80
CA LEU I 418 -17.77 -40.35 11.40
C LEU I 418 -19.00 -39.64 11.94
N ILE I 419 -20.15 -39.91 11.35
CA ILE I 419 -21.40 -39.31 11.82
C ILE I 419 -22.43 -40.42 12.02
N LEU I 420 -21.96 -41.57 12.48
CA LEU I 420 -22.79 -42.76 12.64
C LEU I 420 -24.11 -42.45 13.35
N THR I 421 -25.12 -43.27 13.07
CA THR I 421 -26.45 -43.11 13.63
C THR I 421 -26.97 -44.44 14.14
N ARG I 422 -27.81 -44.39 15.18
CA ARG I 422 -28.35 -45.60 15.78
C ARG I 422 -29.34 -46.28 14.84
N ASP I 423 -29.63 -47.55 15.15
CA ASP I 423 -30.45 -48.36 14.27
C ASP I 423 -31.93 -47.99 14.33
N GLY I 424 -32.46 -47.73 15.53
CA GLY I 424 -33.89 -47.51 15.67
C GLY I 424 -34.49 -48.26 16.85
N GLY I 425 -33.64 -48.82 17.71
CA GLY I 425 -34.10 -49.52 18.89
C GLY I 425 -34.47 -50.97 18.63
N SER I 429 -34.55 -56.77 23.27
CA SER I 429 -33.57 -55.96 22.56
C SER I 429 -32.26 -55.86 23.32
N THR I 430 -31.31 -56.71 22.96
CA THR I 430 -29.99 -56.71 23.60
C THR I 430 -28.85 -56.46 22.62
N THR I 431 -29.16 -56.17 21.35
CA THR I 431 -28.14 -55.96 20.33
C THR I 431 -28.47 -54.68 19.56
N GLU I 432 -27.45 -53.85 19.33
CA GLU I 432 -27.61 -52.60 18.61
C GLU I 432 -26.58 -52.51 17.50
N THR I 433 -27.03 -52.13 16.31
CA THR I 433 -26.16 -51.77 15.21
C THR I 433 -26.28 -50.27 14.94
N PHE I 434 -25.34 -49.75 14.17
CA PHE I 434 -25.25 -48.30 13.95
C PHE I 434 -25.23 -48.04 12.44
N ARG I 435 -26.41 -47.83 11.88
CA ARG I 435 -26.51 -47.58 10.45
C ARG I 435 -26.03 -46.16 10.16
N PRO I 436 -25.01 -45.99 9.35
CA PRO I 436 -24.40 -44.67 9.18
C PRO I 436 -25.21 -43.72 8.31
N GLY I 437 -24.63 -42.55 8.02
CA GLY I 437 -25.28 -41.54 7.23
C GLY I 437 -25.08 -40.14 7.78
N GLY I 438 -24.59 -39.24 6.95
CA GLY I 438 -24.37 -37.86 7.37
C GLY I 438 -25.58 -37.00 7.11
N GLY I 439 -25.42 -35.98 6.26
CA GLY I 439 -26.54 -35.11 5.96
C GLY I 439 -26.26 -33.66 6.26
N ASP I 440 -26.94 -33.12 7.28
CA ASP I 440 -26.77 -31.74 7.68
C ASP I 440 -25.30 -31.43 7.92
N MET I 441 -24.83 -30.32 7.35
CA MET I 441 -23.42 -30.01 7.34
C MET I 441 -22.97 -29.24 8.58
N ARG I 442 -23.88 -28.76 9.41
CA ARG I 442 -23.48 -28.06 10.62
C ARG I 442 -22.69 -28.97 11.54
N ASP I 443 -23.13 -30.23 11.68
CA ASP I 443 -22.37 -31.19 12.47
C ASP I 443 -21.04 -31.53 11.82
N ASN I 444 -20.81 -31.13 10.58
CA ASN I 444 -19.49 -31.21 9.97
C ASN I 444 -18.52 -30.24 10.59
N TRP I 445 -19.02 -29.25 11.33
CA TRP I 445 -18.19 -28.26 12.00
C TRP I 445 -18.36 -28.26 13.52
N ARG I 446 -19.47 -28.75 14.05
CA ARG I 446 -19.58 -28.98 15.49
C ARG I 446 -18.60 -30.01 15.98
N SER I 447 -17.85 -30.64 15.08
CA SER I 447 -16.72 -31.49 15.44
C SER I 447 -15.41 -30.73 15.44
N GLU I 448 -15.46 -29.42 15.23
CA GLU I 448 -14.26 -28.59 15.34
C GLU I 448 -14.55 -27.37 16.19
N LEU I 449 -15.81 -26.95 16.24
CA LEU I 449 -16.24 -25.81 17.03
C LEU I 449 -16.93 -26.23 18.32
N TYR I 450 -16.49 -27.35 18.92
CA TYR I 450 -17.09 -27.83 20.15
C TYR I 450 -16.38 -27.32 21.39
N LYS I 451 -15.06 -27.20 21.34
CA LYS I 451 -14.28 -26.58 22.40
C LYS I 451 -14.07 -25.10 22.13
N TYR I 452 -15.15 -24.37 21.89
CA TYR I 452 -15.04 -22.96 21.52
C TYR I 452 -16.34 -22.26 21.87
N LYS I 453 -16.27 -21.32 22.81
CA LYS I 453 -17.39 -20.47 23.17
C LYS I 453 -16.92 -19.02 23.20
N VAL I 454 -17.85 -18.10 22.94
CA VAL I 454 -17.55 -16.67 22.90
C VAL I 454 -18.24 -16.01 24.09
N VAL I 455 -17.47 -15.24 24.86
CA VAL I 455 -17.94 -14.65 26.10
C VAL I 455 -17.74 -13.14 26.03
N LYS I 456 -18.77 -12.40 26.44
CA LYS I 456 -18.71 -10.95 26.60
C LYS I 456 -18.44 -10.64 28.06
N ILE I 457 -17.46 -9.79 28.33
CA ILE I 457 -16.97 -9.59 29.68
C ILE I 457 -17.52 -8.27 30.22
N GLU I 458 -18.20 -8.33 31.35
CA GLU I 458 -18.72 -7.13 31.97
C GLU I 458 -18.50 -7.17 33.48
N PRO I 459 -17.72 -6.23 34.03
CA PRO I 459 -17.45 -6.16 35.48
C PRO I 459 -18.42 -5.25 36.23
N LEU I 460 -19.66 -5.66 36.37
CA LEU I 460 -20.63 -4.89 37.15
C LEU I 460 -21.44 -5.82 38.05
N GLY I 461 -20.75 -6.71 38.76
CA GLY I 461 -21.44 -7.62 39.66
C GLY I 461 -22.04 -6.90 40.85
N VAL I 462 -23.16 -7.44 41.33
CA VAL I 462 -23.89 -6.89 42.47
C VAL I 462 -23.95 -7.97 43.55
N ALA I 463 -23.56 -7.60 44.76
CA ALA I 463 -23.44 -8.54 45.87
C ALA I 463 -24.10 -7.99 47.11
N PRO I 464 -24.54 -8.85 48.04
CA PRO I 464 -25.05 -8.36 49.32
C PRO I 464 -23.94 -8.20 50.36
N THR I 465 -23.93 -7.06 51.03
CA THR I 465 -22.93 -6.79 52.06
C THR I 465 -23.49 -5.74 53.01
N ARG I 466 -23.18 -5.89 54.29
CA ARG I 466 -23.65 -4.99 55.34
C ARG I 466 -22.91 -3.66 55.23
N CYS I 467 -23.58 -2.64 54.70
CA CYS I 467 -23.01 -1.31 54.57
C CYS I 467 -23.74 -0.37 55.52
N LYS I 468 -22.97 0.43 56.27
CA LYS I 468 -23.51 1.29 57.31
C LYS I 468 -23.29 2.75 56.93
N ARG I 469 -24.34 3.55 57.08
CA ARG I 469 -24.27 4.98 56.77
C ARG I 469 -24.41 5.81 58.04
N GLY J 3 -2.50 -1.68 31.29
CA GLY J 3 -3.09 -0.37 31.54
C GLY J 3 -4.45 -0.47 32.20
N ILE J 4 -5.30 0.55 31.97
CA ILE J 4 -6.64 0.53 32.53
C ILE J 4 -7.49 -0.56 31.89
N GLY J 5 -7.10 -1.04 30.71
CA GLY J 5 -7.80 -2.16 30.09
C GLY J 5 -7.53 -3.47 30.78
N ALA J 6 -6.46 -3.56 31.57
CA ALA J 6 -6.17 -4.76 32.35
C ALA J 6 -7.20 -5.00 33.44
N VAL J 7 -7.99 -3.99 33.81
CA VAL J 7 -9.08 -4.24 34.74
C VAL J 7 -10.19 -5.06 34.08
N PHE J 8 -10.26 -5.05 32.74
CA PHE J 8 -11.27 -5.88 32.08
C PHE J 8 -10.78 -7.31 31.91
N LEU J 9 -9.85 -7.54 30.98
CA LEU J 9 -9.43 -8.91 30.66
C LEU J 9 -8.02 -8.84 30.04
N GLY J 10 -7.00 -9.02 30.86
CA GLY J 10 -5.65 -9.11 30.35
C GLY J 10 -4.81 -10.10 31.15
N PHE J 11 -5.44 -10.72 32.13
CA PHE J 11 -4.75 -11.55 33.11
C PHE J 11 -5.31 -12.95 33.11
N LEU J 12 -4.61 -13.85 33.81
CA LEU J 12 -5.02 -15.23 34.00
C LEU J 12 -5.83 -15.43 35.28
N GLY J 13 -6.57 -14.41 35.70
CA GLY J 13 -7.26 -14.43 36.98
C GLY J 13 -8.09 -15.67 37.23
N ALA J 14 -7.64 -16.47 38.19
CA ALA J 14 -8.29 -17.73 38.49
C ALA J 14 -9.68 -17.52 39.06
N ALA J 15 -9.87 -16.46 39.86
CA ALA J 15 -11.10 -16.26 40.62
C ALA J 15 -11.43 -17.53 41.38
N GLY J 16 -12.68 -17.96 41.32
CA GLY J 16 -13.04 -19.19 42.01
C GLY J 16 -13.16 -19.04 43.50
N SER J 17 -12.22 -18.33 44.13
CA SER J 17 -12.30 -18.03 45.53
C SER J 17 -13.61 -17.29 45.85
N THR J 18 -13.95 -17.27 47.14
CA THR J 18 -15.24 -16.76 47.58
C THR J 18 -15.53 -15.39 46.99
N MET J 19 -16.81 -15.15 46.70
CA MET J 19 -17.23 -13.83 46.22
C MET J 19 -16.95 -12.76 47.26
N GLY J 20 -17.28 -13.03 48.53
CA GLY J 20 -17.05 -12.06 49.57
C GLY J 20 -15.58 -11.74 49.78
N ALA J 21 -14.73 -12.77 49.76
CA ALA J 21 -13.31 -12.60 49.95
C ALA J 21 -12.57 -12.16 48.68
N ALA J 22 -13.26 -12.14 47.54
CA ALA J 22 -12.62 -11.74 46.30
C ALA J 22 -12.40 -10.23 46.21
N SER J 23 -13.09 -9.45 47.05
CA SER J 23 -12.92 -8.00 47.03
C SER J 23 -11.54 -7.58 47.49
N MET J 24 -10.81 -8.47 48.17
CA MET J 24 -9.42 -8.16 48.54
C MET J 24 -8.56 -7.97 47.30
N THR J 25 -8.76 -8.81 46.28
CA THR J 25 -8.04 -8.66 45.04
C THR J 25 -8.54 -7.51 44.19
N LEU J 26 -9.71 -6.96 44.51
CA LEU J 26 -10.28 -5.89 43.69
C LEU J 26 -9.39 -4.65 43.71
N THR J 27 -8.87 -4.28 44.88
CA THR J 27 -7.98 -3.13 44.97
C THR J 27 -6.59 -3.42 44.41
N VAL J 28 -6.11 -4.66 44.58
CA VAL J 28 -4.83 -5.05 44.01
C VAL J 28 -4.88 -4.98 42.48
N GLN J 29 -6.03 -5.32 41.90
CA GLN J 29 -6.24 -5.22 40.46
C GLN J 29 -6.12 -3.77 39.97
N ALA J 47 13.48 -7.31 12.88
CA ALA J 47 12.28 -6.84 12.19
C ALA J 47 12.64 -6.16 10.88
N PRO J 48 12.73 -6.92 9.80
CA PRO J 48 13.04 -6.34 8.49
C PRO J 48 11.95 -5.39 8.03
N GLU J 49 12.36 -4.36 7.31
CA GLU J 49 11.42 -3.36 6.78
C GLU J 49 10.84 -3.83 5.45
N ALA J 50 10.14 -4.96 5.52
CA ALA J 50 9.50 -5.52 4.34
C ALA J 50 8.18 -4.81 4.06
N GLN J 51 7.94 -4.47 2.80
CA GLN J 51 6.73 -3.73 2.44
C GLN J 51 5.49 -4.58 2.65
N GLN J 52 5.50 -5.82 2.17
CA GLN J 52 4.36 -6.71 2.35
C GLN J 52 4.11 -6.99 3.82
N HIS J 53 5.17 -7.28 4.57
CA HIS J 53 5.04 -7.53 6.01
C HIS J 53 4.47 -6.32 6.71
N LEU J 54 4.90 -5.12 6.31
CA LEU J 54 4.37 -3.89 6.90
C LEU J 54 2.89 -3.73 6.60
N LEU J 55 2.49 -3.96 5.35
CA LEU J 55 1.10 -3.74 4.97
C LEU J 55 0.18 -4.79 5.58
N LYS J 56 0.71 -5.96 5.95
CA LYS J 56 -0.11 -6.92 6.67
C LYS J 56 -0.04 -6.72 8.18
N LEU J 57 1.02 -6.10 8.70
CA LEU J 57 1.08 -5.79 10.12
C LEU J 57 0.22 -4.60 10.49
N THR J 58 -0.10 -3.75 9.50
CA THR J 58 -0.99 -2.62 9.77
C THR J 58 -2.31 -3.08 10.37
N VAL J 59 -2.93 -4.10 9.78
CA VAL J 59 -4.21 -4.58 10.29
C VAL J 59 -4.02 -5.30 11.62
N TRP J 60 -2.92 -6.05 11.76
CA TRP J 60 -2.65 -6.73 13.03
C TRP J 60 -2.52 -5.72 14.17
N GLY J 61 -2.07 -4.52 13.88
CA GLY J 61 -1.96 -3.48 14.89
C GLY J 61 -3.24 -2.71 15.12
N ILE J 62 -3.99 -2.44 14.05
CA ILE J 62 -5.27 -1.76 14.23
C ILE J 62 -6.22 -2.64 15.01
N LYS J 63 -6.07 -3.97 14.91
CA LYS J 63 -6.93 -4.87 15.65
C LYS J 63 -6.65 -4.85 17.14
N GLN J 64 -5.50 -4.32 17.57
CA GLN J 64 -5.17 -4.12 18.97
C GLN J 64 -5.50 -2.72 19.45
N LEU J 65 -5.31 -1.72 18.58
CA LEU J 65 -5.78 -0.38 18.90
C LEU J 65 -7.28 -0.37 19.12
N GLN J 66 -8.03 -1.12 18.30
CA GLN J 66 -9.46 -1.22 18.51
C GLN J 66 -9.78 -1.78 19.89
N ALA J 67 -9.05 -2.81 20.29
CA ALA J 67 -9.30 -3.44 21.58
C ALA J 67 -9.06 -2.47 22.73
N ARG J 68 -7.89 -1.83 22.75
CA ARG J 68 -7.58 -0.92 23.86
C ARG J 68 -8.53 0.27 23.89
N VAL J 69 -8.81 0.85 22.74
CA VAL J 69 -9.71 2.00 22.70
C VAL J 69 -11.10 1.60 23.17
N LEU J 70 -11.59 0.44 22.73
CA LEU J 70 -12.87 -0.02 23.20
C LEU J 70 -12.86 -0.25 24.70
N ALA J 71 -11.74 -0.73 25.23
CA ALA J 71 -11.62 -0.88 26.68
C ALA J 71 -11.83 0.45 27.38
N VAL J 72 -11.17 1.50 26.92
CA VAL J 72 -11.32 2.77 27.62
C VAL J 72 -12.72 3.37 27.43
N GLU J 73 -13.33 3.30 26.24
CA GLU J 73 -14.68 3.84 26.16
C GLU J 73 -15.68 3.02 26.95
N ARG J 74 -15.49 1.70 27.03
CA ARG J 74 -16.39 0.91 27.87
C ARG J 74 -16.24 1.29 29.33
N TYR J 75 -15.00 1.55 29.76
CA TYR J 75 -14.77 2.07 31.12
C TYR J 75 -15.56 3.35 31.34
N LEU J 76 -15.47 4.28 30.39
CA LEU J 76 -16.19 5.54 30.54
C LEU J 76 -17.71 5.35 30.51
N ARG J 77 -18.20 4.38 29.73
CA ARG J 77 -19.63 4.08 29.72
C ARG J 77 -20.08 3.55 31.08
N ASP J 78 -19.29 2.65 31.69
CA ASP J 78 -19.63 2.17 33.01
C ASP J 78 -19.62 3.31 34.02
N GLN J 79 -18.65 4.21 33.94
CA GLN J 79 -18.62 5.34 34.86
C GLN J 79 -19.82 6.26 34.64
N GLN J 80 -20.25 6.44 33.40
CA GLN J 80 -21.46 7.22 33.15
C GLN J 80 -22.67 6.57 33.80
N LEU J 81 -22.79 5.26 33.67
CA LEU J 81 -23.90 4.55 34.31
C LEU J 81 -23.80 4.67 35.83
N LEU J 82 -22.59 4.59 36.36
CA LEU J 82 -22.40 4.74 37.81
C LEU J 82 -22.78 6.13 38.27
N GLY J 83 -22.45 7.16 37.48
CA GLY J 83 -22.90 8.50 37.80
C GLY J 83 -24.40 8.63 37.77
N ILE J 84 -25.06 7.88 36.87
CA ILE J 84 -26.51 7.75 36.95
C ILE J 84 -26.91 7.13 38.28
N TRP J 85 -26.12 6.17 38.76
CA TRP J 85 -26.37 5.52 40.04
C TRP J 85 -25.80 6.28 41.23
N GLY J 86 -25.19 7.43 41.01
CA GLY J 86 -24.67 8.25 42.11
C GLY J 86 -23.20 8.10 42.46
N CYS J 87 -22.74 6.88 42.69
CA CYS J 87 -21.35 6.65 43.02
C CYS J 87 -20.53 6.55 41.72
N SER J 88 -19.45 7.32 41.65
CA SER J 88 -18.61 7.32 40.47
C SER J 88 -17.15 7.28 40.88
N GLY J 89 -16.34 6.61 40.06
CA GLY J 89 -14.94 6.41 40.36
C GLY J 89 -14.74 5.49 41.55
N LYS J 90 -15.84 4.94 42.05
CA LYS J 90 -15.85 4.15 43.27
C LYS J 90 -15.87 2.67 42.91
N LEU J 91 -14.82 1.94 43.32
CA LEU J 91 -14.78 0.51 43.10
C LEU J 91 -15.87 -0.20 43.90
N ILE J 92 -16.14 0.26 45.11
CA ILE J 92 -17.18 -0.31 45.96
C ILE J 92 -18.13 0.81 46.37
N CYS J 93 -19.43 0.56 46.22
CA CYS J 93 -20.46 1.50 46.62
C CYS J 93 -21.40 0.84 47.62
N CYS J 94 -22.04 1.67 48.43
CA CYS J 94 -23.07 1.23 49.37
C CYS J 94 -24.29 2.12 49.17
N THR J 95 -25.14 1.76 48.20
CA THR J 95 -26.32 2.54 47.93
C THR J 95 -27.39 2.29 48.98
N ASN J 96 -28.25 3.30 49.17
CA ASN J 96 -29.29 3.24 50.19
C ASN J 96 -30.53 2.53 49.64
N VAL J 97 -30.31 1.28 49.22
CA VAL J 97 -31.40 0.41 48.77
C VAL J 97 -31.22 -0.95 49.43
N PRO J 98 -31.96 -1.25 50.50
CA PRO J 98 -31.86 -2.57 51.12
C PRO J 98 -32.28 -3.67 50.15
N TRP J 99 -31.65 -4.83 50.30
CA TRP J 99 -31.91 -5.95 49.42
C TRP J 99 -33.33 -6.47 49.64
N ASN J 100 -34.07 -6.68 48.55
CA ASN J 100 -35.41 -7.22 48.61
C ASN J 100 -35.33 -8.71 48.30
N SER J 101 -35.94 -9.53 49.15
CA SER J 101 -35.89 -10.98 48.98
C SER J 101 -36.78 -11.47 47.83
N SER J 102 -37.59 -10.61 47.24
CA SER J 102 -38.50 -11.03 46.18
C SER J 102 -37.77 -11.62 44.97
N TRP J 103 -36.48 -11.32 44.82
CA TRP J 103 -35.67 -11.87 43.73
C TRP J 103 -34.87 -13.05 44.29
N SER J 104 -35.37 -14.27 44.05
CA SER J 104 -34.67 -15.50 44.40
C SER J 104 -34.33 -15.53 45.89
N ASN J 105 -35.39 -15.64 46.69
CA ASN J 105 -35.26 -15.72 48.14
C ASN J 105 -34.22 -16.75 48.55
N ARG J 106 -33.15 -16.29 49.20
CA ARG J 106 -32.09 -17.13 49.71
C ARG J 106 -31.70 -16.61 51.08
N ASN J 107 -30.55 -17.06 51.59
CA ASN J 107 -30.07 -16.61 52.89
C ASN J 107 -28.59 -16.28 52.81
N LEU J 108 -28.17 -15.39 53.73
CA LEU J 108 -26.82 -14.87 53.71
C LEU J 108 -25.77 -15.96 53.84
N SER J 109 -26.07 -17.03 54.58
CA SER J 109 -25.12 -18.13 54.73
C SER J 109 -24.84 -18.78 53.37
N GLU J 110 -25.90 -19.07 52.61
CA GLU J 110 -25.71 -19.66 51.28
C GLU J 110 -25.00 -18.68 50.35
N ILE J 111 -25.38 -17.40 50.39
CA ILE J 111 -24.74 -16.40 49.52
C ILE J 111 -23.26 -16.29 49.85
N TRP J 112 -22.89 -16.42 51.12
CA TRP J 112 -21.50 -16.35 51.52
C TRP J 112 -20.74 -17.60 51.09
N ASP J 113 -21.32 -18.78 51.30
CA ASP J 113 -20.58 -20.02 51.16
C ASP J 113 -20.61 -20.58 49.75
N ASN J 114 -21.80 -20.84 49.22
CA ASN J 114 -21.95 -21.62 47.98
C ASN J 114 -21.87 -20.75 46.72
N MET J 115 -21.44 -19.50 46.83
CA MET J 115 -21.42 -18.59 45.70
C MET J 115 -20.00 -18.18 45.36
N THR J 116 -19.84 -17.70 44.12
CA THR J 116 -18.59 -17.15 43.63
C THR J 116 -18.97 -16.17 42.52
N TRP J 117 -18.05 -15.24 42.21
CA TRP J 117 -18.39 -14.15 41.30
C TRP J 117 -18.89 -14.68 39.96
N LEU J 118 -18.13 -15.58 39.34
CA LEU J 118 -18.57 -16.14 38.06
C LEU J 118 -19.87 -16.92 38.23
N GLN J 119 -20.08 -17.51 39.41
CA GLN J 119 -21.29 -18.28 39.71
C GLN J 119 -22.38 -17.42 40.32
N TRP J 120 -22.18 -16.11 40.43
CA TRP J 120 -23.18 -15.26 41.06
C TRP J 120 -24.13 -14.61 40.07
N ASP J 121 -23.73 -14.47 38.81
CA ASP J 121 -24.63 -13.88 37.81
C ASP J 121 -25.72 -14.85 37.36
N LYS J 122 -25.51 -16.16 37.53
CA LYS J 122 -26.45 -17.15 37.00
C LYS J 122 -27.82 -17.08 37.67
N GLU J 123 -27.89 -16.59 38.91
CA GLU J 123 -29.18 -16.45 39.57
C GLU J 123 -29.75 -15.04 39.49
N ILE J 124 -28.91 -14.01 39.37
CA ILE J 124 -29.39 -12.63 39.29
C ILE J 124 -29.49 -12.16 37.84
N SER J 125 -29.35 -13.06 36.87
CA SER J 125 -29.40 -12.64 35.47
C SER J 125 -30.75 -12.03 35.12
N ASN J 126 -31.84 -12.62 35.61
CA ASN J 126 -33.17 -12.11 35.28
C ASN J 126 -33.53 -10.85 36.06
N TYR J 127 -33.09 -10.74 37.31
CA TYR J 127 -33.41 -9.55 38.12
C TYR J 127 -32.44 -8.40 37.90
N THR J 128 -31.43 -8.57 37.05
CA THR J 128 -30.44 -7.52 36.87
C THR J 128 -31.07 -6.23 36.35
N GLN J 129 -31.97 -6.34 35.38
CA GLN J 129 -32.55 -5.16 34.77
C GLN J 129 -33.42 -4.39 35.76
N ILE J 130 -34.25 -5.10 36.52
CA ILE J 130 -35.09 -4.41 37.51
C ILE J 130 -34.25 -3.84 38.64
N ILE J 131 -33.16 -4.52 39.01
CA ILE J 131 -32.27 -4.00 40.03
C ILE J 131 -31.65 -2.68 39.56
N TYR J 132 -31.19 -2.66 38.31
CA TYR J 132 -30.65 -1.44 37.74
C TYR J 132 -31.73 -0.35 37.70
N GLY J 133 -32.96 -0.74 37.37
CA GLY J 133 -34.03 0.24 37.27
C GLY J 133 -34.32 0.93 38.59
N LEU J 134 -34.50 0.13 39.64
CA LEU J 134 -34.79 0.70 40.98
C LEU J 134 -33.57 1.53 41.44
N LEU J 135 -32.37 1.00 41.23
CA LEU J 135 -31.16 1.72 41.65
C LEU J 135 -31.10 3.09 41.00
N GLU J 136 -31.43 3.17 39.71
CA GLU J 136 -31.50 4.48 39.05
C GLU J 136 -32.59 5.35 39.65
N GLU J 137 -33.78 4.78 39.87
CA GLU J 137 -34.90 5.60 40.31
C GLU J 137 -34.80 5.98 41.78
N SER J 138 -33.92 5.36 42.55
CA SER J 138 -33.76 5.71 43.95
C SER J 138 -32.87 6.93 44.18
N GLN J 139 -32.62 7.74 43.14
CA GLN J 139 -31.71 8.86 43.27
C GLN J 139 -32.30 10.18 42.81
N ASN J 140 -33.13 10.15 41.76
CA ASN J 140 -33.55 11.37 41.09
C ASN J 140 -34.29 12.33 42.02
N GLN J 141 -34.91 11.83 43.09
CA GLN J 141 -35.64 12.69 44.01
C GLN J 141 -34.72 13.45 44.95
N GLN J 142 -33.45 13.07 45.05
CA GLN J 142 -32.54 13.73 45.98
C GLN J 142 -32.12 15.12 45.50
N GLU J 143 -32.22 15.39 44.20
CA GLU J 143 -31.65 16.62 43.66
C GLU J 143 -32.37 17.86 44.17
N LYS J 144 -33.71 17.85 44.17
CA LYS J 144 -34.49 19.01 44.58
C LYS J 144 -35.07 18.89 45.98
N ASN J 145 -35.31 17.68 46.46
CA ASN J 145 -35.87 17.48 47.80
C ASN J 145 -35.57 16.08 48.32
N ASP K 1 -24.34 -13.23 -31.32
CA ASP K 1 -23.57 -14.46 -31.19
C ASP K 1 -22.38 -14.46 -32.14
N ILE K 2 -21.71 -15.60 -32.26
CA ILE K 2 -20.58 -15.77 -33.16
C ILE K 2 -20.97 -16.80 -34.21
N VAL K 3 -20.58 -16.55 -35.45
CA VAL K 3 -20.93 -17.41 -36.59
C VAL K 3 -19.68 -17.62 -37.42
N MET K 4 -19.42 -18.87 -37.79
CA MET K 4 -18.29 -19.23 -38.63
C MET K 4 -18.76 -19.49 -40.05
N THR K 5 -17.80 -19.54 -40.97
CA THR K 5 -18.09 -19.73 -42.38
C THR K 5 -17.18 -20.82 -42.95
N GLN K 6 -17.66 -21.45 -44.02
CA GLN K 6 -16.90 -22.47 -44.73
C GLN K 6 -16.64 -21.98 -46.15
N SER K 7 -15.37 -22.02 -46.58
CA SER K 7 -15.00 -21.60 -47.91
C SER K 7 -14.12 -22.66 -48.57
N PRO K 8 -14.30 -22.90 -49.86
CA PRO K 8 -15.32 -22.32 -50.76
C PRO K 8 -16.71 -22.88 -50.50
N ALA K 9 -17.75 -22.19 -50.97
CA ALA K 9 -19.12 -22.64 -50.72
C ALA K 9 -19.39 -23.99 -51.36
N THR K 10 -18.81 -24.23 -52.55
CA THR K 10 -18.93 -25.51 -53.21
C THR K 10 -17.62 -25.82 -53.95
N LEU K 11 -17.31 -27.11 -54.05
CA LEU K 11 -16.11 -27.56 -54.74
C LEU K 11 -16.52 -28.42 -55.93
N SER K 12 -16.04 -28.04 -57.11
CA SER K 12 -16.32 -28.80 -58.32
C SER K 12 -15.14 -29.75 -58.59
N VAL K 13 -15.06 -30.78 -57.76
CA VAL K 13 -13.99 -31.77 -57.82
C VAL K 13 -14.60 -33.11 -58.21
N SER K 14 -14.10 -33.70 -59.29
CA SER K 14 -14.61 -34.98 -59.74
C SER K 14 -14.22 -36.08 -58.76
N PRO K 15 -15.03 -37.14 -58.67
CA PRO K 15 -14.66 -38.28 -57.82
C PRO K 15 -13.36 -38.92 -58.28
N GLY K 16 -12.64 -39.49 -57.33
CA GLY K 16 -11.35 -40.08 -57.59
C GLY K 16 -10.15 -39.25 -57.17
N GLU K 17 -10.37 -38.13 -56.50
CA GLU K 17 -9.29 -37.27 -56.02
C GLU K 17 -9.50 -36.97 -54.54
N ARG K 18 -8.40 -36.64 -53.87
CA ARG K 18 -8.45 -36.33 -52.45
C ARG K 18 -9.28 -35.07 -52.20
N ALA K 19 -10.13 -35.13 -51.17
CA ALA K 19 -10.96 -34.01 -50.78
C ALA K 19 -10.74 -33.71 -49.30
N THR K 20 -10.49 -32.45 -48.99
CA THR K 20 -10.29 -32.02 -47.60
C THR K 20 -11.01 -30.70 -47.41
N LEU K 21 -11.95 -30.66 -46.47
CA LEU K 21 -12.74 -29.48 -46.17
C LEU K 21 -12.62 -29.15 -44.69
N SER K 22 -12.41 -27.87 -44.39
CA SER K 22 -12.28 -27.41 -43.02
C SER K 22 -13.14 -26.17 -42.82
N CYS K 23 -13.84 -26.11 -41.69
CA CYS K 23 -14.61 -24.95 -41.29
C CYS K 23 -13.81 -24.18 -40.25
N ARG K 24 -13.58 -22.89 -40.51
CA ARG K 24 -12.71 -22.08 -39.69
C ARG K 24 -13.53 -21.04 -38.95
N ALA K 25 -13.25 -20.87 -37.66
CA ALA K 25 -13.91 -19.89 -36.81
C ALA K 25 -12.87 -18.95 -36.20
N SER K 26 -13.35 -17.79 -35.76
CA SER K 26 -12.45 -16.80 -35.18
C SER K 26 -11.80 -17.31 -33.89
N GLU K 27 -12.46 -18.24 -33.20
CA GLU K 27 -11.98 -18.75 -31.93
C GLU K 27 -11.34 -20.13 -32.14
N SER K 28 -11.01 -20.79 -31.03
CA SER K 28 -10.33 -22.08 -31.12
C SER K 28 -11.23 -23.13 -31.77
N VAL K 29 -10.64 -23.95 -32.63
CA VAL K 29 -11.36 -24.97 -33.37
C VAL K 29 -10.62 -26.30 -33.23
N SER K 30 -9.69 -26.36 -32.28
CA SER K 30 -8.83 -27.52 -32.16
C SER K 30 -9.54 -28.72 -31.56
N SER K 31 -10.62 -28.50 -30.79
CA SER K 31 -11.25 -29.62 -30.09
C SER K 31 -12.78 -29.56 -30.09
N ASP K 32 -13.40 -28.63 -30.79
CA ASP K 32 -14.86 -28.51 -30.78
C ASP K 32 -15.40 -28.32 -32.19
N LEU K 33 -14.97 -29.19 -33.12
CA LEU K 33 -15.47 -29.18 -34.48
C LEU K 33 -16.39 -30.37 -34.68
N ALA K 34 -17.60 -30.11 -35.18
CA ALA K 34 -18.57 -31.16 -35.46
C ALA K 34 -18.87 -31.17 -36.95
N TRP K 35 -18.86 -32.37 -37.54
CA TRP K 35 -19.06 -32.55 -38.98
C TRP K 35 -20.37 -33.30 -39.23
N TYR K 36 -21.17 -32.79 -40.17
CA TYR K 36 -22.45 -33.38 -40.50
C TYR K 36 -22.57 -33.59 -42.00
N GLN K 37 -23.41 -34.57 -42.37
CA GLN K 37 -23.79 -34.79 -43.77
C GLN K 37 -25.27 -35.11 -43.81
N GLN K 38 -26.03 -34.34 -44.58
CA GLN K 38 -27.46 -34.53 -44.73
C GLN K 38 -27.80 -34.80 -46.18
N LYS K 39 -28.40 -35.95 -46.46
CA LYS K 39 -28.91 -36.22 -47.79
C LYS K 39 -30.14 -35.37 -48.05
N PRO K 40 -30.36 -34.97 -49.31
CA PRO K 40 -31.54 -34.13 -49.61
C PRO K 40 -32.85 -34.86 -49.36
N GLY K 41 -33.60 -34.40 -48.36
CA GLY K 41 -34.84 -35.02 -47.99
C GLY K 41 -34.79 -35.92 -46.77
N GLN K 42 -33.69 -35.90 -46.00
CA GLN K 42 -33.55 -36.71 -44.81
C GLN K 42 -32.93 -35.86 -43.70
N ALA K 43 -32.92 -36.43 -42.49
CA ALA K 43 -32.29 -35.80 -41.34
C ALA K 43 -30.77 -35.92 -41.40
N PRO K 44 -30.04 -34.95 -40.88
CA PRO K 44 -28.58 -35.00 -40.98
C PRO K 44 -27.99 -36.14 -40.14
N ARG K 45 -26.76 -36.51 -40.50
CA ARG K 45 -26.02 -37.55 -39.79
C ARG K 45 -24.66 -37.01 -39.39
N LEU K 46 -24.30 -37.23 -38.13
CA LEU K 46 -22.96 -36.84 -37.66
C LEU K 46 -21.92 -37.79 -38.23
N LEU K 47 -20.80 -37.23 -38.68
CA LEU K 47 -19.66 -38.01 -39.14
C LEU K 47 -18.51 -37.98 -38.14
N ILE K 48 -18.02 -36.80 -37.80
CA ILE K 48 -16.91 -36.64 -36.86
C ILE K 48 -17.28 -35.52 -35.90
N TYR K 49 -17.27 -35.82 -34.60
CA TYR K 49 -17.52 -34.83 -33.57
C TYR K 49 -16.31 -34.75 -32.65
N GLY K 50 -16.13 -33.57 -32.06
CA GLY K 50 -14.90 -33.30 -31.33
C GLY K 50 -13.69 -33.16 -32.22
N ALA K 51 -13.88 -33.13 -33.54
CA ALA K 51 -12.84 -32.93 -34.54
C ALA K 51 -11.93 -34.15 -34.66
N SER K 52 -12.07 -35.11 -33.75
CA SER K 52 -11.31 -36.35 -33.84
C SER K 52 -12.10 -37.59 -33.49
N THR K 53 -13.27 -37.47 -32.87
CA THR K 53 -14.05 -38.62 -32.44
C THR K 53 -15.04 -39.03 -33.51
N ARG K 54 -15.14 -40.33 -33.74
CA ARG K 54 -15.83 -40.88 -34.90
C ARG K 54 -17.22 -41.34 -34.48
N ALA K 55 -18.23 -40.91 -35.23
CA ALA K 55 -19.62 -41.21 -34.90
C ALA K 55 -19.93 -42.70 -35.07
N THR K 56 -20.72 -43.24 -34.15
CA THR K 56 -21.03 -44.66 -34.16
C THR K 56 -21.85 -45.02 -35.40
N GLY K 57 -21.58 -46.21 -35.95
CA GLY K 57 -22.23 -46.67 -37.17
C GLY K 57 -21.88 -45.89 -38.41
N VAL K 58 -20.61 -45.57 -38.61
CA VAL K 58 -20.20 -44.83 -39.81
C VAL K 58 -18.97 -45.48 -40.41
N PRO K 59 -18.92 -45.68 -41.72
CA PRO K 59 -17.80 -46.39 -42.34
C PRO K 59 -16.48 -45.71 -42.07
N ALA K 60 -15.43 -46.54 -41.95
CA ALA K 60 -14.12 -46.07 -41.50
C ALA K 60 -13.43 -45.15 -42.49
N ARG K 61 -14.00 -44.96 -43.67
CA ARG K 61 -13.42 -44.05 -44.65
C ARG K 61 -13.34 -42.63 -44.12
N PHE K 62 -14.39 -42.18 -43.44
CA PHE K 62 -14.41 -40.82 -42.90
C PHE K 62 -13.49 -40.72 -41.68
N SER K 63 -12.82 -39.59 -41.54
CA SER K 63 -11.98 -39.33 -40.37
C SER K 63 -11.75 -37.84 -40.26
N GLY K 64 -11.31 -37.42 -39.08
CA GLY K 64 -10.99 -36.03 -38.85
C GLY K 64 -9.74 -35.85 -38.02
N SER K 65 -8.75 -35.13 -38.56
CA SER K 65 -7.50 -34.91 -37.86
C SER K 65 -7.05 -33.46 -38.11
N GLY K 66 -5.92 -33.10 -37.54
CA GLY K 66 -5.34 -31.79 -37.73
C GLY K 66 -4.98 -31.16 -36.40
N SER K 67 -4.62 -29.88 -36.45
CA SER K 67 -4.25 -29.14 -35.25
C SER K 67 -4.45 -27.66 -35.51
N GLY K 68 -4.63 -26.92 -34.40
CA GLY K 68 -4.75 -25.47 -34.50
C GLY K 68 -5.89 -25.06 -35.40
N ALA K 69 -5.59 -24.15 -36.33
CA ALA K 69 -6.54 -23.68 -37.32
C ALA K 69 -6.39 -24.40 -38.65
N GLU K 70 -5.96 -25.66 -38.62
CA GLU K 70 -5.80 -26.45 -39.84
C GLU K 70 -6.28 -27.86 -39.56
N PHE K 71 -7.46 -28.20 -40.08
CA PHE K 71 -8.05 -29.52 -39.89
C PHE K 71 -8.35 -30.15 -41.24
N THR K 72 -8.04 -31.44 -41.35
CA THR K 72 -8.16 -32.17 -42.61
C THR K 72 -8.92 -33.48 -42.36
N LEU K 73 -9.65 -33.91 -43.40
CA LEU K 73 -10.30 -35.20 -43.42
C LEU K 73 -9.71 -36.04 -44.54
N THR K 74 -9.37 -37.28 -44.23
CA THR K 74 -8.71 -38.17 -45.18
C THR K 74 -9.70 -39.20 -45.68
N ILE K 75 -9.74 -39.39 -47.00
CA ILE K 75 -10.64 -40.34 -47.64
C ILE K 75 -9.79 -41.30 -48.46
N SER K 76 -9.92 -42.60 -48.17
CA SER K 76 -9.21 -43.62 -48.94
C SER K 76 -9.96 -44.02 -50.19
N SER K 77 -11.29 -44.09 -50.11
CA SER K 77 -12.14 -44.41 -51.26
C SER K 77 -13.32 -43.45 -51.27
N LEU K 78 -13.73 -43.06 -52.47
CA LEU K 78 -14.85 -42.14 -52.65
C LEU K 78 -16.07 -42.90 -53.17
N GLN K 79 -17.24 -42.54 -52.65
CA GLN K 79 -18.49 -43.18 -53.00
C GLN K 79 -19.47 -42.15 -53.54
N SER K 80 -20.01 -42.41 -54.73
CA SER K 80 -20.85 -41.43 -55.41
C SER K 80 -22.09 -41.10 -54.58
N GLU K 81 -22.76 -42.11 -54.04
CA GLU K 81 -23.94 -41.87 -53.22
C GLU K 81 -23.60 -41.16 -51.92
N ASP K 82 -22.32 -41.08 -51.55
CA ASP K 82 -21.92 -40.28 -50.40
C ASP K 82 -21.89 -38.79 -50.70
N PHE K 83 -22.08 -38.40 -51.97
CA PHE K 83 -22.09 -36.99 -52.34
C PHE K 83 -23.32 -36.32 -51.74
N ALA K 84 -23.12 -35.45 -50.76
CA ALA K 84 -24.20 -34.74 -50.09
C ALA K 84 -23.62 -33.48 -49.46
N VAL K 85 -24.39 -32.87 -48.57
CA VAL K 85 -23.97 -31.61 -47.95
C VAL K 85 -22.96 -31.90 -46.84
N TYR K 86 -22.19 -30.86 -46.50
CA TYR K 86 -21.18 -30.93 -45.44
C TYR K 86 -21.37 -29.76 -44.50
N TYR K 87 -21.70 -30.05 -43.24
CA TYR K 87 -22.03 -29.03 -42.26
C TYR K 87 -20.98 -28.99 -41.17
N CYS K 88 -20.62 -27.78 -40.76
CA CYS K 88 -19.67 -27.55 -39.68
C CYS K 88 -20.39 -26.95 -38.48
N GLN K 89 -19.98 -27.36 -37.28
CA GLN K 89 -20.63 -26.94 -36.06
C GLN K 89 -19.59 -26.65 -34.98
N GLN K 90 -19.81 -25.57 -34.24
CA GLN K 90 -18.95 -25.17 -33.13
C GLN K 90 -19.83 -24.78 -31.96
N TYR K 91 -19.64 -25.45 -30.82
CA TYR K 91 -20.45 -25.22 -29.62
C TYR K 91 -19.57 -25.03 -28.39
N ASN K 92 -18.58 -24.16 -28.51
CA ASN K 92 -17.62 -23.91 -27.43
C ASN K 92 -18.03 -22.74 -26.53
N ASN K 93 -19.32 -22.49 -26.37
CA ASN K 93 -19.79 -21.39 -25.54
C ASN K 93 -20.86 -21.89 -24.56
N TRP K 94 -20.90 -21.24 -23.39
CA TRP K 94 -21.95 -21.44 -22.42
C TRP K 94 -22.30 -20.07 -21.87
N PRO K 95 -23.59 -19.68 -21.84
CA PRO K 95 -24.80 -20.43 -22.24
C PRO K 95 -24.78 -20.84 -23.71
N PRO K 96 -25.47 -21.94 -24.04
CA PRO K 96 -25.26 -22.58 -25.36
C PRO K 96 -25.79 -21.72 -26.49
N ARG K 97 -24.89 -21.36 -27.42
CA ARG K 97 -25.23 -20.63 -28.64
C ARG K 97 -24.60 -21.39 -29.80
N TYR K 98 -25.32 -22.39 -30.33
CA TYR K 98 -24.83 -23.14 -31.47
C TYR K 98 -25.27 -22.49 -32.77
N THR K 99 -24.31 -22.23 -33.65
CA THR K 99 -24.57 -21.67 -34.97
C THR K 99 -23.98 -22.58 -36.02
N PHE K 100 -24.82 -23.09 -36.92
CA PHE K 100 -24.36 -23.97 -37.98
C PHE K 100 -23.61 -23.18 -39.04
N GLY K 101 -22.96 -23.91 -39.93
CA GLY K 101 -22.36 -23.29 -41.10
C GLY K 101 -23.43 -23.02 -42.15
N GLN K 102 -23.10 -23.26 -43.42
CA GLN K 102 -24.09 -23.16 -44.48
C GLN K 102 -24.15 -24.38 -45.38
N GLY K 103 -23.22 -25.32 -45.26
CA GLY K 103 -23.24 -26.51 -46.06
C GLY K 103 -22.50 -26.36 -47.38
N THR K 104 -21.75 -27.39 -47.78
CA THR K 104 -21.03 -27.39 -49.04
C THR K 104 -21.55 -28.54 -49.89
N ARG K 105 -21.88 -28.26 -51.14
CA ARG K 105 -22.45 -29.24 -52.06
C ARG K 105 -21.41 -29.62 -53.10
N LEU K 106 -21.24 -30.92 -53.31
CA LEU K 106 -20.33 -31.45 -54.32
C LEU K 106 -21.10 -32.38 -55.25
N GLU K 107 -20.81 -32.28 -56.55
CA GLU K 107 -21.52 -33.03 -57.57
C GLU K 107 -20.53 -33.60 -58.58
N ILE K 108 -20.82 -34.81 -59.06
CA ILE K 108 -20.00 -35.41 -60.10
C ILE K 108 -20.13 -34.58 -61.37
N LYS K 109 -19.01 -34.46 -62.10
CA LYS K 109 -18.95 -33.65 -63.30
C LYS K 109 -19.66 -34.37 -64.44
N ARG K 110 -20.99 -34.29 -64.42
CA ARG K 110 -21.79 -34.90 -65.48
C ARG K 110 -21.64 -34.12 -66.78
N THR K 111 -21.68 -34.85 -67.89
CA THR K 111 -21.54 -34.24 -69.21
C THR K 111 -22.89 -33.80 -69.76
N GLU L 1 -30.91 -46.92 -30.11
CA GLU L 1 -30.79 -46.78 -28.66
C GLU L 1 -32.00 -46.06 -28.07
N VAL L 2 -32.68 -45.27 -28.90
CA VAL L 2 -33.86 -44.53 -28.48
C VAL L 2 -34.89 -44.58 -29.60
N GLN L 3 -36.13 -44.90 -29.26
CA GLN L 3 -37.23 -45.00 -30.20
C GLN L 3 -38.21 -43.87 -29.98
N LEU L 4 -38.73 -43.31 -31.08
CA LEU L 4 -39.60 -42.15 -31.03
C LEU L 4 -41.01 -42.52 -31.46
N VAL L 5 -42.00 -42.04 -30.70
CA VAL L 5 -43.40 -42.28 -31.00
C VAL L 5 -44.07 -40.92 -31.18
N GLU L 6 -43.33 -39.96 -31.76
CA GLU L 6 -43.83 -38.60 -31.92
C GLU L 6 -45.16 -38.59 -32.67
N SER L 7 -45.93 -37.53 -32.44
CA SER L 7 -47.22 -37.37 -33.09
C SER L 7 -47.03 -36.92 -34.54
N GLY L 8 -48.11 -36.60 -35.22
CA GLY L 8 -48.05 -36.21 -36.61
C GLY L 8 -47.64 -34.77 -36.82
N ALA L 9 -48.32 -34.08 -37.74
CA ALA L 9 -48.03 -32.70 -38.07
C ALA L 9 -49.01 -31.72 -37.45
N GLU L 10 -50.31 -31.91 -37.70
CA GLU L 10 -51.41 -31.08 -37.22
C GLU L 10 -51.08 -29.58 -37.29
N VAL L 11 -50.38 -29.18 -38.35
CA VAL L 11 -50.01 -27.78 -38.50
C VAL L 11 -51.25 -26.97 -38.88
N LYS L 12 -51.55 -25.96 -38.08
CA LYS L 12 -52.73 -25.14 -38.30
C LYS L 12 -52.48 -24.13 -39.41
N LYS L 13 -53.49 -23.35 -39.74
CA LYS L 13 -53.38 -22.36 -40.78
C LYS L 13 -52.45 -21.22 -40.35
N PRO L 14 -51.80 -20.55 -41.31
CA PRO L 14 -50.95 -19.41 -40.94
C PRO L 14 -51.75 -18.34 -40.21
N GLY L 15 -51.09 -17.68 -39.26
CA GLY L 15 -51.75 -16.76 -38.38
C GLY L 15 -52.21 -17.36 -37.08
N SER L 16 -51.85 -18.60 -36.78
CA SER L 16 -52.19 -19.25 -35.53
C SER L 16 -50.93 -19.78 -34.84
N SER L 17 -51.11 -20.54 -33.78
CA SER L 17 -49.98 -21.15 -33.07
C SER L 17 -49.81 -22.60 -33.51
N VAL L 18 -48.60 -23.12 -33.26
CA VAL L 18 -48.26 -24.49 -33.60
C VAL L 18 -47.76 -25.20 -32.34
N LYS L 19 -48.10 -26.48 -32.22
CA LYS L 19 -47.71 -27.32 -31.09
C LYS L 19 -47.05 -28.57 -31.65
N VAL L 20 -45.75 -28.49 -31.94
CA VAL L 20 -45.02 -29.61 -32.51
C VAL L 20 -44.67 -30.59 -31.40
N SER L 21 -45.11 -31.83 -31.55
CA SER L 21 -44.89 -32.85 -30.54
C SER L 21 -43.59 -33.59 -30.77
N CYS L 22 -42.95 -33.98 -29.67
CA CYS L 22 -41.72 -34.76 -29.70
C CYS L 22 -41.83 -35.84 -28.63
N LYS L 23 -42.07 -37.07 -29.04
CA LYS L 23 -42.34 -38.16 -28.12
C LYS L 23 -41.36 -39.30 -28.37
N ALA L 24 -40.75 -39.80 -27.30
CA ALA L 24 -39.89 -40.97 -27.35
C ALA L 24 -40.34 -41.95 -26.28
N SER L 25 -40.34 -43.23 -26.62
CA SER L 25 -40.81 -44.27 -25.71
C SER L 25 -39.94 -45.52 -25.93
N GLY L 26 -40.38 -46.63 -25.34
CA GLY L 26 -39.69 -47.90 -25.46
C GLY L 26 -38.51 -48.06 -24.52
N ASP L 27 -37.95 -46.98 -24.00
CA ASP L 27 -36.78 -47.04 -23.13
C ASP L 27 -36.85 -45.84 -22.19
N THR L 28 -35.73 -45.52 -21.55
CA THR L 28 -35.65 -44.33 -20.72
C THR L 28 -35.83 -43.07 -21.58
N PHE L 29 -36.14 -41.96 -20.90
CA PHE L 29 -36.40 -40.71 -21.60
C PHE L 29 -35.64 -39.56 -20.96
N ILE L 30 -35.34 -39.67 -19.67
CA ILE L 30 -34.80 -38.55 -18.92
C ILE L 30 -33.30 -38.35 -19.16
N ARG L 31 -32.59 -39.39 -19.59
CA ARG L 31 -31.14 -39.29 -19.68
C ARG L 31 -30.70 -38.34 -20.79
N TYR L 32 -31.50 -38.16 -21.83
CA TYR L 32 -31.08 -37.47 -23.03
C TYR L 32 -31.28 -35.96 -22.93
N SER L 33 -30.47 -35.24 -23.70
CA SER L 33 -30.64 -33.82 -23.92
C SER L 33 -31.25 -33.60 -25.29
N PHE L 34 -32.10 -32.57 -25.41
CA PHE L 34 -32.90 -32.35 -26.60
C PHE L 34 -32.57 -30.99 -27.22
N THR L 35 -32.42 -30.98 -28.53
CA THR L 35 -32.10 -29.79 -29.31
C THR L 35 -33.11 -29.64 -30.43
N TRP L 36 -33.69 -28.46 -30.55
CA TRP L 36 -34.62 -28.15 -31.63
C TRP L 36 -33.88 -27.39 -32.72
N VAL L 37 -34.02 -27.85 -33.96
CA VAL L 37 -33.37 -27.22 -35.09
C VAL L 37 -34.41 -26.90 -36.15
N ARG L 38 -34.25 -25.74 -36.78
CA ARG L 38 -35.08 -25.30 -37.89
C ARG L 38 -34.30 -25.45 -39.19
N GLN L 39 -35.02 -25.74 -40.27
CA GLN L 39 -34.41 -25.84 -41.59
C GLN L 39 -35.36 -25.19 -42.58
N ALA L 40 -35.03 -23.97 -43.00
CA ALA L 40 -35.78 -23.31 -44.05
C ALA L 40 -35.46 -23.96 -45.40
N PRO L 41 -36.37 -23.89 -46.36
CA PRO L 41 -36.12 -24.51 -47.67
C PRO L 41 -34.95 -23.87 -48.41
N GLY L 42 -33.94 -24.69 -48.69
CA GLY L 42 -32.77 -24.25 -49.43
C GLY L 42 -31.71 -23.56 -48.61
N GLN L 43 -31.89 -23.42 -47.30
CA GLN L 43 -30.93 -22.73 -46.44
C GLN L 43 -30.24 -23.74 -45.52
N GLY L 44 -29.34 -23.21 -44.68
CA GLY L 44 -28.67 -24.04 -43.70
C GLY L 44 -29.51 -24.25 -42.46
N LEU L 45 -29.05 -25.21 -41.63
CA LEU L 45 -29.73 -25.49 -40.38
C LEU L 45 -29.51 -24.35 -39.39
N GLU L 46 -30.48 -24.17 -38.49
CA GLU L 46 -30.42 -23.11 -37.50
C GLU L 46 -30.88 -23.66 -36.16
N TRP L 47 -29.99 -23.63 -35.16
CA TRP L 47 -30.39 -24.04 -33.82
C TRP L 47 -31.41 -23.06 -33.25
N MET L 48 -32.38 -23.60 -32.50
CA MET L 48 -33.51 -22.79 -32.09
C MET L 48 -33.74 -22.87 -30.59
N GLY L 49 -33.45 -24.02 -29.98
CA GLY L 49 -33.58 -24.14 -28.54
C GLY L 49 -32.99 -25.43 -28.04
N ARG L 50 -32.70 -25.45 -26.74
CA ARG L 50 -32.26 -26.66 -26.05
C ARG L 50 -32.97 -26.76 -24.71
N ILE L 51 -33.26 -27.98 -24.29
CA ILE L 51 -33.85 -28.26 -22.98
C ILE L 51 -33.10 -29.42 -22.35
N ILE L 52 -32.78 -29.28 -21.07
CA ILE L 52 -32.19 -30.37 -20.30
C ILE L 52 -33.33 -31.13 -19.63
N THR L 53 -33.46 -32.41 -19.98
CA THR L 53 -34.64 -33.17 -19.58
C THR L 53 -34.74 -33.31 -18.06
N ILE L 54 -33.63 -33.64 -17.40
CA ILE L 54 -33.70 -33.90 -15.97
C ILE L 54 -33.65 -32.62 -15.14
N LEU L 55 -33.18 -31.51 -15.70
CA LEU L 55 -33.17 -30.25 -14.97
C LEU L 55 -34.30 -29.32 -15.38
N ASP L 56 -35.03 -29.64 -16.45
CA ASP L 56 -36.16 -28.83 -16.92
C ASP L 56 -35.75 -27.40 -17.22
N VAL L 57 -34.50 -27.20 -17.63
CA VAL L 57 -34.01 -25.88 -18.00
C VAL L 57 -34.04 -25.75 -19.50
N ALA L 58 -34.18 -24.51 -19.97
CA ALA L 58 -34.27 -24.22 -21.39
C ALA L 58 -33.32 -23.08 -21.74
N HIS L 59 -32.74 -23.15 -22.93
CA HIS L 59 -31.87 -22.10 -23.45
C HIS L 59 -32.25 -21.83 -24.89
N TYR L 60 -32.55 -20.57 -25.20
CA TYR L 60 -32.94 -20.14 -26.52
C TYR L 60 -31.92 -19.16 -27.08
N ALA L 61 -32.00 -18.95 -28.39
CA ALA L 61 -31.17 -17.95 -29.04
C ALA L 61 -31.63 -16.55 -28.63
N PRO L 62 -30.73 -15.56 -28.67
CA PRO L 62 -31.09 -14.23 -28.17
C PRO L 62 -32.27 -13.58 -28.88
N HIS L 63 -32.43 -13.82 -30.18
CA HIS L 63 -33.45 -13.10 -30.94
C HIS L 63 -34.82 -13.77 -30.91
N LEU L 64 -34.89 -15.10 -30.81
CA LEU L 64 -36.18 -15.77 -30.66
C LEU L 64 -36.61 -15.89 -29.20
N GLN L 65 -35.79 -15.45 -28.25
CA GLN L 65 -36.22 -15.45 -26.86
C GLN L 65 -37.37 -14.48 -26.68
N GLY L 66 -38.37 -14.90 -25.90
CA GLY L 66 -39.61 -14.17 -25.81
C GLY L 66 -40.56 -14.42 -26.95
N ARG L 67 -40.20 -15.28 -27.90
CA ARG L 67 -41.03 -15.63 -29.03
C ARG L 67 -41.34 -17.11 -29.11
N VAL L 68 -40.68 -17.94 -28.31
CA VAL L 68 -40.84 -19.39 -28.37
C VAL L 68 -40.49 -19.97 -27.01
N THR L 69 -41.26 -20.98 -26.60
CA THR L 69 -40.93 -21.78 -25.43
C THR L 69 -41.00 -23.26 -25.80
N ILE L 70 -40.21 -24.05 -25.07
CA ILE L 70 -40.12 -25.49 -25.28
C ILE L 70 -40.54 -26.15 -23.98
N THR L 71 -41.78 -26.62 -23.93
CA THR L 71 -42.33 -27.24 -22.74
C THR L 71 -42.26 -28.76 -22.84
N ALA L 72 -42.06 -29.41 -21.69
CA ALA L 72 -41.95 -30.86 -21.64
C ALA L 72 -42.53 -31.36 -20.34
N ASP L 73 -42.92 -32.63 -20.34
CA ASP L 73 -43.38 -33.30 -19.13
C ASP L 73 -42.79 -34.70 -19.08
N LYS L 74 -42.63 -35.21 -17.86
CA LYS L 74 -42.04 -36.53 -17.64
C LYS L 74 -43.05 -37.60 -17.27
N SER L 75 -44.24 -37.21 -16.78
CA SER L 75 -45.28 -38.20 -16.52
C SER L 75 -45.70 -38.90 -17.81
N THR L 76 -45.85 -38.13 -18.89
CA THR L 76 -46.01 -38.69 -20.22
C THR L 76 -44.70 -38.78 -20.99
N SER L 77 -43.66 -38.09 -20.54
CA SER L 77 -42.32 -38.15 -21.12
C SER L 77 -42.34 -37.72 -22.60
N THR L 78 -42.68 -36.44 -22.78
CA THR L 78 -42.67 -35.85 -24.12
C THR L 78 -42.28 -34.38 -24.00
N VAL L 79 -41.94 -33.78 -25.13
CA VAL L 79 -41.56 -32.38 -25.22
C VAL L 79 -42.39 -31.72 -26.32
N TYR L 80 -43.07 -30.64 -25.98
CA TYR L 80 -43.88 -29.90 -26.94
C TYR L 80 -43.05 -28.76 -27.53
N LEU L 81 -43.72 -27.85 -28.23
CA LEU L 81 -43.08 -26.66 -28.79
C LEU L 81 -44.15 -25.61 -28.99
N GLU L 82 -43.83 -24.36 -28.64
CA GLU L 82 -44.79 -23.26 -28.76
C GLU L 82 -44.21 -22.19 -29.65
N LEU L 83 -44.99 -21.73 -30.63
CA LEU L 83 -44.62 -20.62 -31.49
C LEU L 83 -45.78 -19.64 -31.54
N ARG L 84 -45.51 -18.39 -31.21
CA ARG L 84 -46.52 -17.33 -31.24
C ARG L 84 -46.22 -16.35 -32.37
N ASN L 85 -47.26 -15.60 -32.75
CA ASN L 85 -47.17 -14.60 -33.83
C ASN L 85 -46.56 -15.20 -35.10
N LEU L 86 -46.99 -16.42 -35.42
CA LEU L 86 -46.43 -17.18 -36.54
C LEU L 86 -46.46 -16.39 -37.83
N ARG L 87 -45.33 -16.39 -38.53
CA ARG L 87 -45.14 -15.61 -39.75
C ARG L 87 -44.81 -16.58 -40.88
N SER L 88 -45.21 -16.21 -42.10
CA SER L 88 -45.21 -17.16 -43.21
C SER L 88 -43.83 -17.71 -43.50
N ASP L 89 -42.82 -16.84 -43.54
CA ASP L 89 -41.45 -17.30 -43.81
C ASP L 89 -40.93 -18.23 -42.72
N ASP L 90 -41.55 -18.22 -41.55
CA ASP L 90 -41.19 -19.16 -40.49
C ASP L 90 -41.50 -20.60 -40.89
N THR L 91 -42.28 -20.81 -41.95
CA THR L 91 -42.56 -22.16 -42.44
C THR L 91 -41.25 -22.86 -42.79
N ALA L 92 -40.90 -23.88 -42.01
CA ALA L 92 -39.65 -24.59 -42.19
C ALA L 92 -39.80 -25.97 -41.56
N VAL L 93 -38.94 -26.89 -41.99
CA VAL L 93 -38.98 -28.25 -41.44
C VAL L 93 -38.21 -28.27 -40.12
N TYR L 94 -38.82 -28.86 -39.11
CA TYR L 94 -38.28 -28.85 -37.76
C TYR L 94 -37.73 -30.22 -37.40
N PHE L 95 -36.77 -30.24 -36.49
CA PHE L 95 -36.27 -31.48 -35.93
C PHE L 95 -36.11 -31.33 -34.43
N CYS L 96 -36.55 -32.34 -33.70
CA CYS L 96 -36.37 -32.43 -32.24
C CYS L 96 -35.39 -33.58 -32.00
N ALA L 97 -34.09 -33.25 -32.04
CA ALA L 97 -33.04 -34.24 -31.97
C ALA L 97 -32.64 -34.48 -30.53
N GLY L 98 -32.17 -35.69 -30.25
CA GLY L 98 -31.79 -36.06 -28.90
C GLY L 98 -30.40 -36.68 -28.87
N VAL L 99 -29.76 -36.55 -27.70
CA VAL L 99 -28.44 -37.12 -27.48
C VAL L 99 -28.41 -37.78 -26.11
N TYR L 100 -27.88 -39.01 -26.05
CA TYR L 100 -27.68 -39.68 -24.78
C TYR L 100 -26.63 -38.94 -23.95
N GLU L 101 -26.97 -38.69 -22.69
CA GLU L 101 -26.13 -37.91 -21.78
C GLU L 101 -25.94 -38.64 -20.45
N GLY L 102 -25.61 -39.92 -20.52
CA GLY L 102 -25.22 -40.67 -19.34
C GLY L 102 -26.40 -40.99 -18.43
N GLU L 103 -26.07 -41.63 -17.31
CA GLU L 103 -27.05 -42.04 -16.31
C GLU L 103 -27.50 -40.82 -15.52
N ALA L 104 -28.50 -40.11 -16.07
CA ALA L 104 -28.96 -38.89 -15.42
C ALA L 104 -29.67 -39.19 -14.11
N ASP L 105 -30.42 -40.30 -14.05
CA ASP L 105 -31.17 -40.63 -12.84
C ASP L 105 -30.25 -40.85 -11.65
N GLU L 106 -29.14 -41.58 -11.87
CA GLU L 106 -28.15 -41.77 -10.82
C GLU L 106 -27.31 -40.52 -10.57
N GLY L 107 -27.51 -39.47 -11.37
CA GLY L 107 -26.85 -38.21 -11.17
C GLY L 107 -25.70 -37.93 -12.11
N GLU L 108 -25.19 -38.95 -12.80
CA GLU L 108 -24.10 -38.74 -13.74
C GLU L 108 -24.62 -37.99 -14.97
N TYR L 109 -23.71 -37.29 -15.64
CA TYR L 109 -24.10 -36.49 -16.79
C TYR L 109 -22.90 -36.33 -17.71
N ASP L 110 -23.19 -35.98 -18.95
CA ASP L 110 -22.18 -35.66 -19.96
C ASP L 110 -22.34 -34.27 -20.54
N ASN L 111 -23.57 -33.86 -20.84
CA ASN L 111 -23.87 -32.55 -21.40
C ASN L 111 -23.07 -32.29 -22.67
N ASN L 112 -23.14 -33.24 -23.60
CA ASN L 112 -22.49 -33.10 -24.88
C ASN L 112 -23.20 -32.04 -25.72
N GLY L 113 -22.42 -31.32 -26.52
CA GLY L 113 -22.97 -30.25 -27.35
C GLY L 113 -23.31 -30.67 -28.77
N PHE L 114 -22.83 -31.84 -29.17
CA PHE L 114 -23.12 -32.38 -30.48
C PHE L 114 -24.56 -32.91 -30.54
N LEU L 115 -25.02 -33.22 -31.75
CA LEU L 115 -26.30 -33.86 -31.96
C LEU L 115 -26.09 -35.13 -32.77
N LYS L 116 -26.56 -36.26 -32.26
CA LYS L 116 -26.39 -37.56 -32.92
C LYS L 116 -27.71 -38.12 -33.41
N HIS L 117 -28.69 -38.28 -32.53
CA HIS L 117 -29.98 -38.86 -32.89
C HIS L 117 -30.96 -37.76 -33.23
N TRP L 118 -31.63 -37.90 -34.38
CA TRP L 118 -32.58 -36.92 -34.88
C TRP L 118 -33.96 -37.56 -35.01
N GLY L 119 -34.99 -36.71 -34.95
CA GLY L 119 -36.35 -37.15 -35.14
C GLY L 119 -36.71 -37.31 -36.60
N GLN L 120 -37.96 -37.74 -36.82
CA GLN L 120 -38.45 -37.90 -38.19
C GLN L 120 -38.50 -36.56 -38.92
N GLY L 121 -38.95 -35.51 -38.23
CA GLY L 121 -39.04 -34.19 -38.80
C GLY L 121 -40.46 -33.67 -38.81
N THR L 122 -40.77 -32.87 -39.83
CA THR L 122 -42.10 -32.28 -39.98
C THR L 122 -42.37 -32.05 -41.46
N LEU L 123 -43.53 -32.50 -41.92
CA LEU L 123 -43.92 -32.40 -43.32
C LEU L 123 -44.89 -31.23 -43.52
N VAL L 124 -44.67 -30.47 -44.58
CA VAL L 124 -45.48 -29.30 -44.91
C VAL L 124 -45.90 -29.38 -46.37
N THR L 125 -47.03 -28.73 -46.67
CA THR L 125 -47.56 -28.66 -48.03
C THR L 125 -48.11 -27.25 -48.23
N VAL L 126 -47.57 -26.53 -49.21
CA VAL L 126 -47.92 -25.14 -49.46
C VAL L 126 -48.83 -25.07 -50.69
N SER L 127 -49.94 -24.34 -50.55
CA SER L 127 -50.88 -24.15 -51.64
C SER L 127 -51.66 -22.87 -51.40
N SER L 128 -52.29 -22.38 -52.46
CA SER L 128 -53.09 -21.16 -52.38
C SER L 128 -54.49 -21.45 -51.84
C1 NAG M . 33.23 20.14 37.02
C2 NAG M . 33.80 18.87 37.64
C3 NAG M . 33.11 18.59 38.98
C4 NAG M . 33.24 19.81 39.90
C5 NAG M . 32.71 21.05 39.19
C6 NAG M . 32.92 22.32 39.99
C7 NAG M . 34.68 17.16 36.13
C8 NAG M . 36.03 17.74 36.41
N2 NAG M . 33.64 17.73 36.75
O3 NAG M . 33.71 17.46 39.60
O4 NAG M . 32.53 19.60 41.11
O5 NAG M . 33.39 21.23 37.94
O6 NAG M . 34.20 22.35 40.59
O7 NAG M . 34.52 16.19 35.37
C1 NAG M . 33.50 19.46 42.17
C2 NAG M . 32.94 20.09 43.44
C3 NAG M . 33.91 19.92 44.60
C4 NAG M . 34.30 18.45 44.76
C5 NAG M . 34.80 17.89 43.44
C6 NAG M . 35.09 16.41 43.49
C7 NAG M . 31.52 22.09 43.66
C8 NAG M . 31.38 23.56 43.35
N2 NAG M . 32.64 21.51 43.23
O3 NAG M . 33.33 20.40 45.80
O4 NAG M . 35.31 18.31 45.75
O5 NAG M . 33.81 18.08 42.41
O6 NAG M . 35.99 16.09 44.54
O7 NAG M . 30.65 21.46 44.24
C1 NAG N . 28.90 13.75 7.40
C2 NAG N . 29.06 12.41 6.69
C3 NAG N . 29.32 12.63 5.21
C4 NAG N . 28.24 13.49 4.60
C5 NAG N . 28.09 14.79 5.39
C6 NAG N . 26.94 15.64 4.91
C7 NAG N . 29.90 10.45 7.90
C8 NAG N . 31.11 9.77 8.47
N2 NAG N . 30.12 11.63 7.30
O3 NAG N . 29.38 11.37 4.55
O4 NAG N . 28.54 13.79 3.23
O5 NAG N . 27.86 14.50 6.76
O6 NAG N . 25.88 15.65 5.86
O7 NAG N . 28.78 9.95 7.98
C1 NAG N . 27.68 12.94 2.43
C2 NAG N . 27.21 13.73 1.21
C3 NAG N . 26.36 12.84 0.31
C4 NAG N . 27.08 11.55 -0.02
C5 NAG N . 27.58 10.88 1.26
C6 NAG N . 28.42 9.65 1.00
C7 NAG N . 26.92 16.16 1.49
C8 NAG N . 28.29 16.29 0.89
N2 NAG N . 26.46 14.91 1.62
O3 NAG N . 26.04 13.55 -0.89
O4 NAG N . 26.19 10.66 -0.68
O5 NAG N . 28.40 11.78 2.01
O6 NAG N . 28.83 9.03 2.21
O7 NAG N . 26.27 17.13 1.85
C1 BMA N . 26.55 10.55 -2.07
C2 BMA N . 25.97 9.23 -2.58
C3 BMA N . 26.15 9.08 -4.08
C4 BMA N . 25.75 10.36 -4.83
C5 BMA N . 26.38 11.61 -4.20
C6 BMA N . 25.88 12.92 -4.82
O2 BMA N . 24.56 9.19 -2.35
O3 BMA N . 25.40 7.99 -4.57
O4 BMA N . 26.15 10.28 -6.20
O5 BMA N . 26.04 11.64 -2.81
O6 BMA N . 24.74 12.65 -5.63
C1 MAN N . 26.25 7.12 -5.34
C2 MAN N . 25.44 6.68 -6.57
C3 MAN N . 24.25 5.85 -6.10
C4 MAN N . 24.74 4.67 -5.25
C5 MAN N . 25.57 5.19 -4.07
C6 MAN N . 26.19 4.08 -3.24
O2 MAN N . 26.20 5.80 -7.39
O3 MAN N . 23.49 5.39 -7.20
O4 MAN N . 23.63 3.94 -4.77
O5 MAN N . 26.64 6.01 -4.56
O6 MAN N . 27.09 4.66 -2.31
C1 MAN N . 27.24 6.53 -8.04
C2 MAN N . 26.65 7.15 -9.33
C3 MAN N . 26.34 6.05 -10.35
C4 MAN N . 27.55 5.12 -10.54
C5 MAN N . 28.00 4.57 -9.17
C6 MAN N . 29.22 3.69 -9.27
O2 MAN N . 27.57 8.03 -9.97
O3 MAN N . 25.93 6.59 -11.60
O4 MAN N . 27.19 4.04 -11.38
O5 MAN N . 28.33 5.68 -8.33
O6 MAN N . 30.37 4.53 -9.17
C1 MAN N . 23.55 13.16 -4.98
C2 MAN N . 22.33 12.39 -5.58
C3 MAN N . 21.00 12.92 -5.01
C4 MAN N . 21.20 14.28 -4.30
C5 MAN N . 22.12 15.15 -5.15
C6 MAN N . 22.23 16.57 -4.66
O2 MAN N . 22.36 11.00 -5.22
O3 MAN N . 20.37 11.99 -4.14
O4 MAN N . 19.95 14.93 -4.15
O5 MAN N . 23.46 14.58 -5.14
O6 MAN N . 23.23 16.60 -3.63
C1 NAG O . 39.37 9.28 40.74
C2 NAG O . 38.90 8.20 41.72
C3 NAG O . 39.62 8.30 43.06
C4 NAG O . 41.13 8.32 42.85
C5 NAG O . 41.51 9.41 41.85
C6 NAG O . 42.98 9.42 41.50
C7 NAG O . 36.61 9.10 42.39
C8 NAG O . 37.22 10.40 42.83
N2 NAG O . 37.44 8.16 41.89
O3 NAG O . 39.27 7.18 43.87
O4 NAG O . 41.80 8.58 44.08
O5 NAG O . 40.80 9.21 40.61
O6 NAG O . 43.51 8.10 41.46
O7 NAG O . 35.40 8.91 42.47
C1 NAG O . 42.41 7.36 44.54
C2 NAG O . 43.69 7.71 45.29
C3 NAG O . 44.34 6.44 45.84
C4 NAG O . 43.34 5.65 46.68
C5 NAG O . 42.07 5.39 45.89
C6 NAG O . 40.99 4.73 46.70
C7 NAG O . 45.10 9.64 44.73
C8 NAG O . 46.04 10.24 43.74
N2 NAG O . 44.62 8.43 44.44
O3 NAG O . 45.47 6.79 46.62
O4 NAG O . 43.91 4.41 47.08
O5 NAG O . 41.52 6.63 45.41
O6 NAG O . 41.30 3.37 46.96
O7 NAG O . 44.78 10.22 45.77
C1 NAG P . 50.98 6.18 9.81
C2 NAG P . 51.70 4.84 9.65
C3 NAG P . 53.08 4.90 10.30
C4 NAG P . 53.88 6.07 9.76
C5 NAG P . 53.07 7.36 9.89
C6 NAG P . 53.73 8.56 9.26
C7 NAG P . 50.08 3.00 9.54
C8 NAG P . 49.34 1.93 10.30
N2 NAG P . 50.90 3.76 10.24
O3 NAG P . 53.77 3.68 10.04
O4 NAG P . 55.09 6.21 10.48
O5 NAG P . 51.79 7.21 9.25
O6 NAG P . 52.77 9.51 8.82
O7 NAG P . 49.91 3.15 8.33
C1 NAG P . 56.21 6.04 9.59
C2 NAG P . 57.48 6.43 10.34
C3 NAG P . 58.70 6.24 9.45
C4 NAG P . 58.74 4.82 8.89
C5 NAG P . 57.42 4.50 8.19
C6 NAG P . 57.33 3.08 7.71
C7 NAG P . 57.27 8.89 10.08
C8 NAG P . 57.22 10.20 10.80
N2 NAG P . 57.42 7.80 10.85
O3 NAG P . 59.89 6.49 10.21
O4 NAG P . 59.80 4.69 7.95
O5 NAG P . 56.33 4.70 9.11
O6 NAG P . 57.44 3.00 6.30
O7 NAG P . 57.18 8.82 8.85
C1 NAG Q . -15.92 15.38 -19.37
C2 NAG Q . -14.43 15.62 -19.54
C3 NAG Q . -13.93 14.96 -20.81
C4 NAG Q . -14.29 13.49 -20.80
C5 NAG Q . -15.78 13.28 -20.51
C6 NAG Q . -16.15 11.84 -20.29
C7 NAG Q . -14.53 17.95 -20.38
C8 NAG Q . -14.06 19.35 -20.15
N2 NAG Q . -14.09 17.03 -19.50
O3 NAG Q . -12.52 15.12 -20.91
O4 NAG Q . -14.00 12.91 -22.07
O5 NAG Q . -16.16 13.99 -19.32
O6 NAG Q . -16.45 11.59 -18.93
O7 NAG Q . -15.25 17.65 -21.32
C1 NAG Q . -12.78 12.16 -21.97
C2 NAG Q . -12.86 10.96 -22.91
C3 NAG Q . -11.55 10.18 -22.89
C4 NAG Q . -10.38 11.09 -23.18
C5 NAG Q . -10.40 12.29 -22.23
C6 NAG Q . -9.34 13.32 -22.55
C7 NAG Q . -14.81 9.58 -23.47
C8 NAG Q . -15.91 8.71 -22.92
N2 NAG Q . -13.98 10.10 -22.56
O3 NAG Q . -11.61 9.15 -23.87
O4 NAG Q . -9.16 10.40 -22.97
O5 NAG Q . -11.66 12.96 -22.33
O6 NAG Q . -8.89 13.21 -23.89
O7 NAG Q . -14.69 9.79 -24.66
C1 BMA Q . -8.60 10.03 -24.24
C2 BMA Q . -7.08 9.96 -24.05
C3 BMA Q . -6.44 9.42 -25.32
C4 BMA Q . -7.11 8.14 -25.79
C5 BMA Q . -8.62 8.34 -25.91
C6 BMA Q . -9.34 7.05 -26.22
O2 BMA Q . -6.75 9.03 -23.04
O3 BMA Q . -5.06 9.19 -25.10
O4 BMA Q . -6.59 7.76 -27.05
O5 BMA Q . -9.12 8.79 -24.66
O6 BMA Q . -8.71 6.05 -25.43
C1 MAN Q . -4.32 9.86 -26.14
C2 MAN Q . -2.83 9.46 -26.00
C3 MAN Q . -2.22 10.16 -24.79
C4 MAN Q . -2.45 11.67 -24.89
C5 MAN Q . -3.94 11.93 -24.92
C6 MAN Q . -4.28 13.41 -25.05
O2 MAN Q . -2.06 9.90 -27.12
O3 MAN Q . -0.83 9.88 -24.66
O4 MAN Q . -1.87 12.30 -23.78
O5 MAN Q . -4.52 11.27 -26.07
O6 MAN Q . -3.19 14.16 -24.56
C1 MAN Q . -2.55 9.28 -28.32
C2 MAN Q . -1.35 8.64 -29.03
C3 MAN Q . -0.39 9.73 -29.49
C4 MAN Q . -1.12 10.79 -30.32
C5 MAN Q . -2.30 11.35 -29.53
C6 MAN Q . -3.14 12.32 -30.33
O2 MAN Q . -1.75 7.96 -30.21
O3 MAN Q . 0.69 9.18 -30.24
O4 MAN Q . -0.23 11.84 -30.65
O5 MAN Q . -3.16 10.26 -29.14
O6 MAN Q . -4.45 12.34 -29.76
C1 MAN Q . -9.63 4.96 -25.23
C2 MAN Q . -9.11 4.14 -24.01
C3 MAN Q . -7.87 3.32 -24.36
C4 MAN Q . -8.01 2.60 -25.73
C5 MAN Q . -8.45 3.61 -26.80
C6 MAN Q . -8.64 2.99 -28.17
O2 MAN Q . -10.09 3.20 -23.56
O3 MAN Q . -7.60 2.35 -23.33
O4 MAN Q . -6.79 2.02 -26.13
O5 MAN Q . -9.70 4.18 -26.39
O6 MAN Q . -7.36 2.66 -28.69
C1 MAN Q . -6.18 2.20 -23.08
C2 MAN Q . -5.94 2.38 -21.55
C3 MAN Q . -4.45 2.60 -21.27
C4 MAN Q . -3.60 2.16 -22.46
C5 MAN Q . -3.95 3.05 -23.67
C6 MAN Q . -3.34 2.56 -24.97
O2 MAN Q . -6.31 1.22 -20.81
O3 MAN Q . -4.03 1.92 -20.09
O4 MAN Q . -2.22 2.32 -22.16
O5 MAN Q . -5.40 3.12 -23.86
O6 MAN Q . -1.93 2.43 -24.79
C1 NAG R . -31.57 43.54 -2.19
C2 NAG R . -31.98 43.92 -0.77
C3 NAG R . -32.84 45.19 -0.79
C4 NAG R . -32.13 46.30 -1.53
C5 NAG R . -31.68 45.82 -2.92
C6 NAG R . -30.86 46.84 -3.66
C7 NAG R . -33.85 42.31 -0.52
C8 NAG R . -34.40 41.19 0.31
N2 NAG R . -32.69 42.82 -0.11
O3 NAG R . -33.11 45.58 0.56
O4 NAG R . -32.98 47.42 -1.73
O5 NAG R . -30.88 44.64 -2.80
O6 NAG R . -31.61 48.00 -3.96
O7 NAG R . -34.44 42.72 -1.53
C1 NAG R . -32.89 48.50 -0.78
C2 NAG R . -31.59 49.33 -0.86
C3 NAG R . -31.70 50.58 0.01
C4 NAG R . -32.95 51.38 -0.33
C5 NAG R . -34.18 50.48 -0.19
C6 NAG R . -35.45 51.17 -0.59
C7 NAG R . -29.21 48.76 -0.92
C8 NAG R . -28.13 47.84 -0.39
N2 NAG R . -30.44 48.55 -0.45
O3 NAG R . -30.54 51.40 -0.18
O4 NAG R . -33.07 52.49 0.55
O5 NAG R . -34.02 49.35 -1.05
O6 NAG R . -36.16 50.42 -1.57
O7 NAG R . -28.96 49.65 -1.73
C1 NAG S . -35.00 27.18 -31.32
C2 NAG S . -35.97 26.93 -32.49
C3 NAG S . -36.47 28.24 -33.05
C4 NAG S . -37.23 28.98 -31.96
C5 NAG S . -36.29 29.28 -30.80
C6 NAG S . -36.85 28.87 -29.46
C7 NAG S . -35.77 24.93 -33.91
C8 NAG S . -34.99 24.25 -35.00
N2 NAG S . -35.33 26.14 -33.54
O3 NAG S . -37.33 27.97 -34.16
O4 NAG S . -37.75 30.21 -32.47
O5 NAG S . -35.02 28.62 -30.96
O6 NAG S . -35.82 28.43 -28.58
O7 NAG S . -36.74 24.41 -33.39
C1 NAG S . -39.18 30.10 -32.66
C2 NAG S . -39.69 31.35 -33.36
C3 NAG S . -41.19 31.23 -33.64
C4 NAG S . -41.49 29.94 -34.39
C5 NAG S . -40.91 28.74 -33.64
C6 NAG S . -41.08 27.45 -34.38
C7 NAG S . -39.20 33.75 -33.14
C8 NAG S . -38.92 34.86 -32.19
N2 NAG S . -39.41 32.54 -32.58
O3 NAG S . -41.62 32.35 -34.40
O4 NAG S . -42.89 29.78 -34.53
O5 NAG S . -39.51 28.93 -33.43
O6 NAG S . -42.34 27.37 -35.04
O7 NAG S . -39.23 33.92 -34.35
C1 NAG T . -18.98 33.91 -32.72
C2 NAG T . -17.91 34.99 -32.70
C3 NAG T . -18.50 36.33 -33.15
C4 NAG T . -19.20 36.18 -34.50
C5 NAG T . -20.20 35.02 -34.46
C6 NAG T . -20.82 34.72 -35.79
C7 NAG T . -17.96 35.50 -30.28
C8 NAG T . -17.14 35.57 -29.02
N2 NAG T . -17.31 35.12 -31.38
O3 NAG T . -17.45 37.28 -33.26
O4 NAG T . -19.93 37.37 -34.79
O5 NAG T . -19.56 33.82 -34.02
O6 NAG T . -19.99 33.85 -36.55
O7 NAG T . -19.15 35.78 -30.29
C1 NAG T . -19.22 38.19 -35.75
C2 NAG T . -20.20 38.68 -36.82
C3 NAG T . -19.48 39.60 -37.79
C4 NAG T . -18.78 40.73 -37.06
C5 NAG T . -17.87 40.18 -35.97
C6 NAG T . -17.27 41.25 -35.11
C7 NAG T . -22.04 37.59 -38.01
C8 NAG T . -22.50 36.35 -38.70
N2 NAG T . -20.80 37.56 -37.51
O3 NAG T . -20.43 40.13 -38.71
O4 NAG T . -18.02 41.50 -37.97
O5 NAG T . -18.62 39.32 -35.09
O6 NAG T . -18.26 42.05 -34.50
O7 NAG T . -22.75 38.58 -37.91
C1 NAG U . -7.31 -32.77 1.90
C2 NAG U . -7.91 -32.09 0.69
C3 NAG U . -7.30 -32.66 -0.58
C4 NAG U . -5.79 -32.50 -0.53
C5 NAG U . -5.21 -33.09 0.77
C6 NAG U . -3.75 -32.77 0.95
C7 NAG U . -10.06 -33.31 0.61
C8 NAG U . -11.56 -33.15 0.58
N2 NAG U . -9.36 -32.17 0.65
O3 NAG U . -7.83 -31.99 -1.71
O4 NAG U . -5.17 -33.18 -1.63
O5 NAG U . -5.90 -32.56 1.91
O6 NAG U . -3.38 -31.62 0.21
O7 NAG U . -9.53 -34.41 0.59
C1 NAG U . -4.91 -32.21 -2.66
C2 NAG U . -3.53 -32.43 -3.26
C3 NAG U . -3.29 -31.43 -4.39
C4 NAG U . -4.43 -31.49 -5.41
C5 NAG U . -5.78 -31.37 -4.71
C6 NAG U . -6.95 -31.58 -5.64
C7 NAG U . -1.29 -32.87 -2.35
C8 NAG U . -0.35 -32.64 -1.21
N2 NAG U . -2.50 -32.30 -2.25
O3 NAG U . -2.05 -31.73 -5.03
O4 NAG U . -4.30 -30.40 -6.32
O5 NAG U . -5.90 -32.35 -3.68
O6 NAG U . -8.14 -31.85 -4.92
O7 NAG U . -0.98 -33.55 -3.32
C1 BMA U . -3.87 -30.86 -7.61
C2 BMA U . -4.12 -29.69 -8.59
C3 BMA U . -3.44 -29.96 -9.93
C4 BMA U . -1.99 -30.39 -9.72
C5 BMA U . -1.97 -31.62 -8.82
C6 BMA U . -0.57 -32.14 -8.56
O2 BMA U . -3.57 -28.48 -8.10
O3 BMA U . -3.50 -28.83 -10.79
O4 BMA U . -1.41 -30.71 -10.98
O5 BMA U . -2.52 -31.24 -7.56
O6 BMA U . -0.35 -32.03 -7.16
C1 MAN U . -4.17 -29.24 -12.01
C2 MAN U . -3.79 -28.23 -13.12
C3 MAN U . -4.42 -26.89 -12.81
C4 MAN U . -5.94 -27.06 -12.68
C5 MAN U . -6.24 -28.04 -11.54
C6 MAN U . -7.73 -28.33 -11.42
O2 MAN U . -4.37 -28.61 -14.37
O3 MAN U . -4.12 -25.91 -13.79
O4 MAN U . -6.54 -25.81 -12.42
O5 MAN U . -5.58 -29.30 -11.80
O6 MAN U . -8.42 -27.52 -12.36
C1 MAN U . -3.34 -29.07 -15.27
C2 MAN U . -4.05 -29.80 -16.43
C3 MAN U . -3.13 -30.88 -17.02
C4 MAN U . -1.66 -30.50 -16.87
C5 MAN U . -1.29 -30.44 -15.38
C6 MAN U . -0.07 -29.62 -15.08
O2 MAN U . -4.35 -28.92 -17.51
O3 MAN U . -3.45 -31.13 -18.39
O4 MAN U . -0.84 -31.45 -17.52
O5 MAN U . -2.41 -29.90 -14.59
O6 MAN U . 1.05 -30.24 -15.71
C1 MAN U . 1.04 -31.70 -6.91
C2 MAN U . 1.31 -30.29 -7.55
C3 MAN U . 2.78 -29.88 -7.37
C4 MAN U . 3.66 -31.09 -6.99
C5 MAN U . 3.23 -32.29 -7.82
C6 MAN U . 4.15 -33.49 -7.66
O2 MAN U . 0.55 -29.27 -6.90
O3 MAN U . 2.92 -28.84 -6.41
O4 MAN U . 5.02 -30.79 -7.23
O5 MAN U . 1.90 -32.72 -7.42
O6 MAN U . 3.85 -34.10 -6.40
C1 MAN U . 3.51 -27.69 -7.06
C2 MAN U . 4.55 -27.09 -6.09
C3 MAN U . 4.85 -25.63 -6.44
C4 MAN U . 4.45 -25.33 -7.88
C5 MAN U . 2.94 -25.49 -8.02
C6 MAN U . 2.44 -25.46 -9.46
O2 MAN U . 5.80 -27.77 -6.17
O3 MAN U . 6.22 -25.30 -6.21
O4 MAN U . 4.83 -23.99 -8.22
O5 MAN U . 2.49 -26.75 -7.42
O6 MAN U . 2.64 -24.15 -9.96
C1 NAG V . -32.56 -37.91 25.99
C2 NAG V . -33.76 -36.99 26.23
C3 NAG V . -34.59 -37.49 27.42
C4 NAG V . -34.97 -38.95 27.22
C5 NAG V . -33.73 -39.79 26.93
C6 NAG V . -34.04 -41.23 26.61
C7 NAG V . -32.54 -35.19 27.42
C8 NAG V . -32.24 -33.72 27.43
N2 NAG V . -33.35 -35.61 26.43
O3 NAG V . -35.75 -36.68 27.54
O4 NAG V . -35.61 -39.45 28.38
O5 NAG V . -33.02 -39.25 25.80
O6 NAG V . -33.66 -41.55 25.28
O7 NAG V . -32.08 -35.96 28.26
C1 NAG V . -37.04 -39.41 28.20
C2 NAG V . -37.64 -40.74 28.64
C3 NAG V . -39.16 -40.70 28.53
C4 NAG V . -39.71 -39.51 29.29
C5 NAG V . -39.03 -38.23 28.84
C6 NAG V . -39.45 -37.02 29.63
C7 NAG V . -36.95 -43.09 28.31
C8 NAG V . -36.38 -44.08 27.35
N2 NAG V . -37.11 -41.84 27.84
O3 NAG V . -39.71 -41.91 29.05
O4 NAG V . -41.12 -39.40 29.09
O5 NAG V . -37.61 -38.35 28.98
O6 NAG V . -40.80 -37.12 30.08
O7 NAG V . -37.25 -43.38 29.46
C1 NAG W . -9.53 -57.53 11.51
C2 NAG W . -9.33 -57.49 13.02
C3 NAG W . -9.94 -58.72 13.67
C4 NAG W . -11.39 -58.91 13.24
C5 NAG W . -11.50 -58.89 11.71
C6 NAG W . -12.92 -58.93 11.22
C7 NAG W . -7.48 -56.52 14.29
C8 NAG W . -5.99 -56.52 14.52
N2 NAG W . -7.93 -57.36 13.36
O3 NAG W . -9.88 -58.57 15.09
O4 NAG W . -11.93 -60.13 13.74
O5 NAG W . -10.92 -57.69 11.20
O6 NAG W . -13.78 -58.16 12.05
O7 NAG W . -8.23 -55.78 14.93
C1 NAG W . -10.99 -61.23 13.66
C2 NAG W . -10.87 -61.89 15.06
C3 NAG W . -11.31 -63.35 14.99
C4 NAG W . -12.66 -63.44 14.31
C5 NAG W . -12.51 -63.05 12.85
C6 NAG W . -13.69 -62.27 12.31
C7 NAG W . -9.20 -61.03 16.64
C8 NAG W . -7.76 -61.03 17.04
N2 NAG W . -9.51 -61.78 15.57
O3 NAG W . -11.38 -63.87 16.31
O4 NAG W . -13.16 -64.77 14.41
O5 NAG W . -11.34 -62.25 12.64
O6 NAG W . -14.92 -62.76 12.82
O7 NAG W . -10.04 -60.37 17.24
C1 NAG X . -21.71 -50.69 -2.82
C2 NAG X . -22.80 -50.72 -3.88
C3 NAG X . -23.85 -51.76 -3.54
C4 NAG X . -23.18 -53.12 -3.31
C5 NAG X . -22.05 -53.01 -2.30
C6 NAG X . -21.25 -54.27 -2.13
C7 NAG X . -24.03 -48.72 -3.10
C8 NAG X . -24.59 -47.39 -3.51
N2 NAG X . -23.40 -49.40 -4.06
O3 NAG X . -24.80 -51.85 -4.59
O4 NAG X . -24.15 -54.06 -2.87
O5 NAG X . -21.12 -51.99 -2.71
O6 NAG X . -21.65 -55.00 -0.97
O7 NAG X . -24.15 -49.15 -1.95
C1 NAG X . -24.19 -55.23 -3.73
C2 NAG X . -25.54 -55.31 -4.45
C3 NAG X . -25.55 -56.49 -5.42
C4 NAG X . -24.34 -56.41 -6.37
C5 NAG X . -23.06 -56.31 -5.55
C6 NAG X . -21.83 -56.14 -6.42
C7 NAG X . -27.91 -55.13 -3.80
C8 NAG X . -28.91 -55.34 -2.70
N2 NAG X . -26.63 -55.44 -3.50
O3 NAG X . -26.75 -56.47 -6.18
O4 NAG X . -24.29 -57.57 -7.19
O5 NAG X . -23.12 -55.17 -4.70
O6 NAG X . -22.16 -56.10 -7.80
O7 NAG X . -28.23 -54.72 -4.90
C1 NAG Y . 38.51 19.84 0.83
C2 NAG Y . 37.92 20.73 -0.27
C3 NAG Y . 38.88 21.85 -0.64
C4 NAG Y . 39.30 22.63 0.61
C5 NAG Y . 39.83 21.67 1.67
C6 NAG Y . 40.14 22.35 2.98
C7 NAG Y . 36.32 19.63 -1.78
C8 NAG Y . 36.15 18.81 -3.02
N2 NAG Y . 37.57 19.95 -1.45
O3 NAG Y . 38.28 22.73 -1.58
O4 NAG Y . 40.31 23.57 0.28
O5 NAG Y . 38.86 20.66 1.95
O6 NAG Y . 39.16 22.07 3.96
O7 NAG Y . 35.36 19.98 -1.10
C1 NAG Z . 44.03 17.94 -0.92
C2 NAG Z . 43.50 18.48 -2.24
C3 NAG Z . 44.50 18.18 -3.37
C4 NAG Z . 45.88 18.68 -3.01
C5 NAG Z . 46.31 18.12 -1.65
C6 NAG Z . 47.63 18.67 -1.18
C7 NAG Z . 41.05 18.46 -2.11
C8 NAG Z . 39.79 17.76 -2.53
N2 NAG Z . 42.20 17.93 -2.56
O3 NAG Z . 44.05 18.79 -4.58
O4 NAG Z . 46.82 18.28 -4.00
O5 NAG Z . 45.33 18.47 -0.66
O6 NAG Z . 48.57 17.63 -0.95
O7 NAG Z . 41.03 19.46 -1.40
C1 NAG AA . 49.16 28.16 13.49
C2 NAG AA . 49.51 29.56 14.04
C3 NAG AA . 49.33 30.64 12.98
C4 NAG AA . 50.05 30.27 11.70
C5 NAG AA . 49.65 28.87 11.24
C6 NAG AA . 50.41 28.40 10.03
C7 NAG AA . 47.50 30.02 15.53
C8 NAG AA . 46.56 29.83 14.37
N2 NAG AA . 48.82 29.88 15.29
O3 NAG AA . 49.81 31.89 13.48
O4 NAG AA . 49.75 31.20 10.68
O5 NAG AA . 49.91 27.92 12.29
O6 NAG AA . 49.68 27.43 9.30
O7 NAG AA . 47.08 30.31 16.65
C1 NAG BA . 46.19 29.68 33.72
C2 NAG BA . 46.69 29.98 35.15
C3 NAG BA . 45.60 30.69 35.96
C4 NAG BA . 45.08 31.91 35.22
C5 NAG BA . 44.59 31.50 33.84
C6 NAG BA . 44.11 32.68 33.01
C7 NAG BA . 47.96 28.73 36.85
C8 NAG BA . 48.26 27.38 37.43
N2 NAG BA . 47.10 28.75 35.83
O3 NAG BA . 46.12 31.07 37.23
O4 NAG BA . 44.00 32.50 35.95
O5 NAG BA . 45.67 30.90 33.12
O6 NAG BA . 44.88 33.84 33.27
O7 NAG BA . 48.48 29.76 37.29
C1 NAG CA . 52.10 6.78 14.84
C2 NAG CA . 53.06 5.60 15.01
C3 NAG CA . 52.88 4.60 13.88
C4 NAG CA . 51.41 4.18 13.77
C5 NAG CA . 50.51 5.41 13.67
C6 NAG CA . 49.05 5.07 13.68
C7 NAG CA . 55.13 6.19 16.18
C8 NAG CA . 56.55 6.69 16.04
N2 NAG CA . 54.44 6.08 15.05
O3 NAG CA . 53.69 3.45 14.12
O4 NAG CA . 51.22 3.35 12.63
O5 NAG CA . 50.75 6.28 14.78
O6 NAG CA . 48.81 3.79 13.12
O7 NAG CA . 54.65 5.91 17.27
C1 NAG DA . 54.71 16.49 12.67
C2 NAG DA . 55.51 15.55 11.77
C3 NAG DA . 55.84 16.24 10.44
C4 NAG DA . 54.56 16.77 9.79
C5 NAG DA . 53.81 17.66 10.77
C6 NAG DA . 52.48 18.15 10.24
C7 NAG DA . 57.72 15.87 12.83
C8 NAG DA . 58.87 15.18 13.48
N2 NAG DA . 56.72 15.08 12.42
O3 NAG DA . 56.46 15.30 9.56
O4 NAG DA . 54.89 17.53 8.63
O5 NAG DA . 53.53 16.94 11.98
O6 NAG DA . 52.64 19.21 9.30
O7 NAG DA . 57.70 17.09 12.69
C1 NAG EA . 28.95 20.55 9.75
C2 NAG EA . 28.25 21.85 9.35
C3 NAG EA . 26.77 21.60 9.11
C4 NAG EA . 26.55 20.45 8.14
C5 NAG EA . 27.31 19.22 8.62
C6 NAG EA . 27.24 18.07 7.63
C7 NAG EA . 28.27 24.19 10.10
C8 NAG EA . 28.51 25.11 11.25
N2 NAG EA . 28.45 22.88 10.35
O3 NAG EA . 26.16 22.79 8.60
O4 NAG EA . 25.16 20.14 8.05
O5 NAG EA . 28.70 19.54 8.77
O6 NAG EA . 27.91 18.38 6.43
O7 NAG EA . 27.94 24.60 8.99
N12 Y26 FA . 37.59 -6.83 18.45
C17 Y26 FA . 35.61 -1.07 16.38
C20 Y26 FA . 34.09 0.65 14.26
C21 Y26 FA . 33.84 1.55 13.25
C26 Y26 FA . 35.34 -0.72 12.75
C02 Y26 FA . 33.83 -2.54 22.29
C04 Y26 FA . 31.70 -1.59 22.35
C05 Y26 FA . 30.41 -2.41 22.25
C06 Y26 FA . 30.51 -3.70 23.05
C08 Y26 FA . 35.26 -3.30 20.29
C09 Y26 FA . 35.27 -4.83 20.41
C11 Y26 FA . 37.03 -6.30 19.43
C14 Y26 FA . 36.56 -2.82 19.77
C16 Y26 FA . 35.84 -2.15 17.44
C19 Y26 FA . 34.85 -0.48 14.03
C23 Y26 FA . 34.33 1.33 11.99
C25 Y26 FA . 35.09 0.19 11.73
C29 Y26 FA . 36.38 -2.11 22.03
C30 Y26 FA . 37.28 -2.17 20.96
C31 Y26 FA . 38.58 -1.66 21.09
C32 Y26 FA . 39.00 -1.11 22.31
C33 Y26 FA . 38.10 -1.06 23.38
C34 Y26 FA . 38.54 -0.45 24.71
C36 Y26 FA . 39.27 1.71 25.36
C37 Y26 FA . 36.80 -1.56 23.25
F22 Y26 FA . 33.10 2.67 13.51
N07 Y26 FA . 35.09 -2.71 21.60
N10 Y26 FA . 35.89 -5.44 19.25
N13 Y26 FA . 37.48 -6.51 20.59
N15 Y26 FA . 36.34 -1.80 18.75
N18 Y26 FA . 35.11 -1.45 15.08
N35 Y26 FA . 38.18 0.95 24.77
O01 Y26 FA . 33.78 -2.69 23.47
O03 Y26 FA . 32.68 -2.21 21.58
O27 Y26 FA . 35.84 0.06 16.64
O28 Y26 FA . 35.60 -3.28 17.17
CL24 Y26 FA . 34.01 2.49 10.68
C1 NAG GA . 14.16 6.30 54.06
C2 NAG GA . 14.99 6.74 55.27
C3 NAG GA . 16.48 6.58 54.99
C4 NAG GA . 16.77 5.15 54.54
C5 NAG GA . 15.88 4.77 53.37
C6 NAG GA . 16.04 3.33 52.94
C7 NAG GA . 14.86 8.62 56.85
C8 NAG GA . 14.50 10.07 57.02
N2 NAG GA . 14.69 8.13 55.61
O3 NAG GA . 17.22 6.87 56.16
O4 NAG GA . 18.14 5.04 54.15
O5 NAG GA . 14.50 4.94 53.72
O6 NAG GA . 17.36 3.05 52.52
O7 NAG GA . 15.29 7.94 57.77
C1 NAG HA . -41.56 15.93 14.61
C2 NAG HA . -41.65 14.68 15.48
C3 NAG HA . -43.12 14.26 15.64
C4 NAG HA . -43.94 15.43 16.16
C5 NAG HA . -43.76 16.64 15.27
C6 NAG HA . -44.47 17.87 15.78
C7 NAG HA . -39.62 13.33 15.27
C8 NAG HA . -38.97 12.17 14.58
N2 NAG HA . -40.88 13.59 14.91
O3 NAG HA . -43.19 13.17 16.55
O4 NAG HA . -45.32 15.07 16.19
O5 NAG HA . -42.36 16.97 15.18
O6 NAG HA . -45.41 18.37 14.85
O7 NAG HA . -39.03 14.00 16.12
C1 NAG IA . -34.91 32.59 -2.76
C2 NAG IA . -36.42 32.81 -2.85
C3 NAG IA . -36.77 34.26 -2.54
C4 NAG IA . -36.18 34.67 -1.20
C5 NAG IA . -34.68 34.42 -1.18
C6 NAG IA . -34.06 34.69 0.16
C7 NAG IA . -37.74 31.38 -4.35
C8 NAG IA . -38.11 30.59 -3.14
N2 NAG IA . -36.94 32.42 -4.15
O3 NAG IA . -38.18 34.41 -2.52
O4 NAG IA . -36.43 36.05 -0.95
O5 NAG IA . -34.42 33.03 -1.48
O6 NAG IA . -35.03 35.00 1.14
O7 NAG IA . -38.16 31.08 -5.47
C1 NAG JA . -20.23 13.31 -31.01
C2 NAG JA . -21.55 12.60 -30.74
C3 NAG JA . -21.28 11.21 -30.20
C4 NAG JA . -20.39 10.44 -31.16
C5 NAG JA . -19.11 11.24 -31.47
C6 NAG JA . -18.28 10.60 -32.55
C7 NAG JA . -23.29 14.25 -30.24
C8 NAG JA . -24.07 14.94 -29.15
N2 NAG JA . -22.38 13.36 -29.83
O3 NAG JA . -22.51 10.51 -30.03
O4 NAG JA . -20.01 9.20 -30.57
O5 NAG JA . -19.45 12.55 -31.94
O6 NAG JA . -18.86 10.78 -33.83
O7 NAG JA . -23.47 14.49 -31.42
C1 NAG KA . -21.86 18.42 -35.95
C2 NAG KA . -21.62 17.00 -36.51
C3 NAG KA . -20.63 17.01 -37.68
C4 NAG KA . -21.07 18.03 -38.73
C5 NAG KA . -21.25 19.39 -38.08
C6 NAG KA . -21.76 20.44 -39.05
C7 NAG KA . -20.15 15.97 -34.72
C8 NAG KA . -19.13 17.05 -34.88
N2 NAG KA . -21.26 16.02 -35.49
O3 NAG KA . -20.56 15.72 -38.26
O4 NAG KA . -20.08 18.11 -39.75
O5 NAG KA . -22.21 19.32 -37.02
O6 NAG KA . -23.16 20.61 -38.94
O7 NAG KA . -19.99 15.06 -33.91
C1 NAG LA . -48.34 34.42 -13.54
C2 NAG LA . -49.33 34.21 -14.69
C3 NAG LA . -49.94 32.81 -14.65
C4 NAG LA . -48.84 31.76 -14.58
C5 NAG LA . -47.87 32.06 -13.44
C6 NAG LA . -46.69 31.13 -13.40
C7 NAG LA . -51.25 35.44 -13.71
C8 NAG LA . -52.23 36.54 -13.92
N2 NAG LA . -50.38 35.23 -14.70
O3 NAG LA . -50.75 32.61 -15.79
O4 NAG LA . -49.41 30.48 -14.38
O5 NAG LA . -47.35 33.39 -13.57
O6 NAG LA . -46.91 29.98 -14.21
O7 NAG LA . -51.24 34.77 -12.68
C1 NAG MA . -22.01 39.50 -30.32
C2 NAG MA . -21.98 40.32 -31.61
C3 NAG MA . -20.88 39.84 -32.54
C4 NAG MA . -19.55 39.85 -31.81
C5 NAG MA . -19.65 38.99 -30.56
C6 NAG MA . -18.38 38.99 -29.73
C7 NAG MA . -23.69 41.21 -33.15
C8 NAG MA . -25.05 40.99 -33.75
N2 NAG MA . -23.28 40.27 -32.29
O3 NAG MA . -20.80 40.70 -33.68
O4 NAG MA . -18.50 39.37 -32.67
O5 NAG MA . -20.69 39.50 -29.72
O6 NAG MA . -18.60 38.40 -28.46
O7 NAG MA . -23.00 42.18 -33.43
C1 NAG NA . -28.81 34.58 -34.04
C2 NAG NA . -27.31 34.55 -34.30
C3 NAG NA . -26.97 33.46 -35.30
C4 NAG NA . -27.54 32.12 -34.85
C5 NAG NA . -29.03 32.25 -34.57
C6 NAG NA . -29.65 30.99 -34.02
C7 NAG NA . -25.58 36.25 -34.68
C8 NAG NA . -25.27 37.61 -35.23
N2 NAG NA . -26.84 35.85 -34.77
O3 NAG NA . -25.55 33.35 -35.44
O4 NAG NA . -27.34 31.14 -35.86
O5 NAG NA . -29.26 33.28 -33.60
O6 NAG NA . -29.05 29.82 -34.60
O7 NAG NA . -24.70 35.55 -34.18
C1 NAG OA . -24.42 12.77 -19.07
C2 NAG OA . -23.28 11.90 -18.53
C3 NAG OA . -23.62 10.43 -18.66
C4 NAG OA . -24.96 10.14 -17.99
C5 NAG OA . -26.05 11.06 -18.54
C6 NAG OA . -27.36 10.93 -17.81
C7 NAG OA . -20.84 12.10 -18.60
C8 NAG OA . -19.64 12.43 -19.44
N2 NAG OA . -22.02 12.20 -19.20
O3 NAG OA . -22.60 9.64 -18.06
O4 NAG OA . -25.34 8.79 -18.23
O5 NAG OA . -25.64 12.43 -18.39
O6 NAG OA . -27.26 11.41 -16.48
O7 NAG OA . -20.74 11.75 -17.42
N12 Y26 PA . -5.06 36.47 -15.20
C17 Y26 PA . -10.29 32.22 -16.85
C20 Y26 PA . -10.62 29.31 -17.79
C21 Y26 PA . -10.71 28.00 -18.26
C26 Y26 PA . -8.50 29.53 -18.84
C02 Y26 PA . -10.14 35.51 -11.57
C04 Y26 PA . -9.97 34.05 -9.74
C05 Y26 PA . -8.61 33.74 -9.13
C06 Y26 PA . -7.76 35.00 -8.99
C08 Y26 PA . -9.48 35.61 -14.03
C09 Y26 PA . -8.43 36.72 -13.88
C11 Y26 PA . -6.19 36.92 -14.96
C14 Y26 PA . -10.25 35.80 -15.27
C16 Y26 PA . -9.84 33.61 -16.42
C19 Y26 PA . -9.53 30.08 -18.10
C23 Y26 PA . -9.69 27.47 -19.02
C25 Y26 PA . -8.59 28.23 -19.31
C29 Y26 PA . -11.56 36.59 -13.48
C30 Y26 PA . -11.45 36.65 -14.87
C31 Y26 PA . -12.36 37.37 -15.64
C32 Y26 PA . -13.40 38.07 -15.00
C33 Y26 PA . -13.51 38.02 -13.61
C34 Y26 PA . -14.64 38.77 -12.91
C36 Y26 PA . -16.31 37.66 -11.64
C37 Y26 PA . -12.59 37.29 -12.84
F22 Y26 PA . -11.80 27.25 -17.98
N07 Y26 PA . -10.45 35.74 -12.96
N10 Y26 PA . -7.12 36.16 -14.15
N13 Y26 PA . -6.54 38.05 -15.41
N15 Y26 PA . -10.72 34.49 -15.68
N18 Y26 PA . -9.35 31.43 -17.62
N35 Y26 PA . -15.88 38.01 -12.98
O01 Y26 PA . -10.18 36.43 -10.81
O03 Y26 PA . -9.80 34.24 -11.11
O27 Y26 PA . -11.38 31.84 -16.59
O28 Y26 PA . -8.75 33.98 -16.70
CL24 Y26 PA . -9.79 25.81 -19.64
C1 NAG QA . -44.72 32.83 29.36
C2 NAG QA . -45.76 33.85 28.90
C3 NAG QA . -46.56 34.35 30.10
C4 NAG QA . -47.14 33.19 30.88
C5 NAG QA . -46.05 32.18 31.24
C6 NAG QA . -46.59 30.93 31.91
C7 NAG QA . -44.97 34.98 26.87
C8 NAG QA . -44.30 36.20 26.31
N2 NAG QA . -45.14 34.95 28.20
O3 NAG QA . -47.61 35.20 29.64
O4 NAG QA . -47.75 33.66 32.08
O5 NAG QA . -45.37 31.76 30.05
O6 NAG QA . -46.72 31.11 33.31
O7 NAG QA . -45.33 34.05 26.16
C1 NAG RA . -24.27 38.67 19.62
C2 NAG RA . -25.71 39.07 19.34
C3 NAG RA . -25.86 39.53 17.90
C4 NAG RA . -24.85 40.63 17.58
C5 NAG RA . -23.45 40.18 17.94
C6 NAG RA . -22.41 41.27 17.79
C7 NAG RA . -27.77 38.14 20.31
C8 NAG RA . -28.58 36.90 20.51
N2 NAG RA . -26.62 37.98 19.63
O3 NAG RA . -27.19 40.01 17.68
O4 NAG RA . -24.91 40.95 16.19
O5 NAG RA . -23.40 39.77 19.32
O6 NAG RA . -21.52 41.31 18.89
O7 NAG RA . -28.12 39.23 20.73
C1 NAG SA . -8.27 -23.11 43.04
C2 NAG SA . -7.87 -23.02 44.51
C3 NAG SA . -6.39 -22.65 44.64
C4 NAG SA . -5.54 -23.61 43.84
C5 NAG SA . -6.02 -23.66 42.39
C6 NAG SA . -5.28 -24.67 41.55
C7 NAG SA . -9.91 -22.36 45.73
C8 NAG SA . -10.62 -21.25 46.42
N2 NAG SA . -8.70 -22.06 45.23
O3 NAG SA . -6.02 -22.70 46.02
O4 NAG SA . -4.18 -23.17 43.86
O5 NAG SA . -7.41 -24.03 42.37
O6 NAG SA . -6.09 -25.13 40.48
O7 NAG SA . -10.39 -23.49 45.62
C1 NAG TA . -22.20 -36.85 28.75
C2 NAG TA . -22.24 -38.24 28.10
C3 NAG TA . -22.48 -39.32 29.13
C4 NAG TA . -21.73 -39.00 30.41
C5 NAG TA . -22.34 -37.77 31.06
C6 NAG TA . -21.37 -36.97 31.88
C7 NAG TA . -23.01 -38.60 25.79
C8 NAG TA . -21.58 -38.91 25.45
N2 NAG TA . -23.26 -38.28 27.06
O3 NAG TA . -22.06 -40.57 28.61
O4 NAG TA . -21.80 -40.10 31.31
O5 NAG TA . -22.88 -36.89 30.05
O6 NAG TA . -20.10 -36.88 31.25
O7 NAG TA . -23.90 -38.62 24.93
C1 NAG UA . -2.21 -43.59 -2.10
C2 NAG UA . -1.23 -44.33 -1.19
C3 NAG UA . -0.01 -43.45 -0.92
C4 NAG UA . 0.61 -43.00 -2.24
C5 NAG UA . -0.44 -42.34 -3.13
C6 NAG UA . 0.08 -42.03 -4.52
C7 NAG UA . -2.47 -45.91 0.21
C8 NAG UA . -3.07 -46.18 1.55
N2 NAG UA . -1.86 -44.73 0.05
O3 NAG UA . 0.94 -44.18 -0.16
O4 NAG UA . 1.64 -42.05 -1.98
O5 NAG UA . -1.56 -43.24 -3.32
O6 NAG UA . 1.11 -41.06 -4.47
O7 NAG UA . -2.53 -46.73 -0.71
C1 NAG VA . -5.58 -49.20 -4.67
C2 NAG VA . -4.22 -49.21 -5.41
C3 NAG VA . -4.42 -49.28 -6.93
C4 NAG VA . -5.35 -50.43 -7.30
C5 NAG VA . -6.66 -50.31 -6.52
C6 NAG VA . -7.60 -51.47 -6.78
C7 NAG VA . -3.48 -46.80 -5.17
C8 NAG VA . -4.75 -46.30 -5.82
N2 NAG VA . -3.33 -48.13 -5.02
O3 NAG VA . -3.16 -49.44 -7.56
O4 NAG VA . -5.63 -50.41 -8.69
O5 NAG VA . -6.39 -50.30 -5.12
O6 NAG VA . -7.15 -52.64 -6.11
O7 NAG VA . -2.61 -46.02 -4.79
C1 NAG WA . -18.38 -53.46 31.39
C2 NAG WA . -17.67 -54.48 32.32
C3 NAG WA . -16.67 -53.77 33.24
C4 NAG WA . -15.98 -52.65 32.49
C5 NAG WA . -16.99 -51.55 32.20
C6 NAG WA . -16.65 -50.73 30.97
C7 NAG WA . -19.49 -54.73 33.98
C8 NAG WA . -20.39 -55.71 34.67
N2 NAG WA . -18.63 -55.25 33.10
O3 NAG WA . -15.70 -54.72 33.69
O4 NAG WA . -14.92 -52.11 33.27
O5 NAG WA . -18.30 -52.11 31.98
O6 NAG WA . -15.66 -49.76 31.26
O7 NAG WA . -19.55 -53.52 34.21
C1 NAG XA . -26.52 -51.60 1.92
C2 NAG XA . -26.98 -52.62 0.89
C3 NAG XA . -26.47 -52.25 -0.50
C4 NAG XA . -26.88 -50.83 -0.84
C5 NAG XA . -26.40 -49.88 0.24
C6 NAG XA . -26.83 -48.45 0.02
C7 NAG XA . -27.35 -54.85 1.86
C8 NAG XA . -26.73 -56.19 2.16
N2 NAG XA . -26.54 -53.96 1.26
O3 NAG XA . -27.00 -53.16 -1.47
O4 NAG XA . -26.32 -50.44 -2.09
O5 NAG XA . -26.94 -50.29 1.51
O6 NAG XA . -25.77 -47.66 -0.47
O7 NAG XA . -28.51 -54.59 2.13
C1 NAG YA . -18.46 -56.95 3.78
C2 NAG YA . -18.95 -58.34 3.38
C3 NAG YA . -17.91 -59.04 2.52
C4 NAG YA . -17.51 -58.17 1.34
C5 NAG YA . -17.09 -56.78 1.82
C6 NAG YA . -16.83 -55.83 0.68
C7 NAG YA . -20.55 -59.37 4.92
C8 NAG YA . -20.71 -60.22 6.16
N2 NAG YA . -19.29 -59.14 4.54
O3 NAG YA . -18.43 -60.29 2.07
O4 NAG YA . -16.44 -58.77 0.63
O5 NAG YA . -18.13 -56.20 2.61
O6 NAG YA . -15.63 -56.15 -0.01
O7 NAG YA . -21.51 -58.94 4.31
C1 NAG ZA . -2.65 -36.53 8.30
C2 NAG ZA . -2.19 -35.19 7.72
C3 NAG ZA . -0.69 -35.03 7.85
C4 NAG ZA . -0.25 -35.23 9.29
C5 NAG ZA . -0.76 -36.57 9.81
C6 NAG ZA . -0.48 -36.79 11.28
C7 NAG ZA . -2.92 -33.91 5.75
C8 NAG ZA . -3.31 -33.97 4.30
N2 NAG ZA . -2.60 -35.07 6.32
O3 NAG ZA . -0.30 -33.74 7.40
O4 NAG ZA . 1.17 -35.19 9.39
O5 NAG ZA . -2.19 -36.63 9.66
O6 NAG ZA . -1.02 -35.75 12.08
O7 NAG ZA . -2.91 -32.85 6.38
N12 Y26 AB . -32.30 -32.52 -0.94
C17 Y26 AB . -25.17 -32.70 0.59
C20 Y26 AB . -22.17 -33.04 -0.20
C21 Y26 AB . -20.85 -33.06 -0.61
C26 Y26 AB . -22.73 -31.89 -2.22
C02 Y26 AB . -29.43 -29.79 4.37
C04 Y26 AB . -28.44 -27.97 5.45
C05 Y26 AB . -28.69 -26.53 5.02
C06 Y26 AB . -30.17 -26.26 4.78
C08 Y26 AB . -29.11 -31.12 2.18
C09 Y26 AB . -30.40 -30.63 1.54
C11 Y26 AB . -32.03 -31.90 0.11
C14 Y26 AB . -28.86 -32.54 1.90
C16 Y26 AB . -26.67 -32.48 0.69
C19 Y26 AB . -23.12 -32.45 -1.02
C23 Y26 AB . -20.47 -32.50 -1.81
C25 Y26 AB . -21.41 -31.91 -2.62
C29 Y26 AB . -29.73 -32.35 4.09
C30 Y26 AB . -29.51 -33.28 3.08
C31 Y26 AB . -29.87 -34.61 3.25
C32 Y26 AB . -30.45 -35.03 4.46
C33 Y26 AB . -30.67 -34.09 5.48
C34 Y26 AB . -31.31 -34.53 6.80
C36 Y26 AB . -29.55 -35.62 7.97
C37 Y26 AB . -30.31 -32.76 5.29
F22 Y26 AB . -19.90 -33.63 0.16
N07 Y26 AB . -29.25 -31.02 3.62
N10 Y26 AB . -30.70 -31.34 0.31
N13 Y26 AB . -32.90 -31.78 1.00
N15 Y26 AB . -27.43 -32.78 1.88
N18 Y26 AB . -24.54 -32.36 -0.67
N35 Y26 AB . -30.35 -34.40 7.88
O01 Y26 AB . -30.40 -29.63 5.02
O03 Y26 AB . -28.46 -28.78 4.32
O27 Y26 AB . -24.56 -33.12 1.50
O28 Y26 AB . -27.24 -32.05 -0.24
CL24 Y26 AB . -18.75 -32.54 -2.30
#